data_8FRX
#
_entry.id   8FRX
#
_cell.length_a   1.00
_cell.length_b   1.00
_cell.length_c   1.00
_cell.angle_alpha   90.00
_cell.angle_beta   90.00
_cell.angle_gamma   90.00
#
_symmetry.space_group_name_H-M   'P 1'
#
loop_
_entity.id
_entity.type
_entity.pdbx_description
1 polymer '5-hydroxytryptamine receptor 3A'
2 non-polymer 5-[(1R,3S,4R)-1-azabicyclo[2.2.2]octan-3-yl]-1,3,4,5-tetrahydro-6H-azepino[5,4,3-cd]indazol-6-one
3 non-polymer 2-acetamido-2-deoxy-beta-D-glucopyranose
#
_entity_poly.entity_id   1
_entity_poly.type   'polypeptide(L)'
_entity_poly.pdbx_seq_one_letter_code
;WSHPQFEKGGGSGGGSGGGSWSHPQFEKGGGSGGGSGGGSWSHPQFEKGGGSGGGSGGGSWSHPQFEKENLYFQGATQAR
DTTQPALLRLSDHLLANYKKGVRPVRDWRKPTTVSIDVIMYAILNVDEKNQVLTTYIWYRQYWTDEFLQWTPEDFDNVTK
LSIPTDSIWVPDILINEFVDVGKSPNIPYVYVHHRGEVQNYKPLQLVTACSLDIYNFPFDVQNCSLTFTSWLHTIQDINI
TLWRSPEEVRSDKSIFINQGEWELLEVFPQFKEFSIDISNSYAEMKFYVIIRRRPLFYAVSLLLPSIFLMVVDIVGFCLP
PDSGERVSFKITLLLGYSVFLIIVSDTLPATAIGTPLIGVYFVVCMALLVISLAETIFIVRLVHKQDLQRPVPDWLRHLV
LDRIAWILCLGEQPMAHRPPATFQANKTDDCSGSDLLPAMGNHCSHVGGPQDLEKTPRGRGSPLPPPREASLAVRGLLQE
LSSIRHFLEKRDEMREVARDWLRVGYVLDRLLFRIYLLAVLAYSITLVTLWSIWHYSENLYFQGTETSQVAPA
;
_entity_poly.pdbx_strand_id   A,B,C,D,E
#
loop_
_chem_comp.id
_chem_comp.type
_chem_comp.name
_chem_comp.formula
NAG D-saccharide, beta linking 2-acetamido-2-deoxy-beta-D-glucopyranose 'C8 H15 N O6'
Y82 non-polymer 5-[(1R,3S,4R)-1-azabicyclo[2.2.2]octan-3-yl]-1,3,4,5-tetrahydro-6H-azepino[5,4,3-cd]indazol-6-one 'C17 H20 N4 O'
#
# COMPACT_ATOMS: atom_id res chain seq x y z
N THR A 82 27.63 -67.09 0.26
CA THR A 82 26.67 -66.27 -0.46
C THR A 82 27.28 -65.68 -1.72
N THR A 83 26.42 -65.16 -2.60
CA THR A 83 26.87 -64.54 -3.84
C THR A 83 27.21 -63.08 -3.59
N GLN A 84 27.51 -62.34 -4.64
CA GLN A 84 27.83 -60.92 -4.56
C GLN A 84 27.00 -60.16 -5.59
N PRO A 85 25.71 -59.93 -5.30
CA PRO A 85 24.89 -59.13 -6.21
C PRO A 85 25.36 -57.68 -6.30
N ALA A 86 25.37 -57.00 -5.15
CA ALA A 86 25.84 -55.62 -5.02
C ALA A 86 25.89 -55.23 -3.56
N LEU A 87 26.08 -53.94 -3.28
CA LEU A 87 26.11 -53.47 -1.90
C LEU A 87 24.73 -53.38 -1.27
N LEU A 88 23.66 -53.53 -2.06
CA LEU A 88 22.32 -53.26 -1.54
C LEU A 88 21.94 -54.23 -0.44
N ARG A 89 22.51 -55.44 -0.45
CA ARG A 89 22.23 -56.40 0.61
C ARG A 89 22.66 -55.85 1.97
N LEU A 90 23.72 -55.05 1.99
CA LEU A 90 24.12 -54.35 3.21
C LEU A 90 22.95 -53.55 3.77
N SER A 91 22.27 -52.80 2.89
CA SER A 91 21.09 -52.05 3.31
C SER A 91 20.06 -52.99 3.93
N ASP A 92 19.84 -54.15 3.30
CA ASP A 92 18.94 -55.14 3.89
C ASP A 92 19.41 -55.55 5.27
N HIS A 93 20.72 -55.84 5.39
CA HIS A 93 21.28 -56.22 6.68
C HIS A 93 21.14 -55.10 7.71
N LEU A 94 20.99 -53.85 7.26
CA LEU A 94 20.78 -52.75 8.19
C LEU A 94 19.31 -52.49 8.45
N LEU A 95 18.42 -52.88 7.53
CA LEU A 95 17.02 -52.47 7.61
C LEU A 95 16.04 -53.65 7.57
N ALA A 96 16.52 -54.87 7.84
CA ALA A 96 15.61 -56.01 7.86
C ALA A 96 14.67 -55.94 9.05
N ASN A 97 15.20 -55.67 10.23
CA ASN A 97 14.43 -55.63 11.47
C ASN A 97 14.78 -54.40 12.30
N TYR A 98 14.80 -53.24 11.64
CA TYR A 98 15.11 -51.97 12.29
C TYR A 98 13.82 -51.25 12.67
N LYS A 99 13.77 -50.77 13.91
CA LYS A 99 12.63 -50.01 14.42
C LYS A 99 13.02 -48.55 14.52
N LYS A 100 12.30 -47.69 13.80
CA LYS A 100 12.63 -46.27 13.74
C LYS A 100 11.91 -45.44 14.79
N GLY A 101 11.14 -46.07 15.68
CA GLY A 101 10.41 -45.33 16.69
C GLY A 101 11.07 -45.35 18.05
N VAL A 102 12.15 -46.12 18.19
CA VAL A 102 12.85 -46.29 19.46
C VAL A 102 14.18 -45.55 19.40
N ARG A 103 14.56 -44.93 20.50
CA ARG A 103 15.83 -44.24 20.57
C ARG A 103 16.98 -45.24 20.46
N PRO A 104 17.94 -45.04 19.56
CA PRO A 104 18.96 -46.06 19.28
C PRO A 104 20.12 -46.11 20.28
N VAL A 105 19.84 -46.70 21.45
CA VAL A 105 20.85 -46.94 22.46
C VAL A 105 20.65 -48.35 23.02
N ARG A 106 21.76 -49.05 23.27
CA ARG A 106 21.67 -50.36 23.89
C ARG A 106 21.38 -50.27 25.38
N ASP A 107 21.88 -49.23 26.03
CA ASP A 107 21.59 -48.94 27.43
C ASP A 107 20.78 -47.66 27.50
N TRP A 108 19.60 -47.72 28.11
CA TRP A 108 18.70 -46.58 28.15
C TRP A 108 19.20 -45.46 29.06
N ARG A 109 20.21 -45.72 29.89
CA ARG A 109 20.74 -44.71 30.79
C ARG A 109 21.73 -43.78 30.12
N LYS A 110 22.17 -44.08 28.90
CA LYS A 110 23.14 -43.25 28.20
C LYS A 110 22.42 -42.29 27.27
N PRO A 111 22.59 -40.98 27.42
CA PRO A 111 21.93 -40.04 26.51
C PRO A 111 22.54 -40.08 25.12
N THR A 112 21.74 -39.67 24.15
CA THR A 112 22.18 -39.56 22.77
C THR A 112 22.70 -38.15 22.52
N THR A 113 23.97 -38.04 22.15
CA THR A 113 24.61 -36.75 21.95
C THR A 113 24.56 -36.37 20.47
N VAL A 114 24.06 -35.16 20.20
CA VAL A 114 23.96 -34.63 18.84
C VAL A 114 24.88 -33.43 18.73
N SER A 115 25.81 -33.47 17.79
CA SER A 115 26.73 -32.37 17.55
C SER A 115 26.31 -31.62 16.30
N ILE A 116 26.09 -30.31 16.43
CA ILE A 116 25.48 -29.50 15.38
C ILE A 116 26.37 -28.31 15.07
N ASP A 117 26.18 -27.75 13.88
CA ASP A 117 26.71 -26.43 13.57
C ASP A 117 25.94 -25.82 12.41
N VAL A 118 26.11 -24.50 12.27
CA VAL A 118 25.27 -23.65 11.42
C VAL A 118 26.18 -22.64 10.71
N ILE A 119 25.91 -22.42 9.43
CA ILE A 119 26.56 -21.34 8.68
C ILE A 119 25.47 -20.43 8.11
N MET A 120 25.54 -19.15 8.45
CA MET A 120 24.58 -18.19 7.91
C MET A 120 24.82 -17.98 6.43
N TYR A 121 23.73 -17.81 5.68
CA TYR A 121 23.81 -17.58 4.24
C TYR A 121 23.38 -16.19 3.81
N ALA A 122 22.23 -15.72 4.30
CA ALA A 122 21.75 -14.39 3.94
C ALA A 122 20.76 -13.92 4.99
N ILE A 123 20.79 -12.62 5.26
CA ILE A 123 19.79 -11.99 6.13
C ILE A 123 18.64 -11.55 5.23
N LEU A 124 17.48 -12.20 5.39
CA LEU A 124 16.39 -11.97 4.45
C LEU A 124 15.56 -10.75 4.81
N ASN A 125 15.14 -10.62 6.07
CA ASN A 125 14.28 -9.49 6.42
C ASN A 125 14.41 -9.15 7.89
N VAL A 126 14.27 -7.87 8.20
CA VAL A 126 14.27 -7.37 9.58
C VAL A 126 13.05 -6.46 9.71
N ASP A 127 11.95 -7.01 10.25
CA ASP A 127 10.74 -6.24 10.51
C ASP A 127 10.85 -5.61 11.89
N GLU A 128 11.09 -4.29 11.93
CA GLU A 128 11.29 -3.61 13.20
C GLU A 128 9.99 -3.43 13.96
N LYS A 129 8.90 -3.08 13.25
CA LYS A 129 7.63 -2.83 13.94
C LYS A 129 7.03 -4.12 14.47
N ASN A 130 7.25 -5.23 13.77
CA ASN A 130 6.77 -6.53 14.23
C ASN A 130 7.81 -7.28 15.07
N GLN A 131 9.05 -6.78 15.13
CA GLN A 131 10.15 -7.39 15.86
C GLN A 131 10.38 -8.84 15.39
N VAL A 132 10.55 -8.98 14.09
CA VAL A 132 10.70 -10.29 13.45
C VAL A 132 11.98 -10.30 12.62
N LEU A 133 12.73 -11.39 12.69
CA LEU A 133 13.95 -11.57 11.91
C LEU A 133 13.82 -12.81 11.05
N THR A 134 14.06 -12.66 9.75
CA THR A 134 13.98 -13.76 8.80
C THR A 134 15.36 -13.96 8.17
N THR A 135 15.91 -15.17 8.34
CA THR A 135 17.25 -15.49 7.90
C THR A 135 17.25 -16.84 7.20
N TYR A 136 18.37 -17.15 6.55
CA TYR A 136 18.60 -18.44 5.89
C TYR A 136 19.93 -19.00 6.35
N ILE A 137 19.94 -20.28 6.73
CA ILE A 137 21.14 -20.93 7.23
C ILE A 137 21.31 -22.29 6.57
N TRP A 138 22.55 -22.76 6.56
CA TRP A 138 22.88 -24.13 6.22
C TRP A 138 23.25 -24.84 7.52
N TYR A 139 22.48 -25.85 7.89
CA TYR A 139 22.60 -26.52 9.17
C TYR A 139 23.05 -27.96 8.94
N ARG A 140 23.93 -28.46 9.80
CA ARG A 140 24.28 -29.86 9.74
C ARG A 140 24.51 -30.39 11.15
N GLN A 141 24.30 -31.69 11.30
CA GLN A 141 24.36 -32.33 12.60
C GLN A 141 24.80 -33.78 12.43
N TYR A 142 25.28 -34.38 13.52
CA TYR A 142 25.62 -35.78 13.51
C TYR A 142 25.40 -36.38 14.90
N TRP A 143 25.11 -37.69 14.89
CA TRP A 143 24.94 -38.44 16.13
C TRP A 143 25.37 -39.88 15.88
N THR A 144 25.17 -40.73 16.88
CA THR A 144 25.59 -42.13 16.83
C THR A 144 24.38 -43.03 16.97
N ASP A 145 24.23 -43.97 16.03
CA ASP A 145 23.17 -44.96 16.04
C ASP A 145 23.80 -46.33 16.29
N GLU A 146 23.46 -46.93 17.42
CA GLU A 146 24.11 -48.18 17.84
C GLU A 146 23.56 -49.41 17.14
N PHE A 147 22.48 -49.28 16.37
CA PHE A 147 21.93 -50.39 15.61
C PHE A 147 22.28 -50.32 14.13
N LEU A 148 23.15 -49.40 13.74
CA LEU A 148 23.55 -49.26 12.34
C LEU A 148 25.05 -49.41 12.18
N GLN A 149 25.62 -50.43 12.82
CA GLN A 149 27.04 -50.70 12.76
C GLN A 149 27.30 -52.00 12.02
N TRP A 150 28.38 -52.03 11.23
CA TRP A 150 28.73 -53.21 10.46
C TRP A 150 30.24 -53.24 10.27
N THR A 151 30.73 -54.43 9.92
CA THR A 151 32.13 -54.61 9.56
C THR A 151 32.33 -54.27 8.09
N PRO A 152 33.29 -53.40 7.75
CA PRO A 152 33.53 -53.11 6.32
C PRO A 152 33.91 -54.35 5.51
N GLU A 153 34.64 -55.28 6.12
CA GLU A 153 34.88 -56.56 5.46
C GLU A 153 33.59 -57.36 5.40
N ASP A 154 33.54 -58.31 4.46
CA ASP A 154 32.38 -59.10 4.07
C ASP A 154 31.33 -58.24 3.40
N PHE A 155 31.64 -56.98 3.06
CA PHE A 155 30.71 -56.11 2.35
C PHE A 155 31.45 -55.32 1.29
N ASP A 156 32.51 -55.90 0.73
CA ASP A 156 33.33 -55.29 -0.33
C ASP A 156 33.93 -53.96 0.13
N ASN A 157 34.36 -53.91 1.39
CA ASN A 157 35.08 -52.77 1.96
C ASN A 157 34.29 -51.46 1.84
N VAL A 158 32.98 -51.55 2.06
CA VAL A 158 32.14 -50.37 2.09
C VAL A 158 32.24 -49.73 3.47
N THR A 159 32.61 -48.45 3.52
CA THR A 159 32.78 -47.75 4.77
C THR A 159 31.62 -46.82 5.12
N LYS A 160 30.90 -46.32 4.13
CA LYS A 160 29.75 -45.46 4.38
C LYS A 160 28.79 -45.55 3.20
N LEU A 161 27.54 -45.20 3.45
CA LEU A 161 26.53 -45.25 2.41
C LEU A 161 25.43 -44.24 2.71
N SER A 162 24.46 -44.16 1.80
CA SER A 162 23.34 -43.25 1.91
C SER A 162 22.06 -44.02 2.21
N ILE A 163 21.28 -43.51 3.16
CA ILE A 163 20.04 -44.14 3.60
C ILE A 163 18.94 -43.08 3.60
N PRO A 164 17.71 -43.43 3.20
CA PRO A 164 16.62 -42.45 3.28
C PRO A 164 16.39 -41.96 4.71
N THR A 165 16.05 -40.67 4.82
CA THR A 165 15.91 -40.04 6.13
C THR A 165 14.72 -40.61 6.90
N ASP A 166 13.64 -40.92 6.21
CA ASP A 166 12.40 -41.34 6.84
C ASP A 166 12.38 -42.83 7.19
N SER A 167 13.53 -43.49 7.25
CA SER A 167 13.60 -44.90 7.62
C SER A 167 14.43 -45.15 8.88
N ILE A 168 14.93 -44.09 9.52
CA ILE A 168 15.75 -44.21 10.72
C ILE A 168 15.25 -43.19 11.75
N TRP A 169 15.74 -43.34 12.98
CA TRP A 169 15.41 -42.43 14.05
C TRP A 169 16.09 -41.08 13.84
N VAL A 170 15.32 -40.00 14.02
CA VAL A 170 15.84 -38.65 13.84
C VAL A 170 15.45 -37.80 15.04
N PRO A 171 16.39 -37.11 15.68
CA PRO A 171 16.05 -36.26 16.83
C PRO A 171 15.22 -35.05 16.41
N ASP A 172 14.42 -34.56 17.35
CA ASP A 172 13.54 -33.42 17.11
C ASP A 172 14.19 -32.15 17.68
N ILE A 173 15.13 -31.61 16.91
CA ILE A 173 15.84 -30.40 17.29
C ILE A 173 15.16 -29.23 16.61
N LEU A 174 14.68 -28.27 17.40
CA LEU A 174 13.98 -27.10 16.90
C LEU A 174 14.58 -25.84 17.53
N ILE A 175 13.97 -24.70 17.22
CA ILE A 175 14.42 -23.40 17.70
C ILE A 175 13.31 -22.80 18.57
N ASN A 176 13.69 -22.34 19.76
CA ASN A 176 12.71 -21.78 20.70
C ASN A 176 12.04 -20.54 20.14
N GLU A 177 12.80 -19.67 19.48
CA GLU A 177 12.30 -18.37 19.05
C GLU A 177 11.38 -18.43 17.83
N PHE A 178 10.91 -19.60 17.37
CA PHE A 178 10.04 -19.65 16.22
C PHE A 178 8.71 -18.93 16.50
N VAL A 179 8.29 -18.11 15.53
CA VAL A 179 6.95 -17.55 15.51
C VAL A 179 6.19 -17.94 14.26
N ASP A 180 6.82 -18.64 13.33
CA ASP A 180 6.18 -19.10 12.10
C ASP A 180 7.01 -20.25 11.56
N VAL A 181 6.47 -20.91 10.53
CA VAL A 181 7.13 -22.04 9.89
C VAL A 181 7.65 -21.56 8.53
N GLY A 182 8.97 -21.62 8.35
CA GLY A 182 9.55 -21.26 7.08
C GLY A 182 9.43 -22.36 6.04
N LYS A 183 9.64 -21.98 4.78
CA LYS A 183 9.56 -22.91 3.67
C LYS A 183 10.99 -23.29 3.26
N SER A 184 11.37 -24.53 3.53
CA SER A 184 12.70 -25.03 3.19
C SER A 184 12.57 -26.37 2.48
N PRO A 185 13.47 -26.69 1.56
CA PRO A 185 13.40 -27.97 0.87
C PRO A 185 13.71 -29.14 1.80
N ASN A 186 13.19 -30.31 1.43
CA ASN A 186 13.38 -31.53 2.19
C ASN A 186 14.52 -32.34 1.59
N ILE A 187 15.42 -32.81 2.45
CA ILE A 187 16.58 -33.61 2.03
C ILE A 187 16.27 -35.06 2.37
N PRO A 188 16.10 -35.94 1.38
CA PRO A 188 15.64 -37.30 1.67
C PRO A 188 16.75 -38.33 1.89
N TYR A 189 17.99 -37.90 2.08
CA TYR A 189 19.10 -38.84 2.24
C TYR A 189 20.03 -38.39 3.36
N VAL A 190 20.64 -39.38 4.02
CA VAL A 190 21.66 -39.13 5.04
C VAL A 190 22.80 -40.11 4.83
N TYR A 191 23.98 -39.77 5.36
CA TYR A 191 25.10 -40.70 5.43
C TYR A 191 25.04 -41.55 6.69
N VAL A 192 25.46 -42.81 6.54
CA VAL A 192 25.75 -43.69 7.66
C VAL A 192 27.12 -44.29 7.45
N HIS A 193 27.97 -44.18 8.47
CA HIS A 193 29.30 -44.80 8.48
C HIS A 193 29.24 -46.14 9.20
N HIS A 194 30.35 -46.88 9.12
CA HIS A 194 30.40 -48.24 9.63
C HIS A 194 30.53 -48.31 11.15
N ARG A 195 30.54 -47.18 11.85
CA ARG A 195 30.61 -47.15 13.30
C ARG A 195 29.37 -46.53 13.93
N GLY A 196 28.27 -46.46 13.20
CA GLY A 196 27.07 -45.83 13.70
C GLY A 196 27.00 -44.33 13.52
N GLU A 197 28.01 -43.74 12.88
CA GLU A 197 28.03 -42.30 12.61
C GLU A 197 26.93 -41.95 11.61
N VAL A 198 26.00 -41.07 12.01
CA VAL A 198 24.92 -40.62 11.15
C VAL A 198 25.01 -39.10 11.04
N GLN A 199 25.08 -38.60 9.80
CA GLN A 199 25.21 -37.18 9.52
C GLN A 199 24.03 -36.70 8.69
N ASN A 200 23.61 -35.46 8.93
CA ASN A 200 22.42 -34.89 8.31
C ASN A 200 22.69 -33.45 7.94
N TYR A 201 22.51 -33.11 6.67
CA TYR A 201 22.67 -31.77 6.13
C TYR A 201 21.31 -31.25 5.65
N LYS A 202 21.00 -29.98 5.97
CA LYS A 202 19.79 -29.38 5.44
C LYS A 202 19.82 -27.86 5.49
N PRO A 203 19.17 -27.18 4.55
CA PRO A 203 19.00 -25.73 4.66
C PRO A 203 17.72 -25.37 5.40
N LEU A 204 17.78 -24.27 6.14
CA LEU A 204 16.67 -23.85 6.98
C LEU A 204 16.39 -22.36 6.78
N GLN A 205 15.13 -22.03 6.57
CA GLN A 205 14.66 -20.65 6.60
C GLN A 205 14.03 -20.39 7.96
N LEU A 206 14.56 -19.41 8.68
CA LEU A 206 14.17 -19.17 10.06
C LEU A 206 13.42 -17.85 10.16
N VAL A 207 12.23 -17.89 10.75
CA VAL A 207 11.44 -16.70 11.05
C VAL A 207 11.28 -16.65 12.57
N THR A 208 12.08 -15.82 13.22
CA THR A 208 12.17 -15.79 14.67
C THR A 208 11.78 -14.42 15.20
N ALA A 209 11.57 -14.36 16.51
CA ALA A 209 11.23 -13.12 17.20
C ALA A 209 12.48 -12.58 17.90
N CYS A 210 12.81 -11.32 17.63
CA CYS A 210 13.98 -10.68 18.19
C CYS A 210 13.62 -9.31 18.74
N SER A 211 14.32 -8.91 19.80
CA SER A 211 14.16 -7.59 20.39
C SER A 211 15.14 -6.63 19.72
N LEU A 212 14.60 -5.67 18.97
CA LEU A 212 15.42 -4.75 18.19
C LEU A 212 15.44 -3.38 18.86
N ASP A 213 16.63 -2.84 19.05
CA ASP A 213 16.81 -1.50 19.63
C ASP A 213 17.18 -0.53 18.52
N ILE A 214 16.36 0.50 18.34
CA ILE A 214 16.55 1.46 17.26
C ILE A 214 16.79 2.86 17.84
N TYR A 215 17.46 2.91 19.00
CA TYR A 215 17.73 4.20 19.63
C TYR A 215 18.58 5.09 18.74
N ASN A 216 19.60 4.51 18.11
CA ASN A 216 20.39 5.19 17.09
C ASN A 216 20.10 4.48 15.76
N PHE A 217 19.04 4.92 15.09
CA PHE A 217 18.49 4.15 13.96
C PHE A 217 19.45 3.95 12.80
N PRO A 218 20.11 4.98 12.25
CA PRO A 218 20.96 4.72 11.06
C PRO A 218 22.21 3.92 11.37
N PHE A 219 22.63 3.88 12.63
CA PHE A 219 23.89 3.24 13.01
C PHE A 219 23.69 2.18 14.09
N ASP A 220 22.53 1.54 14.10
CA ASP A 220 22.23 0.56 15.13
C ASP A 220 22.96 -0.76 14.84
N VAL A 221 23.23 -1.50 15.91
CA VAL A 221 23.85 -2.83 15.84
C VAL A 221 22.88 -3.78 16.54
N GLN A 222 22.45 -4.81 15.82
CA GLN A 222 21.47 -5.74 16.37
C GLN A 222 22.14 -7.02 16.86
N ASN A 223 21.59 -7.59 17.94
CA ASN A 223 22.13 -8.74 18.63
C ASN A 223 20.97 -9.71 18.90
N CYS A 224 20.71 -10.61 17.95
CA CYS A 224 19.61 -11.55 18.07
C CYS A 224 20.14 -12.91 18.55
N SER A 225 19.22 -13.81 18.88
CA SER A 225 19.61 -15.12 19.40
C SER A 225 18.79 -16.21 18.73
N LEU A 226 19.45 -17.34 18.47
CA LEU A 226 18.79 -18.54 17.94
C LEU A 226 19.15 -19.69 18.87
N THR A 227 18.15 -20.27 19.53
CA THR A 227 18.38 -21.30 20.53
C THR A 227 17.92 -22.65 20.00
N PHE A 228 18.86 -23.55 19.75
CA PHE A 228 18.56 -24.90 19.31
C PHE A 228 18.39 -25.81 20.53
N THR A 229 17.29 -26.56 20.56
CA THR A 229 17.04 -27.49 21.66
C THR A 229 16.05 -28.54 21.20
N SER A 230 16.00 -29.64 21.96
CA SER A 230 15.00 -30.67 21.72
C SER A 230 13.70 -30.28 22.40
N TRP A 231 12.59 -30.36 21.66
CA TRP A 231 11.33 -29.87 22.19
C TRP A 231 10.80 -30.78 23.29
N LEU A 232 10.98 -32.10 23.16
CA LEU A 232 10.44 -33.04 24.12
C LEU A 232 11.50 -33.64 25.05
N HIS A 233 12.58 -34.19 24.49
CA HIS A 233 13.51 -34.97 25.28
C HIS A 233 14.30 -34.08 26.24
N THR A 234 14.48 -34.58 27.46
CA THR A 234 15.24 -33.88 28.49
C THR A 234 16.74 -34.16 28.31
N ILE A 235 17.54 -33.67 29.25
CA ILE A 235 18.98 -33.84 29.16
C ILE A 235 19.39 -35.28 29.44
N GLN A 236 18.52 -36.07 30.04
CA GLN A 236 18.81 -37.49 30.25
C GLN A 236 18.69 -38.31 28.98
N ASP A 237 18.11 -37.76 27.92
CA ASP A 237 17.93 -38.45 26.65
C ASP A 237 18.74 -37.84 25.52
N ILE A 238 18.65 -36.52 25.33
CA ILE A 238 19.34 -35.85 24.23
C ILE A 238 20.19 -34.73 24.81
N ASN A 239 21.46 -34.70 24.43
CA ASN A 239 22.39 -33.63 24.80
C ASN A 239 22.97 -33.04 23.52
N ILE A 240 23.25 -31.73 23.55
CA ILE A 240 23.69 -30.99 22.37
C ILE A 240 25.09 -30.45 22.61
N THR A 241 25.99 -30.72 21.67
CA THR A 241 27.35 -30.18 21.68
C THR A 241 27.59 -29.48 20.35
N LEU A 242 28.85 -29.11 20.11
CA LEU A 242 29.24 -28.41 18.89
C LEU A 242 30.08 -29.33 18.00
N TRP A 243 29.83 -29.24 16.69
CA TRP A 243 30.61 -30.03 15.74
C TRP A 243 32.08 -29.62 15.75
N ARG A 244 32.34 -28.32 15.76
CA ARG A 244 33.69 -27.79 15.71
C ARG A 244 33.90 -26.76 16.80
N SER A 245 35.11 -26.21 16.85
CA SER A 245 35.47 -25.26 17.90
C SER A 245 34.67 -23.96 17.73
N PRO A 246 34.29 -23.32 18.85
CA PRO A 246 33.58 -22.04 18.75
C PRO A 246 34.40 -20.94 18.10
N GLU A 247 35.73 -21.01 18.20
CA GLU A 247 36.57 -19.95 17.63
C GLU A 247 36.44 -19.90 16.11
N GLU A 248 36.44 -21.05 15.45
CA GLU A 248 36.24 -21.07 14.01
C GLU A 248 34.78 -20.91 13.62
N VAL A 249 33.85 -21.17 14.54
CA VAL A 249 32.44 -20.90 14.27
C VAL A 249 32.17 -19.41 14.21
N ARG A 250 32.71 -18.65 15.17
CA ARG A 250 32.40 -17.23 15.24
C ARG A 250 33.07 -16.44 14.13
N SER A 251 34.28 -16.84 13.72
CA SER A 251 34.99 -16.18 12.64
C SER A 251 34.78 -16.97 11.34
N ASP A 252 33.56 -16.89 10.83
CA ASP A 252 33.16 -17.65 9.65
C ASP A 252 32.21 -16.80 8.81
N LYS A 253 32.75 -16.20 7.74
CA LYS A 253 31.96 -15.49 6.73
C LYS A 253 32.42 -16.01 5.37
N SER A 254 31.83 -17.12 4.93
CA SER A 254 32.27 -17.80 3.73
C SER A 254 31.25 -17.78 2.60
N ILE A 255 29.96 -17.85 2.90
CA ILE A 255 28.93 -17.92 1.87
C ILE A 255 27.97 -16.75 2.03
N PHE A 256 28.25 -15.86 2.99
CA PHE A 256 27.32 -14.79 3.29
C PHE A 256 27.15 -13.84 2.11
N ILE A 257 25.92 -13.40 1.90
CA ILE A 257 25.58 -12.51 0.79
C ILE A 257 25.66 -11.08 1.28
N ASN A 258 26.54 -10.28 0.67
CA ASN A 258 26.75 -8.89 1.07
C ASN A 258 25.83 -7.98 0.26
N GLN A 259 26.10 -6.68 0.33
CA GLN A 259 25.35 -5.60 -0.32
C GLN A 259 23.83 -5.81 -0.22
N GLY A 260 23.39 -6.07 1.00
CA GLY A 260 21.98 -6.32 1.26
C GLY A 260 21.46 -5.58 2.48
N GLU A 261 21.99 -4.40 2.74
CA GLU A 261 21.63 -3.45 3.80
C GLU A 261 22.06 -3.94 5.18
N TRP A 262 22.56 -5.16 5.33
CA TRP A 262 22.96 -5.68 6.62
C TRP A 262 24.31 -6.37 6.49
N GLU A 263 25.17 -6.15 7.47
CA GLU A 263 26.49 -6.78 7.51
C GLU A 263 26.57 -7.72 8.71
N LEU A 264 26.98 -8.95 8.46
CA LEU A 264 27.11 -9.96 9.50
C LEU A 264 28.40 -9.72 10.26
N LEU A 265 28.28 -9.38 11.55
CA LEU A 265 29.48 -9.17 12.35
C LEU A 265 30.00 -10.50 12.90
N GLU A 266 29.18 -11.23 13.66
CA GLU A 266 29.65 -12.50 14.20
C GLU A 266 28.48 -13.38 14.61
N VAL A 267 28.79 -14.65 14.88
CA VAL A 267 27.84 -15.64 15.39
C VAL A 267 28.54 -16.40 16.52
N PHE A 268 28.16 -16.09 17.75
CA PHE A 268 28.84 -16.63 18.94
C PHE A 268 28.02 -17.72 19.59
N PRO A 269 28.53 -18.94 19.73
CA PRO A 269 27.76 -20.02 20.37
C PRO A 269 28.03 -20.14 21.86
N GLN A 270 27.02 -20.66 22.57
CA GLN A 270 27.11 -20.84 24.01
C GLN A 270 26.15 -21.94 24.45
N PHE A 271 26.61 -22.83 25.32
CA PHE A 271 25.79 -23.93 25.82
C PHE A 271 25.16 -23.55 27.15
N LYS A 272 23.94 -24.05 27.36
CA LYS A 272 23.22 -23.74 28.60
C LYS A 272 22.27 -24.88 28.94
N GLU A 273 21.88 -24.93 30.21
CA GLU A 273 20.91 -25.90 30.72
C GLU A 273 19.65 -25.13 31.12
N PHE A 274 18.57 -25.33 30.38
CA PHE A 274 17.32 -24.60 30.62
C PHE A 274 16.31 -25.35 31.46
N SER A 275 15.55 -24.64 32.28
CA SER A 275 14.54 -25.25 33.13
C SER A 275 13.57 -24.20 33.67
N ILE A 276 12.32 -24.23 33.24
CA ILE A 276 11.33 -23.30 33.79
C ILE A 276 10.92 -23.88 35.11
N ASP A 277 10.26 -25.03 35.08
CA ASP A 277 9.88 -25.72 36.30
C ASP A 277 11.02 -26.62 36.75
N ILE A 278 11.20 -26.79 38.05
CA ILE A 278 12.34 -27.54 38.58
C ILE A 278 12.65 -28.93 38.02
N SER A 279 11.65 -29.81 38.03
CA SER A 279 11.86 -31.22 37.61
C SER A 279 12.37 -31.57 36.23
N ASN A 280 12.41 -30.62 35.29
CA ASN A 280 12.79 -30.98 33.95
C ASN A 280 13.88 -30.05 33.47
N SER A 281 14.98 -30.62 33.00
CA SER A 281 16.09 -29.81 32.52
C SER A 281 16.43 -30.22 31.10
N TYR A 282 16.70 -29.23 30.25
CA TYR A 282 16.94 -29.45 28.83
C TYR A 282 18.25 -28.80 28.43
N ALA A 283 18.88 -29.35 27.39
CA ALA A 283 20.11 -28.78 26.85
C ALA A 283 19.78 -27.80 25.74
N GLU A 284 20.43 -26.64 25.76
CA GLU A 284 20.19 -25.61 24.77
C GLU A 284 21.52 -25.09 24.24
N MET A 285 21.56 -24.82 22.94
CA MET A 285 22.72 -24.21 22.29
C MET A 285 22.27 -22.89 21.68
N LYS A 286 22.76 -21.79 22.23
CA LYS A 286 22.33 -20.45 21.82
C LYS A 286 23.40 -19.83 20.93
N PHE A 287 23.01 -19.40 19.73
CA PHE A 287 23.87 -18.68 18.82
C PHE A 287 23.44 -17.22 18.84
N TYR A 288 24.32 -16.35 19.32
CA TYR A 288 24.10 -14.91 19.29
C TYR A 288 24.60 -14.39 17.95
N VAL A 289 23.67 -13.93 17.13
CA VAL A 289 23.98 -13.36 15.82
C VAL A 289 24.04 -11.85 15.97
N ILE A 290 25.22 -11.28 15.77
CA ILE A 290 25.44 -9.84 15.85
C ILE A 290 25.65 -9.33 14.44
N ILE A 291 24.80 -8.37 14.05
CA ILE A 291 24.80 -7.78 12.71
C ILE A 291 24.78 -6.27 12.84
N ARG A 292 25.17 -5.60 11.76
CA ARG A 292 25.27 -4.14 11.73
C ARG A 292 24.64 -3.59 10.46
N ARG A 293 23.93 -2.49 10.60
CA ARG A 293 23.25 -1.83 9.49
C ARG A 293 24.19 -0.89 8.75
N ARG A 294 24.04 -0.84 7.43
CA ARG A 294 24.80 0.08 6.60
C ARG A 294 24.05 1.40 6.51
N PRO A 295 24.62 2.51 7.00
CA PRO A 295 23.85 3.76 7.04
C PRO A 295 23.75 4.48 5.71
N LEU A 296 24.62 4.17 4.75
CA LEU A 296 24.65 4.91 3.49
C LEU A 296 23.35 4.76 2.70
N PHE A 297 22.54 3.74 2.99
CA PHE A 297 21.25 3.60 2.35
C PHE A 297 20.33 4.77 2.71
N TYR A 298 20.39 5.23 3.96
CA TYR A 298 19.55 6.32 4.44
C TYR A 298 20.29 7.64 4.53
N ALA A 299 21.50 7.73 3.99
CA ALA A 299 22.30 8.95 4.10
C ALA A 299 21.90 10.03 3.10
N VAL A 300 21.09 9.70 2.10
CA VAL A 300 20.71 10.66 1.07
C VAL A 300 19.20 10.90 1.13
N SER A 301 18.46 9.97 1.72
CA SER A 301 17.02 10.12 1.83
C SER A 301 16.60 10.96 3.03
N LEU A 302 17.53 11.25 3.94
CA LEU A 302 17.21 11.99 5.16
C LEU A 302 18.02 13.27 5.33
N LEU A 303 19.02 13.52 4.49
CA LEU A 303 19.94 14.64 4.69
C LEU A 303 19.82 15.73 3.64
N LEU A 304 19.80 15.35 2.36
CA LEU A 304 19.75 16.36 1.29
C LEU A 304 18.48 17.21 1.32
N PRO A 305 17.26 16.66 1.47
CA PRO A 305 16.10 17.56 1.54
C PRO A 305 16.16 18.52 2.71
N SER A 306 16.69 18.09 3.86
CA SER A 306 16.79 18.98 5.01
C SER A 306 17.70 20.17 4.73
N ILE A 307 18.88 19.91 4.17
CA ILE A 307 19.80 21.00 3.89
C ILE A 307 19.29 21.87 2.75
N PHE A 308 18.55 21.28 1.80
CA PHE A 308 17.93 22.07 0.75
C PHE A 308 16.89 23.03 1.31
N LEU A 309 16.06 22.56 2.25
CA LEU A 309 15.07 23.43 2.84
C LEU A 309 15.72 24.49 3.74
N MET A 310 16.82 24.13 4.41
CA MET A 310 17.55 25.12 5.19
C MET A 310 18.14 26.20 4.29
N VAL A 311 18.71 25.83 3.15
CA VAL A 311 19.37 26.83 2.31
C VAL A 311 18.32 27.72 1.62
N VAL A 312 17.16 27.17 1.27
CA VAL A 312 16.13 28.04 0.71
C VAL A 312 15.54 28.94 1.79
N ASP A 313 15.47 28.46 3.03
CA ASP A 313 15.10 29.34 4.14
C ASP A 313 16.09 30.48 4.30
N ILE A 314 17.38 30.17 4.18
CA ILE A 314 18.42 31.19 4.31
C ILE A 314 18.29 32.23 3.20
N VAL A 315 18.08 31.76 1.96
CA VAL A 315 17.99 32.71 0.84
C VAL A 315 16.66 33.47 0.87
N GLY A 316 15.66 32.97 1.61
CA GLY A 316 14.41 33.70 1.72
C GLY A 316 14.51 34.99 2.51
N PHE A 317 15.54 35.12 3.35
CA PHE A 317 15.71 36.34 4.15
C PHE A 317 16.15 37.53 3.31
N CYS A 318 16.57 37.32 2.06
CA CYS A 318 17.01 38.43 1.24
C CYS A 318 15.86 39.32 0.79
N LEU A 319 14.62 38.85 0.93
CA LEU A 319 13.47 39.68 0.58
C LEU A 319 13.32 40.81 1.61
N PRO A 320 12.97 42.02 1.17
CA PRO A 320 12.72 43.09 2.12
C PRO A 320 11.51 42.78 2.98
N PRO A 321 11.51 43.22 4.24
CA PRO A 321 10.37 42.90 5.12
C PRO A 321 9.04 43.50 4.67
N ASP A 322 9.07 44.65 4.01
CA ASP A 322 7.84 45.33 3.60
C ASP A 322 7.40 44.96 2.19
N SER A 323 8.05 43.96 1.57
CA SER A 323 7.67 43.56 0.22
C SER A 323 6.26 42.98 0.19
N GLY A 324 5.92 42.16 1.18
CA GLY A 324 4.58 41.62 1.33
C GLY A 324 4.47 40.13 1.07
N GLU A 325 5.37 39.56 0.28
CA GLU A 325 5.34 38.12 -0.01
C GLU A 325 6.28 37.31 0.88
N ARG A 326 6.94 37.94 1.85
CA ARG A 326 7.82 37.21 2.76
C ARG A 326 7.03 36.24 3.62
N VAL A 327 5.88 36.68 4.14
CA VAL A 327 5.05 35.83 5.00
C VAL A 327 4.52 34.64 4.20
N SER A 328 4.06 34.89 2.97
CA SER A 328 3.58 33.81 2.12
C SER A 328 4.70 32.82 1.81
N PHE A 329 5.91 33.33 1.53
CA PHE A 329 7.05 32.46 1.30
C PHE A 329 7.33 31.57 2.51
N LYS A 330 7.32 32.17 3.71
CA LYS A 330 7.64 31.40 4.90
C LYS A 330 6.57 30.37 5.23
N ILE A 331 5.30 30.73 5.06
CA ILE A 331 4.24 29.76 5.36
C ILE A 331 4.23 28.65 4.32
N THR A 332 4.53 28.95 3.07
CA THR A 332 4.65 27.90 2.06
C THR A 332 5.81 26.97 2.37
N LEU A 333 6.93 27.52 2.82
CA LEU A 333 8.07 26.68 3.19
C LEU A 333 7.74 25.80 4.38
N LEU A 334 7.02 26.35 5.37
CA LEU A 334 6.61 25.55 6.53
C LEU A 334 5.66 24.43 6.12
N LEU A 335 4.72 24.72 5.22
CA LEU A 335 3.81 23.70 4.73
C LEU A 335 4.57 22.60 3.99
N GLY A 336 5.56 22.98 3.18
CA GLY A 336 6.36 21.98 2.48
C GLY A 336 7.15 21.12 3.44
N TYR A 337 7.73 21.72 4.48
CA TYR A 337 8.49 20.95 5.47
C TYR A 337 7.57 20.01 6.25
N SER A 338 6.35 20.46 6.57
CA SER A 338 5.40 19.59 7.24
C SER A 338 5.01 18.41 6.36
N VAL A 339 4.78 18.67 5.07
CA VAL A 339 4.47 17.58 4.13
C VAL A 339 5.63 16.60 4.07
N PHE A 340 6.86 17.11 4.01
CA PHE A 340 8.03 16.24 3.99
C PHE A 340 8.11 15.36 5.23
N LEU A 341 7.97 15.96 6.42
CA LEU A 341 8.13 15.17 7.64
C LEU A 341 7.02 14.13 7.75
N ILE A 342 5.79 14.48 7.36
CA ILE A 342 4.69 13.52 7.42
C ILE A 342 4.93 12.37 6.44
N ILE A 343 5.39 12.69 5.22
CA ILE A 343 5.56 11.65 4.22
C ILE A 343 6.82 10.82 4.45
N VAL A 344 7.73 11.29 5.30
CA VAL A 344 8.95 10.52 5.59
C VAL A 344 8.87 9.74 6.90
N SER A 345 8.11 10.22 7.89
CA SER A 345 8.11 9.58 9.21
C SER A 345 7.58 8.15 9.15
N ASP A 346 6.85 7.78 8.10
CA ASP A 346 6.38 6.40 7.97
C ASP A 346 7.54 5.45 7.72
N THR A 347 8.52 5.88 6.93
CA THR A 347 9.66 5.02 6.59
C THR A 347 10.66 4.88 7.72
N LEU A 348 10.55 5.68 8.77
CA LEU A 348 11.44 5.60 9.93
C LEU A 348 10.69 4.99 11.10
N PRO A 349 10.96 3.70 11.43
CA PRO A 349 10.13 3.16 12.51
C PRO A 349 10.48 3.71 13.87
N ALA A 350 9.51 3.67 14.79
CA ALA A 350 9.77 4.13 16.14
C ALA A 350 9.08 3.14 17.06
N THR A 351 9.85 2.28 17.70
CA THR A 351 9.28 1.24 18.54
C THR A 351 10.03 1.12 19.86
N ALA A 352 9.58 0.25 20.75
CA ALA A 352 10.24 0.02 22.04
C ALA A 352 10.40 1.28 22.87
N ILE A 353 11.63 1.59 23.28
CA ILE A 353 11.86 2.74 24.15
C ILE A 353 11.37 4.08 23.60
N GLY A 354 11.25 4.20 22.28
CA GLY A 354 10.78 5.44 21.72
C GLY A 354 11.45 5.83 20.43
N THR A 355 11.24 7.07 19.99
CA THR A 355 11.81 7.52 18.74
C THR A 355 13.32 7.69 18.81
N PRO A 356 14.00 7.45 17.69
CA PRO A 356 15.45 7.72 17.67
C PRO A 356 15.78 9.21 17.74
N LEU A 357 17.04 9.57 17.88
CA LEU A 357 17.46 10.96 17.94
C LEU A 357 17.17 11.73 16.65
N ILE A 358 16.85 11.01 15.56
CA ILE A 358 16.49 11.69 14.31
C ILE A 358 15.24 12.52 14.50
N GLY A 359 14.27 12.00 15.26
CA GLY A 359 13.10 12.79 15.60
C GLY A 359 13.43 14.02 16.41
N VAL A 360 14.41 13.91 17.31
CA VAL A 360 14.85 15.05 18.10
C VAL A 360 15.45 16.12 17.19
N TYR A 361 16.30 15.71 16.25
CA TYR A 361 16.90 16.67 15.34
C TYR A 361 15.85 17.32 14.42
N PHE A 362 14.85 16.54 13.99
CA PHE A 362 13.76 17.09 13.20
C PHE A 362 12.95 18.10 14.01
N VAL A 363 12.73 17.82 15.29
CA VAL A 363 12.03 18.76 16.16
C VAL A 363 12.85 20.04 16.33
N VAL A 364 14.17 19.90 16.41
CA VAL A 364 15.04 21.07 16.49
C VAL A 364 14.92 21.92 15.22
N CYS A 365 14.88 21.27 14.06
CA CYS A 365 14.67 21.99 12.80
C CYS A 365 13.30 22.68 12.78
N MET A 366 12.28 22.02 13.30
CA MET A 366 10.95 22.63 13.42
C MET A 366 11.01 23.89 14.28
N ALA A 367 11.71 23.81 15.42
CA ALA A 367 11.82 24.96 16.30
C ALA A 367 12.56 26.12 15.62
N LEU A 368 13.62 25.80 14.86
CA LEU A 368 14.36 26.83 14.14
C LEU A 368 13.47 27.50 13.10
N LEU A 369 12.70 26.71 12.34
CA LEU A 369 11.79 27.28 11.34
C LEU A 369 10.72 28.15 11.99
N VAL A 370 10.18 27.71 13.13
CA VAL A 370 9.17 28.49 13.83
C VAL A 370 9.76 29.80 14.34
N ILE A 371 11.00 29.76 14.82
CA ILE A 371 11.67 30.99 15.27
C ILE A 371 11.85 31.95 14.11
N SER A 372 12.27 31.43 12.95
CA SER A 372 12.41 32.29 11.77
C SER A 372 11.08 32.91 11.36
N LEU A 373 10.01 32.11 11.37
CA LEU A 373 8.69 32.63 11.02
C LEU A 373 8.24 33.70 12.00
N ALA A 374 8.49 33.48 13.30
CA ALA A 374 8.10 34.47 14.31
C ALA A 374 8.87 35.77 14.13
N GLU A 375 10.17 35.67 13.81
CA GLU A 375 10.95 36.88 13.54
C GLU A 375 10.42 37.63 12.33
N THR A 376 10.05 36.90 11.27
CA THR A 376 9.48 37.54 10.09
C THR A 376 8.16 38.24 10.43
N ILE A 377 7.30 37.57 11.20
CA ILE A 377 6.03 38.17 11.59
C ILE A 377 6.25 39.43 12.40
N PHE A 378 7.19 39.38 13.35
CA PHE A 378 7.48 40.53 14.19
C PHE A 378 7.99 41.71 13.36
N ILE A 379 8.90 41.45 12.42
CA ILE A 379 9.46 42.56 11.66
C ILE A 379 8.42 43.14 10.70
N VAL A 380 7.56 42.29 10.13
CA VAL A 380 6.49 42.80 9.28
C VAL A 380 5.51 43.65 10.08
N ARG A 381 5.19 43.22 11.31
CA ARG A 381 4.36 44.03 12.18
C ARG A 381 5.04 45.36 12.50
N LEU A 382 6.36 45.35 12.67
CA LEU A 382 7.08 46.57 13.02
C LEU A 382 7.10 47.57 11.86
N VAL A 383 7.29 47.10 10.63
CA VAL A 383 7.52 48.00 9.52
C VAL A 383 6.21 48.39 8.82
N HIS A 384 5.08 47.97 9.38
CA HIS A 384 3.80 48.23 8.75
C HIS A 384 3.37 49.68 8.96
N LYS A 385 2.60 50.20 8.01
CA LYS A 385 2.04 51.55 8.07
C LYS A 385 0.61 51.48 8.58
N GLN A 386 0.37 52.02 9.77
CA GLN A 386 -0.96 52.01 10.38
C GLN A 386 -1.25 53.33 11.07
N ASP A 387 -0.77 54.43 10.45
CA ASP A 387 -0.84 55.77 11.04
C ASP A 387 -0.18 55.77 12.43
N LEU A 388 1.11 55.47 12.43
CA LEU A 388 1.88 55.30 13.66
C LEU A 388 2.15 56.67 14.31
N GLN A 389 2.62 56.60 15.55
CA GLN A 389 3.02 57.79 16.29
C GLN A 389 4.48 58.12 15.98
N ARG A 390 5.00 59.15 16.65
CA ARG A 390 6.39 59.53 16.47
C ARG A 390 7.31 58.41 16.96
N PRO A 391 8.50 58.28 16.35
CA PRO A 391 9.43 57.26 16.83
C PRO A 391 9.91 57.57 18.24
N VAL A 392 10.06 56.51 19.03
CA VAL A 392 10.41 56.64 20.44
C VAL A 392 11.89 56.92 20.61
N PRO A 393 12.27 57.98 21.32
CA PRO A 393 13.70 58.25 21.54
C PRO A 393 14.37 57.23 22.44
N ASP A 394 13.64 56.64 23.39
CA ASP A 394 14.21 55.68 24.31
C ASP A 394 14.61 54.37 23.63
N TRP A 395 14.15 54.13 22.40
CA TRP A 395 14.53 52.98 21.61
C TRP A 395 15.09 53.41 20.25
N LEU A 396 15.76 54.55 20.21
CA LEU A 396 16.40 55.07 19.01
C LEU A 396 17.87 55.39 19.24
N ARG A 397 18.24 55.89 20.41
CA ARG A 397 19.64 56.21 20.69
C ARG A 397 20.50 54.95 20.71
N HIS A 398 20.00 53.86 21.30
CA HIS A 398 20.73 52.62 21.41
C HIS A 398 20.39 51.62 20.32
N LEU A 399 19.67 52.06 19.28
CA LEU A 399 19.26 51.18 18.19
C LEU A 399 19.83 51.60 16.84
N VAL A 400 20.12 52.88 16.65
CA VAL A 400 20.71 53.39 15.42
C VAL A 400 22.15 53.84 15.66
N LEU A 401 22.37 54.67 16.68
CA LEU A 401 23.71 55.18 16.94
C LEU A 401 24.63 54.10 17.49
N ASP A 402 24.15 53.33 18.48
CA ASP A 402 24.99 52.32 19.10
C ASP A 402 25.24 51.14 18.18
N ARG A 403 24.18 50.65 17.53
CA ARG A 403 24.30 49.52 16.61
C ARG A 403 25.19 49.84 15.41
N ILE A 404 25.40 51.11 15.08
CA ILE A 404 26.28 51.47 13.97
C ILE A 404 27.71 51.06 14.27
N ALA A 405 28.12 51.18 15.53
CA ALA A 405 29.48 50.83 15.92
C ALA A 405 29.60 49.44 16.52
N TRP A 406 28.55 48.93 17.16
CA TRP A 406 28.63 47.62 17.77
C TRP A 406 28.68 46.56 16.69
N ILE A 407 27.79 46.66 15.72
CA ILE A 407 27.81 45.73 14.60
C ILE A 407 28.09 46.48 13.32
N LEU A 408 28.02 45.80 12.19
CA LEU A 408 28.30 46.43 10.91
C LEU A 408 27.39 47.63 10.67
N CYS A 409 27.91 48.65 10.01
CA CYS A 409 27.13 49.88 9.82
C CYS A 409 26.09 49.77 8.70
N LEU A 410 25.49 50.89 8.35
CA LEU A 410 24.45 50.88 7.31
C LEU A 410 25.06 50.66 5.92
N LEU A 472 -7.65 93.55 1.17
CA LEU A 472 -8.73 92.72 1.71
C LEU A 472 -8.67 91.32 1.11
N ALA A 473 -8.39 91.23 -0.19
CA ALA A 473 -8.31 89.92 -0.85
C ALA A 473 -7.11 89.14 -0.33
N VAL A 474 -6.00 89.83 -0.08
CA VAL A 474 -4.81 89.20 0.46
C VAL A 474 -5.14 88.22 1.56
N ARG A 475 -5.85 88.70 2.57
CA ARG A 475 -6.21 87.87 3.73
C ARG A 475 -6.93 86.61 3.30
N GLY A 476 -7.85 86.73 2.33
CA GLY A 476 -8.51 85.55 1.80
C GLY A 476 -7.57 84.59 1.12
N LEU A 477 -6.62 85.11 0.33
CA LEU A 477 -5.67 84.26 -0.35
C LEU A 477 -4.79 83.48 0.63
N LEU A 478 -4.27 84.16 1.65
CA LEU A 478 -3.48 83.45 2.66
C LEU A 478 -4.32 82.46 3.45
N GLN A 479 -5.55 82.82 3.79
CA GLN A 479 -6.42 81.90 4.51
C GLN A 479 -6.73 80.66 3.69
N GLU A 480 -6.89 80.83 2.37
CA GLU A 480 -7.10 79.67 1.50
C GLU A 480 -5.85 78.81 1.43
N LEU A 481 -4.69 79.41 1.17
CA LEU A 481 -3.47 78.64 0.94
C LEU A 481 -2.96 77.97 2.21
N SER A 482 -3.36 78.48 3.39
CA SER A 482 -2.92 77.87 4.64
C SER A 482 -3.39 76.43 4.77
N SER A 483 -4.60 76.14 4.29
CA SER A 483 -5.13 74.78 4.39
C SER A 483 -4.30 73.81 3.54
N ILE A 484 -3.99 74.20 2.30
CA ILE A 484 -3.16 73.36 1.44
C ILE A 484 -1.79 73.14 2.06
N ARG A 485 -1.19 74.21 2.59
CA ARG A 485 0.11 74.09 3.21
C ARG A 485 0.08 73.13 4.40
N HIS A 486 -0.95 73.25 5.24
CA HIS A 486 -1.06 72.39 6.41
C HIS A 486 -1.26 70.93 6.02
N PHE A 487 -2.07 70.68 5.01
CA PHE A 487 -2.31 69.29 4.57
C PHE A 487 -1.02 68.68 4.03
N LEU A 488 -0.27 69.44 3.23
CA LEU A 488 0.99 68.91 2.72
C LEU A 488 2.00 68.70 3.85
N GLU A 489 2.00 69.59 4.85
CA GLU A 489 2.88 69.41 6.00
C GLU A 489 2.56 68.12 6.75
N LYS A 490 1.27 67.85 6.98
CA LYS A 490 0.92 66.66 7.75
C LYS A 490 1.21 65.39 6.95
N ARG A 491 1.02 65.42 5.63
CA ARG A 491 1.40 64.29 4.79
C ARG A 491 2.90 64.04 4.87
N ASP A 492 3.70 65.11 4.82
CA ASP A 492 5.16 64.96 4.89
C ASP A 492 5.58 64.42 6.25
N GLU A 493 4.93 64.88 7.32
CA GLU A 493 5.26 64.36 8.65
C GLU A 493 4.94 62.86 8.75
N MET A 494 3.80 62.45 8.21
CA MET A 494 3.43 61.04 8.24
C MET A 494 4.44 60.18 7.47
N ARG A 495 4.83 60.64 6.28
CA ARG A 495 5.78 59.83 5.50
C ARG A 495 7.18 59.84 6.13
N GLU A 496 7.57 60.92 6.80
CA GLU A 496 8.84 60.93 7.50
C GLU A 496 8.84 59.94 8.67
N VAL A 497 7.72 59.88 9.40
CA VAL A 497 7.59 58.89 10.48
C VAL A 497 7.69 57.48 9.92
N ALA A 498 7.01 57.23 8.79
CA ALA A 498 7.09 55.92 8.15
C ALA A 498 8.51 55.58 7.74
N ARG A 499 9.25 56.57 7.21
CA ARG A 499 10.64 56.32 6.82
C ARG A 499 11.51 55.97 8.03
N ASP A 500 11.32 56.67 9.15
CA ASP A 500 12.09 56.36 10.34
C ASP A 500 11.80 54.95 10.84
N TRP A 501 10.52 54.57 10.86
CA TRP A 501 10.16 53.22 11.28
C TRP A 501 10.75 52.17 10.33
N LEU A 502 10.76 52.47 9.04
CA LEU A 502 11.34 51.55 8.07
C LEU A 502 12.84 51.36 8.30
N ARG A 503 13.55 52.45 8.61
CA ARG A 503 14.98 52.33 8.90
C ARG A 503 15.22 51.48 10.14
N VAL A 504 14.41 51.69 11.18
CA VAL A 504 14.55 50.89 12.41
C VAL A 504 14.31 49.41 12.09
N GLY A 505 13.27 49.12 11.30
CA GLY A 505 12.99 47.75 10.93
C GLY A 505 14.10 47.12 10.11
N TYR A 506 14.71 47.89 9.20
CA TYR A 506 15.81 47.36 8.41
C TYR A 506 17.00 47.00 9.29
N VAL A 507 17.32 47.86 10.25
CA VAL A 507 18.44 47.58 11.16
C VAL A 507 18.17 46.31 11.97
N LEU A 508 16.94 46.20 12.50
CA LEU A 508 16.60 45.01 13.28
C LEU A 508 16.64 43.74 12.42
N ASP A 509 16.17 43.85 11.16
CA ASP A 509 16.19 42.70 10.27
C ASP A 509 17.62 42.23 10.00
N ARG A 510 18.53 43.18 9.76
CA ARG A 510 19.93 42.81 9.53
C ARG A 510 20.53 42.13 10.74
N LEU A 511 20.27 42.68 11.94
CA LEU A 511 20.82 42.09 13.16
C LEU A 511 20.30 40.67 13.37
N LEU A 512 18.99 40.47 13.20
CA LEU A 512 18.42 39.14 13.39
C LEU A 512 18.90 38.17 12.32
N PHE A 513 19.13 38.66 11.09
CA PHE A 513 19.69 37.80 10.05
C PHE A 513 21.08 37.32 10.43
N ARG A 514 21.93 38.21 10.93
CA ARG A 514 23.27 37.81 11.34
C ARG A 514 23.21 36.80 12.48
N ILE A 515 22.34 37.04 13.46
CA ILE A 515 22.23 36.12 14.60
C ILE A 515 21.76 34.75 14.13
N TYR A 516 20.76 34.70 13.25
CA TYR A 516 20.25 33.43 12.77
C TYR A 516 21.30 32.68 11.95
N LEU A 517 22.07 33.41 11.14
CA LEU A 517 23.13 32.76 10.36
C LEU A 517 24.18 32.15 11.27
N LEU A 518 24.60 32.87 12.31
CA LEU A 518 25.58 32.33 13.24
C LEU A 518 25.03 31.11 13.98
N ALA A 519 23.75 31.15 14.38
CA ALA A 519 23.15 30.01 15.06
C ALA A 519 23.09 28.79 14.14
N VAL A 520 22.73 28.99 12.88
CA VAL A 520 22.67 27.88 11.92
C VAL A 520 24.05 27.29 11.72
N LEU A 521 25.08 28.13 11.58
CA LEU A 521 26.44 27.62 11.42
C LEU A 521 26.88 26.81 12.63
N ALA A 522 26.59 27.32 13.84
CA ALA A 522 26.96 26.59 15.05
C ALA A 522 26.24 25.25 15.14
N TYR A 523 24.94 25.22 14.80
CA TYR A 523 24.20 23.96 14.82
C TYR A 523 24.76 22.97 13.82
N SER A 524 25.10 23.44 12.61
CA SER A 524 25.66 22.55 11.60
C SER A 524 26.99 21.98 12.06
N ILE A 525 27.85 22.81 12.67
CA ILE A 525 29.15 22.33 13.14
C ILE A 525 28.97 21.30 14.25
N THR A 526 28.12 21.61 15.23
CA THR A 526 27.93 20.67 16.34
C THR A 526 27.16 19.42 15.93
N LEU A 527 26.49 19.44 14.78
CA LEU A 527 25.89 18.21 14.27
C LEU A 527 26.89 17.37 13.49
N VAL A 528 27.75 18.01 12.69
CA VAL A 528 28.70 17.24 11.89
C VAL A 528 29.85 16.71 12.73
N THR A 529 30.14 17.34 13.88
CA THR A 529 31.23 16.84 14.72
C THR A 529 30.91 15.47 15.31
N LEU A 530 29.62 15.17 15.53
CA LEU A 530 29.25 13.85 16.04
C LEU A 530 29.53 12.77 15.00
N TRP A 531 29.17 13.00 13.74
CA TRP A 531 29.51 12.05 12.69
C TRP A 531 31.01 11.93 12.52
N SER A 532 31.72 13.05 12.64
CA SER A 532 33.18 13.02 12.52
C SER A 532 33.82 12.17 13.60
N ILE A 533 33.34 12.28 14.85
CA ILE A 533 33.96 11.52 15.93
C ILE A 533 33.49 10.07 15.89
N TRP A 534 32.29 9.81 15.36
CA TRP A 534 31.81 8.43 15.27
C TRP A 534 32.51 7.66 14.16
N HIS A 535 32.74 8.30 13.02
CA HIS A 535 33.29 7.59 11.86
C HIS A 535 34.72 7.14 12.12
N TYR A 536 35.52 7.97 12.79
CA TYR A 536 36.92 7.65 13.06
C TYR A 536 36.99 6.79 14.33
N SER A 537 36.51 5.56 14.19
CA SER A 537 36.50 4.61 15.30
C SER A 537 36.55 3.18 14.79
N THR B 82 5.26 -69.32 -20.78
CA THR B 82 4.32 -68.39 -20.16
C THR B 82 3.34 -67.83 -21.17
N THR B 83 2.26 -67.23 -20.68
CA THR B 83 1.26 -66.62 -21.54
C THR B 83 1.69 -65.20 -21.90
N GLN B 84 0.82 -64.46 -22.57
CA GLN B 84 1.07 -63.07 -22.96
C GLN B 84 -0.12 -62.22 -22.56
N PRO B 85 -0.24 -61.88 -21.25
CA PRO B 85 -1.32 -60.98 -20.83
C PRO B 85 -1.17 -59.58 -21.42
N ALA B 86 -0.04 -58.94 -21.12
CA ALA B 86 0.29 -57.61 -21.63
C ALA B 86 1.73 -57.26 -21.26
N LEU B 87 2.11 -56.00 -21.46
CA LEU B 87 3.46 -55.57 -21.10
C LEU B 87 3.63 -55.37 -19.59
N LEU B 88 2.54 -55.40 -18.81
CA LEU B 88 2.64 -55.03 -17.40
C LEU B 88 3.52 -55.99 -16.63
N ARG B 89 3.62 -57.24 -17.08
CA ARG B 89 4.49 -58.20 -16.39
C ARG B 89 5.94 -57.73 -16.43
N LEU B 90 6.33 -57.03 -17.49
CA LEU B 90 7.65 -56.40 -17.54
C LEU B 90 7.85 -55.51 -16.32
N SER B 91 6.86 -54.67 -16.01
CA SER B 91 6.92 -53.84 -14.82
C SER B 91 7.15 -54.69 -13.58
N ASP B 92 6.43 -55.81 -13.48
CA ASP B 92 6.64 -56.72 -12.36
C ASP B 92 8.08 -57.21 -12.34
N HIS B 93 8.58 -57.61 -13.51
CA HIS B 93 9.97 -58.07 -13.61
C HIS B 93 10.95 -56.99 -13.25
N LEU B 94 10.55 -55.72 -13.34
CA LEU B 94 11.42 -54.63 -12.94
C LEU B 94 11.23 -54.23 -11.49
N LEU B 95 10.06 -54.52 -10.90
CA LEU B 95 9.73 -53.99 -9.58
C LEU B 95 9.33 -55.07 -8.58
N ALA B 96 9.67 -56.34 -8.85
CA ALA B 96 9.35 -57.40 -7.90
C ALA B 96 10.19 -57.27 -6.63
N ASN B 97 11.49 -57.06 -6.79
CA ASN B 97 12.43 -57.00 -5.68
C ASN B 97 13.38 -55.81 -5.85
N TYR B 98 12.83 -54.65 -6.16
CA TYR B 98 13.61 -53.44 -6.36
C TYR B 98 13.61 -52.62 -5.07
N LYS B 99 14.80 -52.15 -4.68
CA LYS B 99 14.96 -51.32 -3.49
C LYS B 99 15.26 -49.89 -3.95
N LYS B 100 14.40 -48.95 -3.57
CA LYS B 100 14.52 -47.57 -4.00
C LYS B 100 15.34 -46.71 -3.06
N GLY B 101 15.91 -47.27 -2.00
CA GLY B 101 16.69 -46.50 -1.06
C GLY B 101 18.18 -46.63 -1.25
N VAL B 102 18.60 -47.48 -2.17
CA VAL B 102 20.01 -47.76 -2.42
C VAL B 102 20.41 -47.14 -3.76
N ARG B 103 21.60 -46.58 -3.83
CA ARG B 103 22.11 -46.01 -5.06
C ARG B 103 22.30 -47.12 -6.10
N PRO B 104 21.76 -46.97 -7.31
CA PRO B 104 21.75 -48.08 -8.28
C PRO B 104 23.05 -48.26 -9.06
N VAL B 105 24.05 -48.85 -8.39
CA VAL B 105 25.32 -49.21 -9.01
C VAL B 105 25.70 -50.61 -8.54
N ARG B 106 26.23 -51.41 -9.44
CA ARG B 106 26.73 -52.73 -9.06
C ARG B 106 28.06 -52.64 -8.34
N ASP B 107 28.90 -51.67 -8.69
CA ASP B 107 30.15 -51.40 -7.99
C ASP B 107 30.02 -50.05 -7.31
N TRP B 108 30.24 -50.03 -5.99
CA TRP B 108 30.06 -48.80 -5.22
C TRP B 108 31.15 -47.77 -5.49
N ARG B 109 32.23 -48.13 -6.18
CA ARG B 109 33.30 -47.20 -6.47
C ARG B 109 33.02 -46.33 -7.70
N LYS B 110 31.98 -46.64 -8.47
CA LYS B 110 31.66 -45.89 -9.68
C LYS B 110 30.60 -44.85 -9.36
N PRO B 111 30.87 -43.57 -9.57
CA PRO B 111 29.86 -42.54 -9.30
C PRO B 111 28.73 -42.60 -10.31
N THR B 112 27.57 -42.09 -9.89
CA THR B 112 26.40 -42.00 -10.75
C THR B 112 26.39 -40.63 -11.44
N THR B 113 26.44 -40.63 -12.76
CA THR B 113 26.51 -39.40 -13.53
C THR B 113 25.12 -38.97 -13.97
N VAL B 114 24.77 -37.72 -13.69
CA VAL B 114 23.48 -37.15 -14.05
C VAL B 114 23.73 -36.03 -15.05
N SER B 115 23.11 -36.13 -16.22
CA SER B 115 23.24 -35.12 -17.26
C SER B 115 21.95 -34.30 -17.31
N ILE B 116 22.08 -32.98 -17.16
CA ILE B 116 20.94 -32.10 -16.98
C ILE B 116 20.98 -30.98 -18.01
N ASP B 117 19.83 -30.37 -18.24
CA ASP B 117 19.75 -29.10 -18.95
C ASP B 117 18.44 -28.39 -18.64
N VAL B 118 18.43 -27.09 -18.93
CA VAL B 118 17.42 -26.15 -18.49
C VAL B 118 17.08 -25.22 -19.64
N ILE B 119 15.79 -24.92 -19.81
CA ILE B 119 15.34 -23.89 -20.74
C ILE B 119 14.51 -22.88 -19.96
N MET B 120 14.91 -21.61 -20.02
CA MET B 120 14.17 -20.55 -19.36
C MET B 120 12.83 -20.33 -20.06
N TYR B 121 11.79 -20.04 -19.27
CA TYR B 121 10.47 -19.80 -19.83
C TYR B 121 10.01 -18.36 -19.65
N ALA B 122 10.14 -17.80 -18.45
CA ALA B 122 9.71 -16.42 -18.21
C ALA B 122 10.43 -15.88 -16.98
N ILE B 123 10.76 -14.60 -17.02
CA ILE B 123 11.31 -13.89 -15.87
C ILE B 123 10.13 -13.34 -15.09
N LEU B 124 9.89 -13.87 -13.89
CA LEU B 124 8.67 -13.53 -13.17
C LEU B 124 8.82 -12.24 -12.37
N ASN B 125 9.90 -12.10 -11.59
CA ASN B 125 10.01 -10.92 -10.75
C ASN B 125 11.48 -10.64 -10.45
N VAL B 126 11.80 -9.36 -10.31
CA VAL B 126 13.13 -8.89 -9.92
C VAL B 126 12.93 -7.88 -8.79
N ASP B 127 13.08 -8.34 -7.55
CA ASP B 127 12.98 -7.46 -6.39
C ASP B 127 14.36 -6.88 -6.10
N GLU B 128 14.53 -5.59 -6.42
CA GLU B 128 15.85 -4.96 -6.27
C GLU B 128 16.17 -4.68 -4.81
N LYS B 129 15.19 -4.22 -4.04
CA LYS B 129 15.45 -3.87 -2.64
C LYS B 129 15.70 -5.12 -1.80
N ASN B 130 15.04 -6.24 -2.14
CA ASN B 130 15.28 -7.49 -1.45
C ASN B 130 16.34 -8.34 -2.10
N GLN B 131 16.81 -7.96 -3.29
CA GLN B 131 17.82 -8.70 -4.05
C GLN B 131 17.37 -10.14 -4.31
N VAL B 132 16.18 -10.27 -4.88
CA VAL B 132 15.54 -11.56 -5.11
C VAL B 132 15.16 -11.67 -6.58
N LEU B 133 15.40 -12.84 -7.18
CA LEU B 133 15.02 -13.09 -8.56
C LEU B 133 14.10 -14.30 -8.61
N THR B 134 12.95 -14.15 -9.25
CA THR B 134 11.96 -15.20 -9.40
C THR B 134 11.79 -15.52 -10.87
N THR B 135 12.06 -16.76 -11.24
CA THR B 135 12.03 -17.20 -12.64
C THR B 135 11.28 -18.53 -12.75
N TYR B 136 11.00 -18.93 -13.99
CA TYR B 136 10.38 -20.20 -14.30
C TYR B 136 11.20 -20.90 -15.37
N ILE B 137 11.49 -22.19 -15.16
CA ILE B 137 12.31 -22.95 -16.09
C ILE B 137 11.66 -24.31 -16.35
N TRP B 138 12.01 -24.88 -17.49
CA TRP B 138 11.72 -26.28 -17.80
C TRP B 138 13.03 -27.05 -17.69
N TYR B 139 13.09 -28.00 -16.77
CA TYR B 139 14.30 -28.71 -16.42
C TYR B 139 14.15 -30.17 -16.81
N ARG B 140 15.21 -30.77 -17.33
CA ARG B 140 15.19 -32.20 -17.58
C ARG B 140 16.57 -32.78 -17.32
N GLN B 141 16.58 -34.07 -16.96
CA GLN B 141 17.80 -34.74 -16.56
C GLN B 141 17.70 -36.22 -16.92
N TYR B 142 18.85 -36.87 -16.98
CA TYR B 142 18.88 -38.31 -17.21
C TYR B 142 20.08 -38.92 -16.51
N TRP B 143 19.93 -40.19 -16.14
CA TRP B 143 21.01 -40.97 -15.53
C TRP B 143 20.83 -42.43 -15.90
N THR B 144 21.67 -43.29 -15.33
CA THR B 144 21.69 -44.71 -15.63
C THR B 144 21.39 -45.50 -14.38
N ASP B 145 20.40 -46.39 -14.46
CA ASP B 145 20.03 -47.29 -13.36
C ASP B 145 20.39 -48.71 -13.78
N GLU B 146 21.33 -49.32 -13.06
CA GLU B 146 21.87 -50.62 -13.44
C GLU B 146 20.96 -51.78 -13.04
N PHE B 147 19.90 -51.54 -12.28
CA PHE B 147 18.96 -52.57 -11.89
C PHE B 147 17.67 -52.50 -12.70
N LEU B 148 17.61 -51.64 -13.72
CA LEU B 148 16.40 -51.50 -14.54
C LEU B 148 16.70 -51.80 -16.00
N GLN B 149 17.44 -52.88 -16.26
CA GLN B 149 17.81 -53.27 -17.61
C GLN B 149 17.11 -54.57 -17.98
N TRP B 150 16.70 -54.67 -19.25
CA TRP B 150 16.02 -55.86 -19.72
C TRP B 150 16.29 -56.04 -21.21
N THR B 151 16.06 -57.24 -21.70
CA THR B 151 16.14 -57.55 -23.12
C THR B 151 14.82 -57.20 -23.79
N PRO B 152 14.84 -56.41 -24.87
CA PRO B 152 13.58 -56.10 -25.57
C PRO B 152 12.86 -57.34 -26.09
N GLU B 153 13.61 -58.36 -26.51
CA GLU B 153 12.99 -59.64 -26.84
C GLU B 153 12.50 -60.32 -25.57
N ASP B 154 11.54 -61.22 -25.75
CA ASP B 154 10.77 -61.91 -24.71
C ASP B 154 9.84 -60.92 -24.00
N PHE B 155 9.70 -59.70 -24.49
CA PHE B 155 8.78 -58.73 -23.90
C PHE B 155 8.04 -57.97 -25.01
N ASP B 156 7.81 -58.65 -26.14
CA ASP B 156 7.08 -58.08 -27.29
C ASP B 156 7.77 -56.83 -27.82
N ASN B 157 9.11 -56.84 -27.84
CA ASN B 157 9.93 -55.79 -28.43
C ASN B 157 9.65 -54.42 -27.82
N VAL B 158 9.45 -54.39 -26.50
CA VAL B 158 9.26 -53.13 -25.79
C VAL B 158 10.65 -52.55 -25.50
N THR B 159 10.87 -51.31 -25.94
CA THR B 159 12.16 -50.65 -25.77
C THR B 159 12.18 -49.64 -24.62
N LYS B 160 11.03 -49.04 -24.30
CA LYS B 160 10.97 -48.09 -23.21
C LYS B 160 9.54 -48.06 -22.66
N LEU B 161 9.41 -47.61 -21.41
CA LEU B 161 8.10 -47.54 -20.79
C LEU B 161 8.11 -46.43 -19.73
N SER B 162 6.95 -46.25 -19.10
CA SER B 162 6.76 -45.23 -18.08
C SER B 162 6.61 -45.89 -16.71
N ILE B 163 7.29 -45.35 -15.72
CA ILE B 163 7.30 -45.87 -14.35
C ILE B 163 7.00 -44.72 -13.40
N PRO B 164 6.24 -44.93 -12.33
CA PRO B 164 6.02 -43.86 -11.35
C PRO B 164 7.33 -43.39 -10.72
N THR B 165 7.41 -42.08 -10.47
CA THR B 165 8.64 -41.48 -9.98
C THR B 165 8.98 -41.95 -8.57
N ASP B 166 7.95 -42.13 -7.74
CA ASP B 166 8.16 -42.47 -6.33
C ASP B 166 8.41 -43.96 -6.08
N SER B 167 8.79 -44.72 -7.10
CA SER B 167 9.08 -46.14 -6.95
C SER B 167 10.51 -46.49 -7.31
N ILE B 168 11.33 -45.51 -7.68
CA ILE B 168 12.72 -45.73 -8.06
C ILE B 168 13.60 -44.70 -7.36
N TRP B 169 14.92 -44.92 -7.42
CA TRP B 169 15.88 -44.00 -6.84
C TRP B 169 15.96 -42.72 -7.66
N VAL B 170 15.95 -41.58 -6.96
CA VAL B 170 16.01 -40.27 -7.62
C VAL B 170 17.08 -39.43 -6.93
N PRO B 171 18.00 -38.84 -7.68
CA PRO B 171 19.03 -38.00 -7.06
C PRO B 171 18.45 -36.70 -6.51
N ASP B 172 19.13 -36.17 -5.49
CA ASP B 172 18.69 -34.95 -4.81
C ASP B 172 19.49 -33.76 -5.36
N ILE B 173 19.08 -33.29 -6.54
CA ILE B 173 19.72 -32.15 -7.19
C ILE B 173 18.92 -30.90 -6.85
N LEU B 174 19.58 -29.93 -6.23
CA LEU B 174 18.96 -28.69 -5.80
C LEU B 174 19.80 -27.51 -6.27
N ILE B 175 19.38 -26.31 -5.89
CA ILE B 175 20.04 -25.07 -6.26
C ILE B 175 20.55 -24.40 -5.00
N ASN B 176 21.83 -23.99 -5.01
CA ASN B 176 22.44 -23.38 -3.83
C ASN B 176 21.77 -22.06 -3.47
N GLU B 177 21.43 -21.26 -4.47
CA GLU B 177 20.93 -19.90 -4.24
C GLU B 177 19.49 -19.85 -3.74
N PHE B 178 18.86 -20.95 -3.35
CA PHE B 178 17.48 -20.89 -2.87
C PHE B 178 17.37 -20.07 -1.59
N VAL B 179 16.37 -19.20 -1.56
CA VAL B 179 15.96 -18.50 -0.34
C VAL B 179 14.51 -18.79 0.03
N ASP B 180 13.79 -19.52 -0.81
CA ASP B 180 12.40 -19.88 -0.56
C ASP B 180 12.08 -21.10 -1.42
N VAL B 181 10.91 -21.68 -1.18
CA VAL B 181 10.44 -22.84 -1.92
C VAL B 181 9.33 -22.39 -2.87
N GLY B 182 9.57 -22.56 -4.16
CA GLY B 182 8.56 -22.22 -5.15
C GLY B 182 7.49 -23.28 -5.26
N LYS B 183 6.38 -22.90 -5.88
CA LYS B 183 5.24 -23.79 -6.09
C LYS B 183 5.26 -24.27 -7.54
N SER B 184 5.58 -25.55 -7.73
CA SER B 184 5.64 -26.17 -9.04
C SER B 184 4.86 -27.47 -9.03
N PRO B 185 4.26 -27.84 -10.15
CA PRO B 185 3.50 -29.10 -10.21
C PRO B 185 4.42 -30.30 -10.11
N ASN B 186 3.85 -31.41 -9.65
CA ASN B 186 4.56 -32.67 -9.49
C ASN B 186 4.30 -33.56 -10.69
N ILE B 187 5.37 -34.14 -11.25
CA ILE B 187 5.29 -35.03 -12.40
C ILE B 187 5.44 -36.46 -11.89
N PRO B 188 4.40 -37.29 -11.98
CA PRO B 188 4.46 -38.61 -11.34
C PRO B 188 4.96 -39.74 -12.24
N TYR B 189 5.54 -39.43 -13.40
CA TYR B 189 5.99 -40.47 -14.31
C TYR B 189 7.36 -40.14 -14.87
N VAL B 190 8.13 -41.19 -15.17
CA VAL B 190 9.43 -41.06 -15.83
C VAL B 190 9.53 -42.14 -16.90
N TYR B 191 10.42 -41.91 -17.88
CA TYR B 191 10.78 -42.95 -18.85
C TYR B 191 11.90 -43.82 -18.33
N VAL B 192 11.83 -45.10 -18.67
CA VAL B 192 12.93 -46.04 -18.52
C VAL B 192 13.13 -46.76 -19.84
N HIS B 193 14.37 -46.76 -20.34
CA HIS B 193 14.75 -47.50 -21.54
C HIS B 193 15.35 -48.85 -21.16
N HIS B 194 15.57 -49.67 -22.18
CA HIS B 194 16.00 -51.05 -21.96
C HIS B 194 17.48 -51.17 -21.60
N ARG B 195 18.20 -50.05 -21.48
CA ARG B 195 19.61 -50.09 -21.10
C ARG B 195 19.87 -49.37 -19.78
N GLY B 196 18.84 -49.17 -18.96
CA GLY B 196 18.97 -48.44 -17.72
C GLY B 196 18.85 -46.94 -17.84
N GLU B 197 18.60 -46.43 -19.03
CA GLU B 197 18.42 -45.00 -19.25
C GLU B 197 17.15 -44.52 -18.55
N VAL B 198 17.28 -43.58 -17.62
CA VAL B 198 16.15 -42.99 -16.90
C VAL B 198 16.16 -41.50 -17.14
N GLN B 199 15.03 -40.97 -17.62
CA GLN B 199 14.88 -39.57 -17.95
C GLN B 199 13.75 -38.95 -17.13
N ASN B 200 13.92 -37.69 -16.75
CA ASN B 200 12.99 -37.00 -15.87
C ASN B 200 12.80 -35.57 -16.35
N TYR B 201 11.55 -35.19 -16.61
CA TYR B 201 11.16 -33.85 -17.03
C TYR B 201 10.32 -33.21 -15.94
N LYS B 202 10.58 -31.93 -15.64
CA LYS B 202 9.74 -31.21 -14.70
C LYS B 202 9.88 -29.69 -14.84
N PRO B 203 8.82 -28.93 -14.57
CA PRO B 203 8.95 -27.48 -14.49
C PRO B 203 9.27 -27.02 -13.08
N LEU B 204 10.06 -25.95 -13.00
CA LEU B 204 10.53 -25.45 -11.71
C LEU B 204 10.33 -23.94 -11.63
N GLN B 205 9.77 -23.48 -10.52
CA GLN B 205 9.72 -22.07 -10.18
C GLN B 205 10.83 -21.79 -9.18
N LEU B 206 11.73 -20.88 -9.52
CA LEU B 206 12.94 -20.63 -8.74
C LEU B 206 12.87 -19.25 -8.12
N VAL B 207 13.06 -19.20 -6.80
CA VAL B 207 13.15 -17.95 -6.05
C VAL B 207 14.55 -17.93 -5.43
N THR B 208 15.47 -17.19 -6.05
CA THR B 208 16.86 -17.21 -5.68
C THR B 208 17.32 -15.82 -5.25
N ALA B 209 18.50 -15.77 -4.65
CA ALA B 209 19.12 -14.53 -4.22
C ALA B 209 20.20 -14.12 -5.22
N CYS B 210 20.11 -12.90 -5.71
CA CYS B 210 21.05 -12.38 -6.70
C CYS B 210 21.53 -11.00 -6.29
N SER B 211 22.77 -10.69 -6.66
CA SER B 211 23.34 -9.37 -6.43
C SER B 211 23.06 -8.50 -7.64
N LEU B 212 22.24 -7.47 -7.44
CA LEU B 212 21.80 -6.60 -8.53
C LEU B 212 22.51 -5.26 -8.44
N ASP B 213 23.10 -4.83 -9.55
CA ASP B 213 23.76 -3.54 -9.64
C ASP B 213 22.88 -2.57 -10.42
N ILE B 214 22.51 -1.47 -9.78
CA ILE B 214 21.59 -0.50 -10.37
C ILE B 214 22.28 0.84 -10.53
N TYR B 215 23.60 0.82 -10.81
CA TYR B 215 24.36 2.05 -10.97
C TYR B 215 23.82 2.88 -12.12
N ASN B 216 23.50 2.24 -13.23
CA ASN B 216 22.81 2.87 -14.37
C ASN B 216 21.43 2.21 -14.44
N PHE B 217 20.48 2.77 -13.69
CA PHE B 217 19.20 2.09 -13.46
C PHE B 217 18.38 1.83 -14.71
N PRO B 218 18.12 2.80 -15.60
CA PRO B 218 17.24 2.49 -16.74
C PRO B 218 17.88 1.58 -17.77
N PHE B 219 19.21 1.46 -17.78
CA PHE B 219 19.92 0.70 -18.80
C PHE B 219 20.82 -0.36 -18.19
N ASP B 220 20.45 -0.88 -17.03
CA ASP B 220 21.28 -1.87 -16.36
C ASP B 220 21.16 -3.24 -17.02
N VAL B 221 22.23 -4.03 -16.88
CA VAL B 221 22.28 -5.40 -17.39
C VAL B 221 22.59 -6.29 -16.19
N GLN B 222 21.72 -7.26 -15.93
CA GLN B 222 21.90 -8.10 -14.76
C GLN B 222 22.49 -9.45 -15.14
N ASN B 223 23.31 -9.98 -14.22
CA ASN B 223 24.08 -11.21 -14.43
C ASN B 223 23.93 -12.07 -13.17
N CYS B 224 22.90 -12.91 -13.15
CA CYS B 224 22.62 -13.76 -12.00
C CYS B 224 23.16 -15.16 -12.24
N SER B 225 23.15 -15.99 -11.19
CA SER B 225 23.69 -17.33 -11.30
C SER B 225 22.75 -18.33 -10.65
N LEU B 226 22.64 -19.52 -11.26
CA LEU B 226 21.88 -20.63 -10.71
C LEU B 226 22.81 -21.85 -10.67
N THR B 227 23.09 -22.35 -9.47
CA THR B 227 24.07 -23.42 -9.29
C THR B 227 23.34 -24.71 -8.91
N PHE B 228 23.35 -25.68 -9.81
CA PHE B 228 22.77 -26.99 -9.56
C PHE B 228 23.82 -27.90 -8.95
N THR B 229 23.48 -28.54 -7.84
CA THR B 229 24.40 -29.47 -7.19
C THR B 229 23.59 -30.43 -6.31
N SER B 230 24.24 -31.53 -5.94
CA SER B 230 23.65 -32.47 -4.99
C SER B 230 23.92 -31.97 -3.58
N TRP B 231 22.87 -31.94 -2.75
CA TRP B 231 23.01 -31.35 -1.43
C TRP B 231 23.84 -32.23 -0.51
N LEU B 232 23.70 -33.55 -0.62
CA LEU B 232 24.39 -34.47 0.27
C LEU B 232 25.57 -35.17 -0.40
N HIS B 233 25.34 -35.81 -1.54
CA HIS B 233 26.35 -36.69 -2.12
C HIS B 233 27.56 -35.91 -2.64
N THR B 234 28.74 -36.46 -2.39
CA THR B 234 29.99 -35.86 -2.85
C THR B 234 30.26 -36.27 -4.29
N ILE B 235 31.43 -35.87 -4.80
CA ILE B 235 31.78 -36.16 -6.18
C ILE B 235 32.10 -37.64 -6.37
N GLN B 236 32.35 -38.37 -5.28
CA GLN B 236 32.57 -39.81 -5.39
C GLN B 236 31.29 -40.59 -5.61
N ASP B 237 30.13 -39.95 -5.43
CA ASP B 237 28.83 -40.60 -5.61
C ASP B 237 28.05 -40.03 -6.78
N ILE B 238 27.90 -38.72 -6.86
CA ILE B 238 27.11 -38.07 -7.90
C ILE B 238 27.98 -37.05 -8.61
N ASN B 239 28.02 -37.13 -9.94
CA ASN B 239 28.70 -36.17 -10.79
C ASN B 239 27.70 -35.59 -11.79
N ILE B 240 27.88 -34.33 -12.14
CA ILE B 240 26.94 -33.59 -12.97
C ILE B 240 27.63 -33.18 -14.27
N THR B 241 27.00 -33.50 -15.40
CA THR B 241 27.46 -33.09 -16.72
C THR B 241 26.31 -32.39 -17.43
N LEU B 242 26.49 -32.13 -18.72
CA LEU B 242 25.50 -31.44 -19.53
C LEU B 242 24.86 -32.40 -20.53
N TRP B 243 23.55 -32.26 -20.71
CA TRP B 243 22.83 -33.09 -21.68
C TRP B 243 23.31 -32.82 -23.10
N ARG B 244 23.48 -31.55 -23.45
CA ARG B 244 23.87 -31.16 -24.79
C ARG B 244 25.04 -30.16 -24.72
N SER B 245 25.48 -29.73 -25.89
CA SER B 245 26.63 -28.85 -25.97
C SER B 245 26.31 -27.48 -25.37
N PRO B 246 27.27 -26.83 -24.72
CA PRO B 246 27.02 -25.49 -24.18
C PRO B 246 26.73 -24.45 -25.25
N GLU B 247 27.23 -24.64 -26.47
CA GLU B 247 27.01 -23.66 -27.53
C GLU B 247 25.52 -23.56 -27.88
N GLU B 248 24.84 -24.69 -28.00
CA GLU B 248 23.40 -24.65 -28.26
C GLU B 248 22.59 -24.35 -27.00
N VAL B 249 23.17 -24.53 -25.82
CA VAL B 249 22.48 -24.15 -24.59
C VAL B 249 22.43 -22.62 -24.47
N ARG B 250 23.54 -21.95 -24.75
CA ARG B 250 23.59 -20.50 -24.54
C ARG B 250 22.78 -19.75 -25.59
N SER B 251 22.76 -20.25 -26.82
CA SER B 251 21.97 -19.64 -27.89
C SER B 251 20.64 -20.37 -28.03
N ASP B 252 19.78 -20.16 -27.03
CA ASP B 252 18.49 -20.86 -26.97
C ASP B 252 17.44 -19.90 -26.40
N LYS B 253 16.63 -19.32 -27.30
CA LYS B 253 15.46 -18.52 -26.93
C LYS B 253 14.29 -19.05 -27.74
N SER B 254 13.63 -20.08 -27.23
CA SER B 254 12.58 -20.77 -27.97
C SER B 254 11.20 -20.63 -27.36
N ILE B 255 11.09 -20.59 -26.04
CA ILE B 255 9.79 -20.53 -25.38
C ILE B 255 9.70 -19.28 -24.51
N PHE B 256 10.74 -18.45 -24.55
CA PHE B 256 10.81 -17.30 -23.66
C PHE B 256 9.68 -16.32 -23.95
N ILE B 257 9.12 -15.75 -22.88
CA ILE B 257 8.01 -14.82 -22.97
C ILE B 257 8.58 -13.40 -23.01
N ASN B 258 8.31 -12.68 -24.10
CA ASN B 258 8.82 -11.33 -24.28
C ASN B 258 7.82 -10.32 -23.73
N GLN B 259 8.03 -9.04 -24.08
CA GLN B 259 7.24 -7.88 -23.64
C GLN B 259 6.86 -7.97 -22.16
N GLY B 260 7.88 -8.22 -21.34
CA GLY B 260 7.67 -8.33 -19.91
C GLY B 260 8.70 -7.59 -19.09
N GLU B 261 9.18 -6.46 -19.61
CA GLU B 261 10.12 -5.52 -19.01
C GLU B 261 11.54 -6.06 -18.94
N TRP B 262 11.77 -7.34 -19.27
CA TRP B 262 13.10 -7.92 -19.21
C TRP B 262 13.35 -8.74 -20.47
N GLU B 263 14.56 -8.62 -21.01
CA GLU B 263 14.98 -9.36 -22.19
C GLU B 263 16.08 -10.33 -21.81
N LEU B 264 15.90 -11.60 -22.19
CA LEU B 264 16.88 -12.64 -21.89
C LEU B 264 18.02 -12.54 -22.90
N LEU B 265 19.22 -12.21 -22.42
CA LEU B 265 20.37 -12.15 -23.32
C LEU B 265 20.98 -13.53 -23.54
N GLU B 266 21.40 -14.19 -22.46
CA GLU B 266 22.00 -15.52 -22.63
C GLU B 266 21.99 -16.30 -21.33
N VAL B 267 22.27 -17.60 -21.43
CA VAL B 267 22.40 -18.52 -20.30
C VAL B 267 23.65 -19.35 -20.54
N PHE B 268 24.72 -19.06 -19.83
CA PHE B 268 26.02 -19.68 -20.07
C PHE B 268 26.35 -20.71 -18.99
N PRO B 269 26.56 -21.98 -19.34
CA PRO B 269 26.88 -22.99 -18.33
C PRO B 269 28.37 -23.18 -18.11
N GLN B 270 28.71 -23.62 -16.88
CA GLN B 270 30.09 -23.84 -16.50
C GLN B 270 30.15 -24.87 -15.37
N PHE B 271 31.07 -25.81 -15.48
CA PHE B 271 31.23 -26.84 -14.46
C PHE B 271 32.32 -26.45 -13.46
N LYS B 272 32.12 -26.83 -12.20
CA LYS B 272 33.08 -26.48 -11.16
C LYS B 272 33.06 -27.54 -10.07
N GLU B 273 34.14 -27.58 -9.29
CA GLU B 273 34.28 -28.48 -8.15
C GLU B 273 34.31 -27.62 -6.88
N PHE B 274 33.27 -27.68 -6.08
CA PHE B 274 33.15 -26.85 -4.87
C PHE B 274 33.58 -27.53 -3.59
N SER B 275 34.17 -26.77 -2.67
CA SER B 275 34.63 -27.31 -1.40
C SER B 275 34.89 -26.21 -0.41
N ILE B 276 34.10 -26.10 0.65
CA ILE B 276 34.36 -25.11 1.68
C ILE B 276 35.47 -25.67 2.53
N ASP B 277 35.17 -26.75 3.23
CA ASP B 277 36.18 -27.45 4.02
C ASP B 277 36.91 -28.45 3.15
N ILE B 278 38.19 -28.66 3.41
CA ILE B 278 39.00 -29.53 2.55
C ILE B 278 38.50 -30.92 2.19
N SER B 279 38.15 -31.72 3.20
CA SER B 279 37.75 -33.12 3.01
C SER B 279 36.57 -33.49 2.11
N ASN B 280 35.74 -32.53 1.71
CA ASN B 280 34.56 -32.88 0.95
C ASN B 280 34.49 -32.05 -0.30
N SER B 281 34.36 -32.69 -1.45
CA SER B 281 34.29 -31.97 -2.71
C SER B 281 33.02 -32.39 -3.44
N TYR B 282 32.36 -31.41 -4.04
CA TYR B 282 31.08 -31.61 -4.69
C TYR B 282 31.12 -31.07 -6.12
N ALA B 283 30.30 -31.64 -6.99
CA ALA B 283 30.20 -31.18 -8.37
C ALA B 283 29.09 -30.14 -8.48
N GLU B 284 29.38 -29.04 -9.18
CA GLU B 284 28.41 -27.97 -9.34
C GLU B 284 28.35 -27.57 -10.81
N MET B 285 27.15 -27.26 -11.28
CA MET B 285 26.92 -26.75 -12.63
C MET B 285 26.27 -25.38 -12.49
N LYS B 286 27.00 -24.33 -12.87
CA LYS B 286 26.55 -22.96 -12.70
C LYS B 286 26.07 -22.42 -14.04
N PHE B 287 24.85 -21.93 -14.08
CA PHE B 287 24.27 -21.26 -15.24
C PHE B 287 24.24 -19.77 -14.94
N TYR B 288 25.01 -18.99 -15.69
CA TYR B 288 25.00 -17.54 -15.61
C TYR B 288 23.90 -17.03 -16.53
N VAL B 289 22.86 -16.47 -15.95
CA VAL B 289 21.74 -15.90 -16.69
C VAL B 289 21.98 -14.41 -16.82
N ILE B 290 22.19 -13.95 -18.04
CA ILE B 290 22.41 -12.54 -18.34
C ILE B 290 21.15 -12.00 -19.01
N ILE B 291 20.57 -10.96 -18.42
CA ILE B 291 19.34 -10.35 -18.88
C ILE B 291 19.53 -8.83 -18.94
N ARG B 292 18.66 -8.17 -19.70
CA ARG B 292 18.75 -6.74 -19.92
C ARG B 292 17.37 -6.10 -19.77
N ARG B 293 17.34 -4.93 -19.13
CA ARG B 293 16.11 -4.20 -18.88
C ARG B 293 15.75 -3.33 -20.09
N ARG B 294 14.45 -3.23 -20.37
CA ARG B 294 13.95 -2.36 -21.41
C ARG B 294 13.70 -0.97 -20.83
N PRO B 295 14.39 0.07 -21.31
CA PRO B 295 14.27 1.39 -20.66
C PRO B 295 13.01 2.14 -21.04
N LEU B 296 12.35 1.78 -22.14
CA LEU B 296 11.19 2.53 -22.62
C LEU B 296 10.04 2.54 -21.63
N PHE B 297 10.02 1.57 -20.70
CA PHE B 297 8.99 1.58 -19.65
C PHE B 297 9.12 2.82 -18.77
N TYR B 298 10.35 3.24 -18.47
CA TYR B 298 10.61 4.38 -17.62
C TYR B 298 11.00 5.64 -18.38
N ALA B 299 10.86 5.63 -19.71
CA ALA B 299 11.27 6.76 -20.53
C ALA B 299 10.26 7.89 -20.53
N VAL B 300 9.03 7.66 -20.07
CA VAL B 300 7.99 8.70 -20.10
C VAL B 300 7.59 9.07 -18.68
N SER B 301 7.88 8.19 -17.72
CA SER B 301 7.54 8.47 -16.33
C SER B 301 8.60 9.30 -15.62
N LEU B 302 9.76 9.50 -16.23
CA LEU B 302 10.86 10.23 -15.62
C LEU B 302 11.34 11.43 -16.43
N LEU B 303 10.87 11.60 -17.66
CA LEU B 303 11.40 12.62 -18.55
C LEU B 303 10.42 13.75 -18.84
N LEU B 304 9.18 13.41 -19.21
CA LEU B 304 8.20 14.44 -19.57
C LEU B 304 7.88 15.40 -18.43
N PRO B 305 7.62 14.97 -17.18
CA PRO B 305 7.38 15.96 -16.13
C PRO B 305 8.56 16.90 -15.89
N SER B 306 9.79 16.39 -16.02
CA SER B 306 10.96 17.23 -15.81
C SER B 306 11.04 18.34 -16.86
N ILE B 307 10.85 17.99 -18.13
CA ILE B 307 10.93 18.99 -19.19
C ILE B 307 9.74 19.94 -19.12
N PHE B 308 8.58 19.44 -18.66
CA PHE B 308 7.42 20.30 -18.47
C PHE B 308 7.70 21.35 -17.39
N LEU B 309 8.30 20.92 -16.28
CA LEU B 309 8.61 21.88 -15.21
C LEU B 309 9.71 22.84 -15.64
N MET B 310 10.67 22.36 -16.43
CA MET B 310 11.69 23.26 -16.96
C MET B 310 11.09 24.31 -17.89
N VAL B 311 10.16 23.92 -18.76
CA VAL B 311 9.61 24.88 -19.72
C VAL B 311 8.68 25.87 -19.02
N VAL B 312 7.95 25.44 -17.97
CA VAL B 312 7.15 26.42 -17.25
C VAL B 312 8.04 27.35 -16.42
N ASP B 313 9.18 26.83 -15.93
CA ASP B 313 10.15 27.72 -15.30
C ASP B 313 10.68 28.76 -16.29
N ILE B 314 10.94 28.34 -17.52
CA ILE B 314 11.44 29.26 -18.54
C ILE B 314 10.40 30.33 -18.85
N VAL B 315 9.13 29.92 -19.01
CA VAL B 315 8.10 30.89 -19.33
C VAL B 315 7.76 31.76 -18.13
N GLY B 316 8.12 31.35 -16.91
CA GLY B 316 7.87 32.19 -15.75
C GLY B 316 8.73 33.44 -15.71
N PHE B 317 9.85 33.45 -16.42
CA PHE B 317 10.72 34.62 -16.44
C PHE B 317 10.13 35.79 -17.20
N CYS B 318 9.06 35.58 -17.97
CA CYS B 318 8.47 36.67 -18.74
C CYS B 318 7.74 37.67 -17.85
N LEU B 319 7.46 37.31 -16.61
CA LEU B 319 6.82 38.25 -15.68
C LEU B 319 7.80 39.36 -15.33
N PRO B 320 7.34 40.61 -15.22
CA PRO B 320 8.23 41.68 -14.77
C PRO B 320 8.66 41.46 -13.33
N PRO B 321 9.87 41.86 -12.96
CA PRO B 321 10.35 41.62 -11.59
C PRO B 321 9.54 42.35 -10.53
N ASP B 322 8.97 43.52 -10.85
CA ASP B 322 8.24 44.31 -9.87
C ASP B 322 6.74 44.01 -9.86
N SER B 323 6.30 42.98 -10.58
CA SER B 323 4.88 42.65 -10.62
C SER B 323 4.39 42.20 -9.25
N GLY B 324 5.18 41.40 -8.54
CA GLY B 324 4.89 40.97 -7.20
C GLY B 324 4.52 39.51 -7.05
N GLU B 325 4.04 38.87 -8.11
CA GLU B 325 3.67 37.46 -8.06
C GLU B 325 4.76 36.55 -8.60
N ARG B 326 5.91 37.09 -8.98
CA ARG B 326 7.00 36.25 -9.46
C ARG B 326 7.53 35.34 -8.37
N VAL B 327 7.70 35.87 -7.15
CA VAL B 327 8.20 35.07 -6.04
C VAL B 327 7.22 33.97 -5.69
N SER B 328 5.93 34.29 -5.66
CA SER B 328 4.92 33.27 -5.39
C SER B 328 4.92 32.19 -6.46
N PHE B 329 5.05 32.59 -7.73
CA PHE B 329 5.14 31.64 -8.82
C PHE B 329 6.33 30.70 -8.64
N LYS B 330 7.49 31.25 -8.29
CA LYS B 330 8.69 30.43 -8.17
C LYS B 330 8.61 29.50 -6.98
N ILE B 331 8.08 29.97 -5.85
CA ILE B 331 7.99 29.10 -4.67
C ILE B 331 6.93 28.01 -4.90
N THR B 332 5.85 28.33 -5.61
CA THR B 332 4.87 27.30 -5.96
C THR B 332 5.47 26.25 -6.87
N LEU B 333 6.28 26.68 -7.85
CA LEU B 333 6.94 25.74 -8.74
C LEU B 333 7.92 24.85 -7.98
N LEU B 334 8.67 25.44 -7.04
CA LEU B 334 9.60 24.66 -6.23
C LEU B 334 8.87 23.65 -5.36
N LEU B 335 7.73 24.05 -4.78
CA LEU B 335 6.93 23.11 -3.99
C LEU B 335 6.41 21.97 -4.85
N GLY B 336 5.95 22.29 -6.07
CA GLY B 336 5.50 21.23 -6.97
C GLY B 336 6.61 20.27 -7.35
N TYR B 337 7.80 20.81 -7.62
CA TYR B 337 8.93 19.94 -7.97
C TYR B 337 9.33 19.06 -6.78
N SER B 338 9.28 19.62 -5.57
CA SER B 338 9.59 18.81 -4.38
C SER B 338 8.57 17.70 -4.20
N VAL B 339 7.28 18.01 -4.40
CA VAL B 339 6.25 16.98 -4.31
C VAL B 339 6.49 15.89 -5.36
N PHE B 340 6.84 16.30 -6.58
CA PHE B 340 7.14 15.33 -7.63
C PHE B 340 8.30 14.42 -7.24
N LEU B 341 9.41 14.99 -6.79
CA LEU B 341 10.57 14.16 -6.49
C LEU B 341 10.28 13.22 -5.32
N ILE B 342 9.56 13.70 -4.32
CA ILE B 342 9.22 12.85 -3.18
C ILE B 342 8.30 11.70 -3.62
N ILE B 343 7.31 12.00 -4.46
CA ILE B 343 6.34 10.98 -4.85
C ILE B 343 6.92 10.04 -5.91
N VAL B 344 8.03 10.39 -6.55
CA VAL B 344 8.64 9.52 -7.55
C VAL B 344 9.82 8.71 -7.00
N SER B 345 10.55 9.23 -6.00
CA SER B 345 11.76 8.55 -5.54
C SER B 345 11.47 7.18 -4.95
N ASP B 346 10.23 6.91 -4.55
CA ASP B 346 9.90 5.59 -4.04
C ASP B 346 9.96 4.53 -5.15
N THR B 347 9.54 4.89 -6.36
CA THR B 347 9.52 3.94 -7.48
C THR B 347 10.90 3.68 -8.05
N LEU B 348 11.91 4.47 -7.68
CA LEU B 348 13.27 4.27 -8.16
C LEU B 348 14.12 3.70 -7.03
N PRO B 349 14.44 2.38 -7.09
CA PRO B 349 15.18 1.90 -5.92
C PRO B 349 16.62 2.37 -5.86
N ALA B 350 17.19 2.41 -4.67
CA ALA B 350 18.58 2.79 -4.52
C ALA B 350 19.18 1.85 -3.50
N THR B 351 19.99 0.92 -3.97
CA THR B 351 20.55 -0.08 -3.08
C THR B 351 22.02 -0.30 -3.37
N ALA B 352 22.68 -1.16 -2.60
CA ALA B 352 24.10 -1.48 -2.80
C ALA B 352 25.01 -0.26 -2.79
N ILE B 353 25.79 -0.08 -3.85
CA ILE B 353 26.76 1.02 -3.90
C ILE B 353 26.15 2.41 -3.71
N GLY B 354 24.87 2.58 -4.02
CA GLY B 354 24.25 3.88 -3.83
C GLY B 354 23.26 4.23 -4.90
N THR B 355 22.84 5.49 -4.94
CA THR B 355 21.85 5.93 -5.91
C THR B 355 22.40 5.96 -7.33
N PRO B 356 21.53 5.68 -8.31
CA PRO B 356 21.98 5.82 -9.70
C PRO B 356 22.22 7.28 -10.11
N LEU B 357 22.77 7.50 -11.29
CA LEU B 357 23.01 8.86 -11.78
C LEU B 357 21.75 9.67 -11.97
N ILE B 358 20.57 9.03 -11.95
CA ILE B 358 19.31 9.76 -12.06
C ILE B 358 19.15 10.69 -10.87
N GLY B 359 19.54 10.25 -9.68
CA GLY B 359 19.54 11.13 -8.52
C GLY B 359 20.48 12.31 -8.69
N VAL B 360 21.64 12.07 -9.32
CA VAL B 360 22.58 13.17 -9.57
C VAL B 360 21.97 14.20 -10.52
N TYR B 361 21.30 13.73 -11.58
CA TYR B 361 20.68 14.67 -12.50
C TYR B 361 19.52 15.42 -11.85
N PHE B 362 18.76 14.74 -10.98
CA PHE B 362 17.70 15.42 -10.24
C PHE B 362 18.27 16.47 -9.30
N VAL B 363 19.41 16.18 -8.67
CA VAL B 363 20.06 17.16 -7.81
C VAL B 363 20.55 18.36 -8.63
N VAL B 364 21.02 18.10 -9.85
CA VAL B 364 21.43 19.18 -10.74
C VAL B 364 20.23 20.07 -11.08
N CYS B 365 19.07 19.44 -11.35
CA CYS B 365 17.86 20.22 -11.61
C CYS B 365 17.45 21.04 -10.38
N MET B 366 17.59 20.45 -9.19
CA MET B 366 17.33 21.19 -7.96
C MET B 366 18.23 22.41 -7.84
N ALA B 367 19.52 22.24 -8.13
CA ALA B 367 20.46 23.35 -8.06
C ALA B 367 20.09 24.44 -9.06
N LEU B 368 19.70 24.05 -10.27
CA LEU B 368 19.29 25.03 -11.27
C LEU B 368 18.05 25.81 -10.82
N LEU B 369 17.07 25.11 -10.26
CA LEU B 369 15.88 25.78 -9.77
C LEU B 369 16.20 26.73 -8.62
N VAL B 370 17.09 26.31 -7.71
CA VAL B 370 17.49 27.16 -6.59
C VAL B 370 18.21 28.40 -7.10
N ILE B 371 19.06 28.24 -8.12
CA ILE B 371 19.76 29.39 -8.70
C ILE B 371 18.76 30.36 -9.32
N SER B 372 17.76 29.84 -10.03
CA SER B 372 16.72 30.70 -10.61
C SER B 372 15.96 31.45 -9.53
N LEU B 373 15.60 30.75 -8.45
CA LEU B 373 14.88 31.41 -7.35
C LEU B 373 15.73 32.49 -6.69
N ALA B 374 17.03 32.22 -6.50
CA ALA B 374 17.92 33.21 -5.91
C ALA B 374 18.05 34.43 -6.79
N GLU B 375 18.14 34.23 -8.12
CA GLU B 375 18.21 35.36 -9.03
C GLU B 375 16.92 36.19 -8.97
N THR B 376 15.76 35.52 -8.90
CA THR B 376 14.51 36.25 -8.77
C THR B 376 14.45 37.05 -7.47
N ILE B 377 14.89 36.45 -6.36
CA ILE B 377 14.89 37.15 -5.09
C ILE B 377 15.80 38.36 -5.14
N PHE B 378 16.99 38.20 -5.73
CA PHE B 378 17.94 39.30 -5.84
C PHE B 378 17.37 40.45 -6.67
N ILE B 379 16.75 40.13 -7.80
CA ILE B 379 16.25 41.20 -8.66
C ILE B 379 15.05 41.90 -8.02
N VAL B 380 14.20 41.15 -7.31
CA VAL B 380 13.08 41.78 -6.61
C VAL B 380 13.59 42.69 -5.50
N ARG B 381 14.64 42.25 -4.78
CA ARG B 381 15.25 43.13 -3.79
C ARG B 381 15.84 44.38 -4.43
N LEU B 382 16.39 44.24 -5.63
CA LEU B 382 17.01 45.38 -6.29
C LEU B 382 15.98 46.40 -6.76
N VAL B 383 14.85 45.94 -7.28
CA VAL B 383 13.90 46.86 -7.92
C VAL B 383 12.86 47.38 -6.92
N HIS B 384 13.02 47.05 -5.65
CA HIS B 384 12.03 47.44 -4.66
C HIS B 384 12.19 48.92 -4.29
N LYS B 385 11.06 49.53 -3.89
CA LYS B 385 11.03 50.93 -3.48
C LYS B 385 11.05 50.97 -1.95
N GLN B 386 12.15 51.49 -1.39
CA GLN B 386 12.32 51.58 0.06
C GLN B 386 12.94 52.92 0.44
N ASP B 387 12.58 53.98 -0.29
CA ASP B 387 13.18 55.31 -0.14
C ASP B 387 14.70 55.22 -0.34
N LEU B 388 15.09 54.80 -1.54
CA LEU B 388 16.48 54.53 -1.86
C LEU B 388 17.26 55.84 -2.02
N GLN B 389 18.58 55.71 -2.08
CA GLN B 389 19.46 56.84 -2.31
C GLN B 389 19.65 57.03 -3.82
N ARG B 390 20.48 58.00 -4.18
CA ARG B 390 20.76 58.25 -5.59
C ARG B 390 21.45 57.04 -6.22
N PRO B 391 21.23 56.83 -7.52
CA PRO B 391 21.92 55.71 -8.18
C PRO B 391 23.43 55.93 -8.22
N VAL B 392 24.18 54.85 -8.02
CA VAL B 392 25.63 54.90 -7.91
C VAL B 392 26.26 55.05 -9.30
N PRO B 393 27.11 56.06 -9.51
CA PRO B 393 27.77 56.18 -10.82
C PRO B 393 28.78 55.09 -11.10
N ASP B 394 29.42 54.54 -10.06
CA ASP B 394 30.42 53.50 -10.24
C ASP B 394 29.84 52.18 -10.72
N TRP B 395 28.51 52.02 -10.64
CA TRP B 395 27.82 50.85 -11.18
C TRP B 395 26.73 51.27 -12.15
N LEU B 396 26.96 52.34 -12.89
CA LEU B 396 26.04 52.83 -13.91
C LEU B 396 26.72 53.02 -15.27
N ARG B 397 27.98 53.45 -15.29
CA ARG B 397 28.69 53.62 -16.55
C ARG B 397 28.92 52.30 -17.26
N HIS B 398 29.25 51.25 -16.51
CA HIS B 398 29.52 49.93 -17.08
C HIS B 398 28.33 49.01 -17.02
N LEU B 399 27.14 49.53 -16.70
CA LEU B 399 25.94 48.73 -16.57
C LEU B 399 24.86 49.12 -17.56
N VAL B 400 24.83 50.38 -18.00
CA VAL B 400 23.88 50.86 -18.99
C VAL B 400 24.57 51.17 -20.31
N LEU B 401 25.64 51.96 -20.27
CA LEU B 401 26.34 52.34 -21.49
C LEU B 401 27.09 51.16 -22.11
N ASP B 402 27.83 50.41 -21.29
CA ASP B 402 28.65 49.32 -21.81
C ASP B 402 27.77 48.14 -22.23
N ARG B 403 26.80 47.76 -21.39
CA ARG B 403 25.91 46.65 -21.72
C ARG B 403 25.05 46.91 -22.95
N ILE B 404 24.88 48.17 -23.35
CA ILE B 404 24.11 48.47 -24.55
C ILE B 404 24.82 47.93 -25.79
N ALA B 405 26.15 47.97 -25.79
CA ALA B 405 26.93 47.49 -26.94
C ALA B 405 27.46 46.08 -26.74
N TRP B 406 27.72 45.66 -25.52
CA TRP B 406 28.25 44.33 -25.29
C TRP B 406 27.18 43.30 -25.59
N ILE B 407 25.98 43.51 -25.06
CA ILE B 407 24.89 42.60 -25.36
C ILE B 407 23.80 43.37 -26.09
N LEU B 408 22.66 42.72 -26.31
CA LEU B 408 21.56 43.35 -27.03
C LEU B 408 21.12 44.63 -26.34
N CYS B 409 20.72 45.62 -27.12
CA CYS B 409 20.35 46.92 -26.53
C CYS B 409 18.97 46.93 -25.90
N LEU B 410 18.50 48.12 -25.52
CA LEU B 410 17.20 48.23 -24.87
C LEU B 410 16.06 47.98 -25.85
N LEU B 472 3.69 93.79 0.24
CA LEU B 472 3.83 93.05 1.49
C LEU B 472 3.21 91.66 1.37
N ALA B 473 2.06 91.58 0.69
CA ALA B 473 1.39 90.30 0.52
C ALA B 473 2.20 89.40 -0.40
N VAL B 474 2.81 89.97 -1.42
CA VAL B 474 3.66 89.21 -2.33
C VAL B 474 4.57 88.25 -1.60
N ARG B 475 5.33 88.76 -0.65
CA ARG B 475 6.26 87.95 0.11
C ARG B 475 5.57 86.76 0.76
N GLY B 476 4.38 86.99 1.32
CA GLY B 476 3.60 85.90 1.89
C GLY B 476 3.19 84.87 0.85
N LEU B 477 2.77 85.33 -0.33
CA LEU B 477 2.36 84.39 -1.38
C LEU B 477 3.53 83.52 -1.84
N LEU B 478 4.71 84.13 -2.07
CA LEU B 478 5.87 83.33 -2.45
C LEU B 478 6.30 82.38 -1.33
N GLN B 479 6.27 82.86 -0.08
CA GLN B 479 6.64 82.00 1.04
C GLN B 479 5.69 80.81 1.16
N GLU B 480 4.39 81.02 0.90
CA GLU B 480 3.45 79.92 0.92
C GLU B 480 3.71 78.94 -0.22
N LEU B 481 3.87 79.45 -1.45
CA LEU B 481 3.97 78.57 -2.60
C LEU B 481 5.31 77.83 -2.65
N SER B 482 6.32 78.33 -1.94
CA SER B 482 7.62 77.67 -1.93
C SER B 482 7.52 76.27 -1.32
N SER B 483 6.69 76.10 -0.29
CA SER B 483 6.54 74.79 0.34
C SER B 483 5.93 73.78 -0.63
N ILE B 484 4.88 74.17 -1.35
CA ILE B 484 4.27 73.28 -2.33
C ILE B 484 5.27 72.92 -3.42
N ARG B 485 6.01 73.92 -3.91
CA ARG B 485 7.01 73.66 -4.94
C ARG B 485 8.07 72.68 -4.45
N HIS B 486 8.56 72.87 -3.23
CA HIS B 486 9.59 72.00 -2.70
C HIS B 486 9.09 70.57 -2.51
N PHE B 487 7.85 70.41 -2.04
CA PHE B 487 7.30 69.08 -1.85
C PHE B 487 7.14 68.36 -3.18
N LEU B 488 6.66 69.07 -4.20
CA LEU B 488 6.54 68.44 -5.51
C LEU B 488 7.91 68.11 -6.10
N GLU B 489 8.90 68.97 -5.86
CA GLU B 489 10.26 68.68 -6.31
C GLU B 489 10.80 67.41 -5.68
N LYS B 490 10.62 67.25 -4.36
CA LYS B 490 11.17 66.06 -3.70
C LYS B 490 10.43 64.80 -4.12
N ARG B 491 9.12 64.89 -4.35
CA ARG B 491 8.38 63.75 -4.89
C ARG B 491 8.91 63.36 -6.27
N ASP B 492 9.16 64.35 -7.13
CA ASP B 492 9.67 64.07 -8.47
C ASP B 492 11.07 63.46 -8.40
N GLU B 493 11.92 63.94 -7.49
CA GLU B 493 13.25 63.36 -7.34
C GLU B 493 13.16 61.90 -6.89
N MET B 494 12.27 61.61 -5.95
CA MET B 494 12.12 60.24 -5.48
C MET B 494 11.66 59.32 -6.61
N ARG B 495 10.67 59.76 -7.39
CA ARG B 495 10.18 58.89 -8.46
C ARG B 495 11.20 58.76 -9.58
N GLU B 496 12.01 59.78 -9.83
CA GLU B 496 13.09 59.65 -10.82
C GLU B 496 14.13 58.64 -10.37
N VAL B 497 14.49 58.67 -9.08
CA VAL B 497 15.42 57.67 -8.55
C VAL B 497 14.84 56.27 -8.70
N ALA B 498 13.54 56.11 -8.40
CA ALA B 498 12.89 54.82 -8.56
C ALA B 498 12.93 54.36 -10.01
N ARG B 499 12.70 55.27 -10.96
CA ARG B 499 12.75 54.92 -12.38
C ARG B 499 14.14 54.45 -12.79
N ASP B 500 15.19 55.15 -12.32
CA ASP B 500 16.55 54.74 -12.65
C ASP B 500 16.86 53.34 -12.11
N TRP B 501 16.46 53.09 -10.86
CA TRP B 501 16.67 51.76 -10.29
C TRP B 501 15.90 50.69 -11.05
N LEU B 502 14.68 51.02 -11.50
CA LEU B 502 13.90 50.07 -12.27
C LEU B 502 14.57 49.75 -13.60
N ARG B 503 15.14 50.76 -14.26
CA ARG B 503 15.85 50.50 -15.52
C ARG B 503 17.06 49.60 -15.29
N VAL B 504 17.82 49.85 -14.22
CA VAL B 504 18.97 49.00 -13.90
C VAL B 504 18.52 47.57 -13.65
N GLY B 505 17.44 47.40 -12.89
CA GLY B 505 16.92 46.06 -12.63
C GLY B 505 16.46 45.35 -13.89
N TYR B 506 15.83 46.09 -14.81
CA TYR B 506 15.38 45.48 -16.05
C TYR B 506 16.57 45.00 -16.89
N VAL B 507 17.63 45.80 -16.96
CA VAL B 507 18.82 45.39 -17.71
C VAL B 507 19.43 44.14 -17.11
N LEU B 508 19.56 44.11 -15.77
CA LEU B 508 20.12 42.95 -15.10
C LEU B 508 19.25 41.71 -15.31
N ASP B 509 17.92 41.88 -15.27
CA ASP B 509 17.02 40.75 -15.48
C ASP B 509 17.18 40.18 -16.87
N ARG B 510 17.29 41.05 -17.88
CA ARG B 510 17.47 40.56 -19.25
C ARG B 510 18.79 39.79 -19.39
N LEU B 511 19.86 40.33 -18.80
CA LEU B 511 21.16 39.66 -18.90
C LEU B 511 21.13 38.28 -18.23
N LEU B 512 20.55 38.22 -17.03
CA LEU B 512 20.49 36.93 -16.33
C LEU B 512 19.57 35.95 -17.04
N PHE B 513 18.50 36.44 -17.68
CA PHE B 513 17.64 35.57 -18.46
C PHE B 513 18.39 34.95 -19.63
N ARG B 514 19.19 35.76 -20.34
CA ARG B 514 19.96 35.22 -21.46
C ARG B 514 20.98 34.19 -20.96
N ILE B 515 21.65 34.48 -19.85
CA ILE B 515 22.65 33.56 -19.31
C ILE B 515 21.99 32.23 -18.92
N TYR B 516 20.84 32.30 -18.24
CA TYR B 516 20.15 31.09 -17.81
C TYR B 516 19.67 30.28 -19.00
N LEU B 517 19.18 30.96 -20.05
CA LEU B 517 18.73 30.24 -21.23
C LEU B 517 19.88 29.50 -21.90
N LEU B 518 21.04 30.17 -22.02
CA LEU B 518 22.21 29.50 -22.61
C LEU B 518 22.66 28.31 -21.77
N ALA B 519 22.66 28.47 -20.44
CA ALA B 519 23.05 27.37 -19.56
C ALA B 519 22.10 26.19 -19.69
N VAL B 520 20.79 26.46 -19.77
CA VAL B 520 19.81 25.38 -19.92
C VAL B 520 20.01 24.66 -21.25
N LEU B 521 20.25 25.41 -22.33
CA LEU B 521 20.48 24.78 -23.62
C LEU B 521 21.73 23.90 -23.60
N ALA B 522 22.80 24.40 -22.99
CA ALA B 522 24.04 23.62 -22.90
C ALA B 522 23.83 22.34 -22.09
N TYR B 523 23.10 22.45 -20.97
CA TYR B 523 22.84 21.26 -20.16
C TYR B 523 22.00 20.24 -20.93
N SER B 524 20.98 20.71 -21.66
CA SER B 524 20.15 19.80 -22.43
C SER B 524 20.97 19.09 -23.52
N ILE B 525 21.86 19.83 -24.19
CA ILE B 525 22.68 19.23 -25.24
C ILE B 525 23.63 18.19 -24.65
N THR B 526 24.31 18.54 -23.55
CA THR B 526 25.25 17.60 -22.95
C THR B 526 24.56 16.44 -22.25
N LEU B 527 23.26 16.55 -21.99
CA LEU B 527 22.52 15.40 -21.48
C LEU B 527 22.04 14.49 -22.60
N VAL B 528 21.59 15.06 -23.72
CA VAL B 528 21.08 14.23 -24.81
C VAL B 528 22.21 13.57 -25.58
N THR B 529 23.42 14.14 -25.55
CA THR B 529 24.52 13.53 -26.28
C THR B 529 24.92 12.18 -25.68
N LEU B 530 24.71 12.00 -24.38
CA LEU B 530 25.01 10.71 -23.76
C LEU B 530 24.06 9.62 -24.26
N TRP B 531 22.77 9.93 -24.34
CA TRP B 531 21.82 8.97 -24.90
C TRP B 531 22.11 8.73 -26.38
N SER B 532 22.52 9.78 -27.10
CA SER B 532 22.84 9.61 -28.51
C SER B 532 24.02 8.67 -28.72
N ILE B 533 25.06 8.80 -27.88
CA ILE B 533 26.24 7.95 -28.06
C ILE B 533 25.98 6.55 -27.52
N TRP B 534 25.09 6.42 -26.53
CA TRP B 534 24.79 5.10 -25.99
C TRP B 534 23.91 4.29 -26.95
N HIS B 535 22.92 4.94 -27.57
CA HIS B 535 21.97 4.20 -28.40
C HIS B 535 22.63 3.62 -29.63
N TYR B 536 23.55 4.36 -30.25
CA TYR B 536 24.24 3.90 -31.46
C TYR B 536 25.41 3.01 -31.07
N SER B 537 25.07 1.83 -30.56
CA SER B 537 26.07 0.86 -30.13
C SER B 537 25.52 -0.56 -30.22
N THR C 82 -21.77 -68.95 -6.03
CA THR C 82 -21.42 -67.96 -5.01
C THR C 82 -22.66 -67.28 -4.45
N THR C 83 -22.49 -66.59 -3.32
CA THR C 83 -23.59 -65.88 -2.70
C THR C 83 -23.72 -64.49 -3.32
N GLN C 84 -24.60 -63.66 -2.76
CA GLN C 84 -24.81 -62.29 -3.24
C GLN C 84 -24.74 -61.34 -2.05
N PRO C 85 -23.53 -61.03 -1.56
CA PRO C 85 -23.42 -60.05 -0.47
C PRO C 85 -23.86 -58.66 -0.91
N ALA C 86 -23.19 -58.12 -1.94
CA ALA C 86 -23.51 -56.82 -2.52
C ALA C 86 -22.68 -56.61 -3.78
N LEU C 87 -22.68 -55.38 -4.31
CA LEU C 87 -21.90 -55.09 -5.51
C LEU C 87 -20.41 -54.95 -5.21
N LEU C 88 -20.01 -54.90 -3.93
CA LEU C 88 -18.63 -54.56 -3.61
C LEU C 88 -17.66 -55.62 -4.12
N ARG C 89 -18.12 -56.87 -4.26
CA ARG C 89 -17.27 -57.92 -4.80
C ARG C 89 -16.81 -57.58 -6.22
N LEU C 90 -17.67 -56.89 -6.98
CA LEU C 90 -17.27 -56.39 -8.29
C LEU C 90 -16.00 -55.55 -8.17
N SER C 91 -15.98 -54.64 -7.20
CA SER C 91 -14.78 -53.85 -6.95
C SER C 91 -13.58 -54.74 -6.71
N ASP C 92 -13.76 -55.79 -5.90
CA ASP C 92 -12.68 -56.75 -5.69
C ASP C 92 -12.25 -57.37 -7.01
N HIS C 93 -13.22 -57.79 -7.82
CA HIS C 93 -12.92 -58.38 -9.12
C HIS C 93 -12.20 -57.39 -10.03
N LEU C 94 -12.35 -56.09 -9.78
CA LEU C 94 -11.64 -55.09 -10.56
C LEU C 94 -10.30 -54.71 -9.95
N LEU C 95 -10.12 -54.91 -8.65
CA LEU C 95 -8.94 -54.38 -7.96
C LEU C 95 -8.18 -55.45 -7.18
N ALA C 96 -8.40 -56.73 -7.48
CA ALA C 96 -7.65 -57.78 -6.80
C ALA C 96 -6.17 -57.77 -7.21
N ASN C 97 -5.92 -57.68 -8.51
CA ASN C 97 -4.56 -57.73 -9.06
C ASN C 97 -4.37 -56.63 -10.10
N TYR C 98 -4.77 -55.42 -9.77
CA TYR C 98 -4.66 -54.28 -10.67
C TYR C 98 -3.40 -53.48 -10.33
N LYS C 99 -2.62 -53.15 -11.36
CA LYS C 99 -1.41 -52.35 -11.21
C LYS C 99 -1.67 -50.96 -11.75
N LYS C 100 -1.52 -49.95 -10.90
CA LYS C 100 -1.83 -48.57 -11.24
C LYS C 100 -0.62 -47.81 -11.80
N GLY C 101 0.52 -48.46 -11.96
CA GLY C 101 1.70 -47.79 -12.46
C GLY C 101 1.97 -48.04 -13.93
N VAL C 102 1.17 -48.91 -14.55
CA VAL C 102 1.36 -49.30 -15.94
C VAL C 102 0.25 -48.69 -16.78
N ARG C 103 0.60 -48.25 -17.98
CA ARG C 103 -0.39 -47.69 -18.89
C ARG C 103 -1.38 -48.78 -19.31
N PRO C 104 -2.68 -48.56 -19.17
CA PRO C 104 -3.67 -49.64 -19.40
C PRO C 104 -4.02 -49.92 -20.86
N VAL C 105 -3.10 -50.61 -21.54
CA VAL C 105 -3.33 -51.07 -22.90
C VAL C 105 -2.82 -52.51 -23.00
N ARG C 106 -3.57 -53.33 -23.74
CA ARG C 106 -3.12 -54.71 -23.99
C ARG C 106 -2.02 -54.75 -25.02
N ASP C 107 -2.04 -53.86 -26.00
CA ASP C 107 -0.97 -53.72 -26.99
C ASP C 107 -0.29 -52.37 -26.76
N TRP C 108 1.03 -52.41 -26.56
CA TRP C 108 1.76 -51.19 -26.24
C TRP C 108 1.90 -50.24 -27.43
N ARG C 109 1.57 -50.69 -28.65
CA ARG C 109 1.67 -49.85 -29.83
C ARG C 109 0.46 -48.94 -30.02
N LYS C 110 -0.61 -49.14 -29.25
CA LYS C 110 -1.81 -48.33 -29.38
C LYS C 110 -1.79 -47.20 -28.36
N PRO C 111 -1.83 -45.93 -28.79
CA PRO C 111 -1.84 -44.84 -27.81
C PRO C 111 -3.15 -44.77 -27.06
N THR C 112 -3.08 -44.16 -25.87
CA THR C 112 -4.26 -43.94 -25.05
C THR C 112 -4.84 -42.57 -25.36
N THR C 113 -6.08 -42.53 -25.82
CA THR C 113 -6.72 -41.29 -26.23
C THR C 113 -7.55 -40.73 -25.08
N VAL C 114 -7.32 -39.46 -24.76
CA VAL C 114 -8.03 -38.76 -23.70
C VAL C 114 -8.85 -37.65 -24.34
N SER C 115 -10.16 -37.67 -24.11
CA SER C 115 -11.05 -36.64 -24.63
C SER C 115 -11.46 -35.71 -23.49
N ILE C 116 -11.21 -34.40 -23.67
CA ILE C 116 -11.33 -33.43 -22.61
C ILE C 116 -12.24 -32.30 -23.06
N ASP C 117 -12.79 -31.58 -22.08
CA ASP C 117 -13.42 -30.29 -22.34
C ASP C 117 -13.49 -29.47 -21.05
N VAL C 118 -13.71 -28.17 -21.24
CA VAL C 118 -13.54 -27.14 -20.22
C VAL C 118 -14.70 -26.15 -20.34
N ILE C 119 -15.24 -25.75 -19.19
CA ILE C 119 -16.21 -24.65 -19.13
C ILE C 119 -15.67 -23.58 -18.18
N MET C 120 -15.53 -22.36 -18.69
CA MET C 120 -15.08 -21.26 -17.85
C MET C 120 -16.15 -20.90 -16.83
N TYR C 121 -15.71 -20.53 -15.62
CA TYR C 121 -16.64 -20.15 -14.56
C TYR C 121 -16.53 -18.68 -14.17
N ALA C 122 -15.33 -18.16 -13.98
CA ALA C 122 -15.15 -16.76 -13.60
C ALA C 122 -13.74 -16.33 -13.94
N ILE C 123 -13.61 -15.08 -14.37
CA ILE C 123 -12.30 -14.46 -14.59
C ILE C 123 -11.90 -13.81 -13.26
N LEU C 124 -10.87 -14.36 -12.62
CA LEU C 124 -10.54 -13.92 -11.27
C LEU C 124 -9.66 -12.68 -11.27
N ASN C 125 -8.59 -12.66 -12.05
CA ASN C 125 -7.69 -11.51 -11.99
C ASN C 125 -6.94 -11.37 -13.30
N VAL C 126 -6.64 -10.12 -13.66
CA VAL C 126 -5.83 -9.79 -14.83
C VAL C 126 -4.77 -8.80 -14.36
N ASP C 127 -3.56 -9.29 -14.08
CA ASP C 127 -2.44 -8.45 -13.70
C ASP C 127 -1.72 -8.00 -14.96
N GLU C 128 -1.90 -6.73 -15.33
CA GLU C 128 -1.32 -6.23 -16.57
C GLU C 128 0.19 -6.01 -16.44
N LYS C 129 0.65 -5.48 -15.31
CA LYS C 129 2.07 -5.20 -15.15
C LYS C 129 2.88 -6.48 -15.02
N ASN C 130 2.29 -7.52 -14.42
CA ASN C 130 2.96 -8.81 -14.32
C ASN C 130 2.61 -9.74 -15.47
N GLN C 131 1.65 -9.37 -16.32
CA GLN C 131 1.20 -10.18 -17.45
C GLN C 131 0.75 -11.57 -16.99
N VAL C 132 -0.18 -11.57 -16.02
CA VAL C 132 -0.65 -12.80 -15.40
C VAL C 132 -2.18 -12.83 -15.48
N LEU C 133 -2.73 -13.99 -15.80
CA LEU C 133 -4.17 -14.19 -15.86
C LEU C 133 -4.57 -15.30 -14.91
N THR C 134 -5.53 -15.02 -14.04
CA THR C 134 -6.03 -15.98 -13.06
C THR C 134 -7.51 -16.24 -13.34
N THR C 135 -7.84 -17.50 -13.60
CA THR C 135 -9.19 -17.90 -13.98
C THR C 135 -9.59 -19.14 -13.22
N TYR C 136 -10.88 -19.48 -13.30
CA TYR C 136 -11.44 -20.69 -12.72
C TYR C 136 -12.24 -21.44 -13.77
N ILE C 137 -12.02 -22.74 -13.87
CA ILE C 137 -12.68 -23.56 -14.89
C ILE C 137 -13.20 -24.84 -14.25
N TRP C 138 -14.21 -25.42 -14.89
CA TRP C 138 -14.67 -26.78 -14.60
C TRP C 138 -14.20 -27.66 -15.75
N TYR C 139 -13.36 -28.63 -15.43
CA TYR C 139 -12.69 -29.46 -16.42
C TYR C 139 -13.19 -30.90 -16.28
N ARG C 140 -13.38 -31.57 -17.41
CA ARG C 140 -13.69 -32.99 -17.35
C ARG C 140 -13.05 -33.70 -18.53
N GLN C 141 -12.78 -34.98 -18.32
CA GLN C 141 -12.05 -35.78 -19.31
C GLN C 141 -12.50 -37.23 -19.20
N TYR C 142 -12.24 -37.99 -20.26
CA TYR C 142 -12.52 -39.41 -20.24
C TYR C 142 -11.51 -40.15 -21.12
N TRP C 143 -11.28 -41.41 -20.75
CA TRP C 143 -10.41 -42.29 -21.52
C TRP C 143 -10.90 -43.73 -21.35
N THR C 144 -10.14 -44.67 -21.90
CA THR C 144 -10.50 -46.09 -21.90
C THR C 144 -9.43 -46.88 -21.15
N ASP C 145 -9.86 -47.67 -20.18
CA ASP C 145 -8.99 -48.56 -19.42
C ASP C 145 -9.34 -50.00 -19.78
N GLU C 146 -8.40 -50.71 -20.40
CA GLU C 146 -8.68 -52.04 -20.91
C GLU C 146 -8.63 -53.12 -19.84
N PHE C 147 -8.22 -52.79 -18.62
CA PHE C 147 -8.21 -53.75 -17.52
C PHE C 147 -9.37 -53.55 -16.56
N LEU C 148 -10.31 -52.66 -16.89
CA LEU C 148 -11.45 -52.40 -16.02
C LEU C 148 -12.76 -52.68 -16.74
N GLN C 149 -12.84 -53.82 -17.42
CA GLN C 149 -14.03 -54.20 -18.17
C GLN C 149 -14.66 -55.42 -17.54
N TRP C 150 -15.99 -55.46 -17.53
CA TRP C 150 -16.72 -56.57 -16.93
C TRP C 150 -18.06 -56.73 -17.65
N THR C 151 -18.65 -57.90 -17.48
CA THR C 151 -20.00 -58.17 -17.98
C THR C 151 -21.02 -57.67 -16.98
N PRO C 152 -22.00 -56.87 -17.40
CA PRO C 152 -23.05 -56.43 -16.45
C PRO C 152 -23.82 -57.59 -15.83
N GLU C 153 -24.06 -58.65 -16.59
CA GLU C 153 -24.62 -59.86 -16.01
C GLU C 153 -23.61 -60.52 -15.09
N ASP C 154 -24.12 -61.34 -14.16
CA ASP C 154 -23.41 -61.98 -13.06
C ASP C 154 -22.96 -60.93 -12.04
N PHE C 155 -23.41 -59.68 -12.14
CA PHE C 155 -23.08 -58.65 -11.17
C PHE C 155 -24.32 -57.80 -10.88
N ASP C 156 -25.50 -58.43 -10.95
CA ASP C 156 -26.79 -57.77 -10.68
C ASP C 156 -27.02 -56.56 -11.59
N ASN C 157 -26.61 -56.71 -12.86
CA ASN C 157 -26.87 -55.71 -13.91
C ASN C 157 -26.30 -54.34 -13.56
N VAL C 158 -25.12 -54.32 -12.95
CA VAL C 158 -24.42 -53.08 -12.66
C VAL C 158 -23.70 -52.62 -13.93
N THR C 159 -23.98 -51.40 -14.36
CA THR C 159 -23.38 -50.87 -15.59
C THR C 159 -22.25 -49.90 -15.33
N LYS C 160 -22.25 -49.20 -14.19
CA LYS C 160 -21.18 -48.27 -13.86
C LYS C 160 -21.11 -48.13 -12.35
N LEU C 161 -19.94 -47.70 -11.87
CA LEU C 161 -19.74 -47.52 -10.44
C LEU C 161 -18.68 -46.46 -10.20
N SER C 162 -18.44 -46.17 -8.92
CA SER C 162 -17.47 -45.18 -8.49
C SER C 162 -16.25 -45.86 -7.87
N ILE C 163 -15.07 -45.40 -8.25
CA ILE C 163 -13.81 -45.96 -7.79
C ILE C 163 -12.93 -44.80 -7.31
N PRO C 164 -12.16 -44.98 -6.23
CA PRO C 164 -11.23 -43.92 -5.80
C PRO C 164 -10.22 -43.58 -6.89
N THR C 165 -9.88 -42.30 -6.98
CA THR C 165 -9.00 -41.82 -8.04
C THR C 165 -7.58 -42.36 -7.88
N ASP C 166 -7.11 -42.47 -6.64
CA ASP C 166 -5.73 -42.85 -6.36
C ASP C 166 -5.50 -44.37 -6.40
N SER C 167 -6.40 -45.13 -7.01
CA SER C 167 -6.24 -46.58 -7.14
C SER C 167 -6.16 -47.05 -8.57
N ILE C 168 -6.19 -46.13 -9.55
CA ILE C 168 -6.13 -46.47 -10.97
C ILE C 168 -5.14 -45.55 -11.66
N TRP C 169 -4.82 -45.89 -12.90
CA TRP C 169 -3.91 -45.08 -13.70
C TRP C 169 -4.59 -43.78 -14.13
N VAL C 170 -3.87 -42.67 -13.99
CA VAL C 170 -4.40 -41.36 -14.36
C VAL C 170 -3.39 -40.62 -15.23
N PRO C 171 -3.78 -40.11 -16.39
CA PRO C 171 -2.82 -39.39 -17.23
C PRO C 171 -2.41 -38.05 -16.61
N ASP C 172 -1.21 -37.60 -16.97
CA ASP C 172 -0.64 -36.36 -16.44
C ASP C 172 -0.84 -35.25 -17.46
N ILE C 173 -2.06 -34.72 -17.49
CA ILE C 173 -2.42 -33.62 -18.38
C ILE C 173 -2.28 -32.32 -17.61
N LEU C 174 -1.44 -31.42 -18.12
CA LEU C 174 -1.16 -30.14 -17.49
C LEU C 174 -1.28 -29.03 -18.54
N ILE C 175 -0.99 -27.81 -18.12
CA ILE C 175 -1.07 -26.63 -18.95
C ILE C 175 0.32 -26.03 -19.09
N ASN C 176 0.73 -25.75 -20.34
CA ASN C 176 2.07 -25.22 -20.60
C ASN C 176 2.28 -23.86 -19.96
N GLU C 177 1.27 -23.00 -20.00
CA GLU C 177 1.40 -21.62 -19.57
C GLU C 177 1.42 -21.44 -18.05
N PHE C 178 1.54 -22.49 -17.24
CA PHE C 178 1.57 -22.32 -15.80
C PHE C 178 2.80 -21.52 -15.36
N VAL C 179 2.57 -20.56 -14.46
CA VAL C 179 3.64 -19.87 -13.75
C VAL C 179 3.52 -20.03 -12.25
N ASP C 180 2.46 -20.67 -11.76
CA ASP C 180 2.25 -20.91 -10.34
C ASP C 180 1.27 -22.06 -10.22
N VAL C 181 1.10 -22.55 -8.99
CA VAL C 181 0.19 -23.64 -8.68
C VAL C 181 -1.02 -23.07 -7.97
N GLY C 182 -2.19 -23.22 -8.58
CA GLY C 182 -3.41 -22.77 -7.97
C GLY C 182 -3.92 -23.72 -6.91
N LYS C 183 -4.83 -23.21 -6.07
CA LYS C 183 -5.43 -23.99 -4.99
C LYS C 183 -6.82 -24.44 -5.43
N SER C 184 -6.96 -25.74 -5.68
CA SER C 184 -8.23 -26.32 -6.10
C SER C 184 -8.52 -27.56 -5.26
N PRO C 185 -9.81 -27.84 -5.01
CA PRO C 185 -10.15 -29.02 -4.22
C PRO C 185 -9.85 -30.31 -4.97
N ASN C 186 -9.65 -31.37 -4.18
CA ASN C 186 -9.33 -32.69 -4.72
C ASN C 186 -10.61 -33.53 -4.78
N ILE C 187 -10.82 -34.18 -5.92
CA ILE C 187 -11.99 -35.03 -6.13
C ILE C 187 -11.54 -36.48 -6.01
N PRO C 188 -11.98 -37.22 -4.98
CA PRO C 188 -11.43 -38.55 -4.74
C PRO C 188 -12.18 -39.69 -5.41
N TYR C 189 -13.08 -39.41 -6.34
CA TYR C 189 -13.88 -40.47 -6.97
C TYR C 189 -13.97 -40.25 -8.47
N VAL C 190 -14.06 -41.36 -9.20
CA VAL C 190 -14.30 -41.33 -10.64
C VAL C 190 -15.34 -42.39 -10.99
N TYR C 191 -15.97 -42.22 -12.15
CA TYR C 191 -16.83 -43.26 -12.72
C TYR C 191 -16.04 -44.24 -13.56
N VAL C 192 -16.46 -45.50 -13.49
CA VAL C 192 -16.02 -46.54 -14.42
C VAL C 192 -17.26 -47.23 -14.97
N HIS C 193 -17.34 -47.34 -16.28
CA HIS C 193 -18.39 -48.07 -16.97
C HIS C 193 -17.92 -49.48 -17.31
N HIS C 194 -18.87 -50.30 -17.77
CA HIS C 194 -18.59 -51.71 -18.01
C HIS C 194 -17.81 -51.98 -19.28
N ARG C 195 -17.41 -50.94 -20.02
CA ARG C 195 -16.61 -51.11 -21.23
C ARG C 195 -15.23 -50.44 -21.11
N GLY C 196 -14.77 -50.18 -19.89
CA GLY C 196 -13.52 -49.50 -19.68
C GLY C 196 -13.58 -47.99 -19.73
N GLU C 197 -14.77 -47.43 -19.90
CA GLU C 197 -14.95 -45.98 -19.90
C GLU C 197 -14.67 -45.40 -18.53
N VAL C 198 -13.69 -44.51 -18.44
CA VAL C 198 -13.32 -43.84 -17.20
C VAL C 198 -13.47 -42.34 -17.39
N GLN C 199 -14.25 -41.71 -16.52
CA GLN C 199 -14.54 -40.28 -16.59
C GLN C 199 -14.07 -39.60 -15.32
N ASN C 200 -13.60 -38.36 -15.46
CA ASN C 200 -13.00 -37.61 -14.35
C ASN C 200 -13.45 -36.16 -14.44
N TYR C 201 -14.06 -35.66 -13.37
CA TYR C 201 -14.51 -34.28 -13.23
C TYR C 201 -13.70 -33.58 -12.14
N LYS C 202 -13.27 -32.34 -12.41
CA LYS C 202 -12.60 -31.57 -11.36
C LYS C 202 -12.62 -30.08 -11.67
N PRO C 203 -12.64 -29.23 -10.64
CA PRO C 203 -12.45 -27.79 -10.85
C PRO C 203 -10.98 -27.40 -10.75
N LEU C 204 -10.60 -26.42 -11.55
CA LEU C 204 -9.21 -26.00 -11.64
C LEU C 204 -9.11 -24.48 -11.54
N GLN C 205 -8.21 -24.00 -10.69
CA GLN C 205 -7.83 -22.59 -10.64
C GLN C 205 -6.52 -22.44 -11.41
N LEU C 206 -6.53 -21.62 -12.44
CA LEU C 206 -5.39 -21.50 -13.36
C LEU C 206 -4.75 -20.13 -13.20
N VAL C 207 -3.44 -20.13 -12.98
CA VAL C 207 -2.62 -18.92 -12.93
C VAL C 207 -1.61 -19.04 -14.06
N THR C 208 -1.87 -18.36 -15.18
CA THR C 208 -1.08 -18.52 -16.39
C THR C 208 -0.47 -17.19 -16.79
N ALA C 209 0.48 -17.27 -17.73
CA ALA C 209 1.14 -16.10 -18.28
C ALA C 209 0.55 -15.77 -19.64
N CYS C 210 0.12 -14.52 -19.81
CA CYS C 210 -0.50 -14.07 -21.04
C CYS C 210 0.11 -12.75 -21.48
N SER C 211 0.16 -12.55 -22.79
CA SER C 211 0.63 -11.29 -23.38
C SER C 211 -0.56 -10.37 -23.55
N LEU C 212 -0.58 -9.28 -22.79
CA LEU C 212 -1.71 -8.34 -22.78
C LEU C 212 -1.33 -7.08 -23.53
N ASP C 213 -2.18 -6.67 -24.47
CA ASP C 213 -1.98 -5.45 -25.24
C ASP C 213 -2.95 -4.38 -24.71
N ILE C 214 -2.41 -3.26 -24.26
CA ILE C 214 -3.19 -2.20 -23.65
C ILE C 214 -3.06 -0.91 -24.46
N TYR C 215 -2.92 -1.06 -25.78
CA TYR C 215 -2.76 0.10 -26.65
C TYR C 215 -3.98 1.01 -26.56
N ASN C 216 -5.18 0.42 -26.56
CA ASN C 216 -6.42 1.14 -26.31
C ASN C 216 -6.97 0.61 -24.99
N PHE C 217 -6.51 1.24 -23.89
CA PHE C 217 -6.72 0.67 -22.56
C PHE C 217 -8.18 0.52 -22.15
N PRO C 218 -9.05 1.54 -22.26
CA PRO C 218 -10.43 1.34 -21.76
C PRO C 218 -11.25 0.39 -22.61
N PHE C 219 -10.86 0.16 -23.86
CA PHE C 219 -11.65 -0.63 -24.79
C PHE C 219 -10.84 -1.78 -25.37
N ASP C 220 -9.89 -2.31 -24.61
CA ASP C 220 -9.04 -3.39 -25.11
C ASP C 220 -9.78 -4.72 -25.10
N VAL C 221 -9.37 -5.60 -26.00
CA VAL C 221 -9.90 -6.96 -26.11
C VAL C 221 -8.71 -7.90 -25.95
N GLN C 222 -8.78 -8.80 -24.97
CA GLN C 222 -7.66 -9.68 -24.71
C GLN C 222 -7.91 -11.07 -25.28
N ASN C 223 -6.82 -11.70 -25.73
CA ASN C 223 -6.84 -12.98 -26.42
C ASN C 223 -5.74 -13.86 -25.82
N CYS C 224 -6.09 -14.61 -24.77
CA CYS C 224 -5.12 -15.45 -24.09
C CYS C 224 -5.25 -16.90 -24.56
N SER C 225 -4.31 -17.74 -24.15
CA SER C 225 -4.31 -19.13 -24.59
C SER C 225 -4.04 -20.05 -23.42
N LEU C 226 -4.72 -21.20 -23.41
CA LEU C 226 -4.49 -22.26 -22.43
C LEU C 226 -4.23 -23.55 -23.21
N THR C 227 -3.03 -24.11 -23.06
CA THR C 227 -2.62 -25.26 -23.84
C THR C 227 -2.55 -26.49 -22.94
N PHE C 228 -3.45 -27.44 -23.14
CA PHE C 228 -3.45 -28.70 -22.42
C PHE C 228 -2.60 -29.72 -23.16
N THR C 229 -1.69 -30.36 -22.43
CA THR C 229 -0.83 -31.38 -23.02
C THR C 229 -0.30 -32.28 -21.92
N SER C 230 0.19 -33.45 -22.32
CA SER C 230 0.87 -34.35 -21.39
C SER C 230 2.32 -33.92 -21.24
N TRP C 231 2.77 -33.80 -19.99
CA TRP C 231 4.11 -33.26 -19.75
C TRP C 231 5.20 -34.25 -20.19
N LEU C 232 4.97 -35.54 -19.99
CA LEU C 232 5.98 -36.55 -20.29
C LEU C 232 5.68 -37.34 -21.55
N HIS C 233 4.49 -37.92 -21.65
CA HIS C 233 4.20 -38.87 -22.71
C HIS C 233 4.13 -38.20 -24.07
N THR C 234 4.70 -38.86 -25.08
CA THR C 234 4.68 -38.36 -26.44
C THR C 234 3.37 -38.75 -27.13
N ILE C 235 3.28 -38.45 -28.43
CA ILE C 235 2.06 -38.74 -29.16
C ILE C 235 1.89 -40.24 -29.41
N GLN C 236 2.97 -41.02 -29.25
CA GLN C 236 2.87 -42.47 -29.37
C GLN C 236 2.22 -43.11 -28.17
N ASP C 237 2.06 -42.38 -27.07
CA ASP C 237 1.46 -42.90 -25.84
C ASP C 237 0.13 -42.24 -25.51
N ILE C 238 0.07 -40.92 -25.50
CA ILE C 238 -1.12 -40.17 -25.13
C ILE C 238 -1.47 -39.22 -26.26
N ASN C 239 -2.73 -39.27 -26.70
CA ASN C 239 -3.27 -38.35 -27.69
C ASN C 239 -4.50 -37.65 -27.11
N ILE C 240 -4.71 -36.40 -27.50
CA ILE C 240 -5.75 -35.56 -26.92
C ILE C 240 -6.75 -35.19 -28.00
N THR C 241 -8.04 -35.42 -27.73
CA THR C 241 -9.12 -35.02 -28.62
C THR C 241 -10.12 -34.19 -27.81
N LEU C 242 -11.27 -33.92 -28.41
CA LEU C 242 -12.31 -33.12 -27.77
C LEU C 242 -13.50 -34.00 -27.40
N TRP C 243 -14.09 -33.73 -26.23
CA TRP C 243 -15.26 -34.48 -25.79
C TRP C 243 -16.45 -34.21 -26.71
N ARG C 244 -16.66 -32.95 -27.08
CA ARG C 244 -17.79 -32.55 -27.90
C ARG C 244 -17.31 -31.68 -29.06
N SER C 245 -18.26 -31.26 -29.88
CA SER C 245 -17.94 -30.48 -31.07
C SER C 245 -17.40 -29.10 -30.68
N PRO C 246 -16.45 -28.57 -31.44
CA PRO C 246 -15.94 -27.22 -31.14
C PRO C 246 -16.99 -26.13 -31.28
N GLU C 247 -18.01 -26.33 -32.12
CA GLU C 247 -19.03 -25.31 -32.32
C GLU C 247 -19.82 -25.06 -31.03
N GLU C 248 -20.20 -26.12 -30.33
CA GLU C 248 -20.89 -25.94 -29.05
C GLU C 248 -19.94 -25.61 -27.93
N VAL C 249 -18.64 -25.88 -28.09
CA VAL C 249 -17.67 -25.45 -27.08
C VAL C 249 -17.49 -23.94 -27.11
N ARG C 250 -17.37 -23.36 -28.31
CA ARG C 250 -17.08 -21.93 -28.40
C ARG C 250 -18.29 -21.09 -28.02
N SER C 251 -19.50 -21.55 -28.34
CA SER C 251 -20.72 -20.83 -27.98
C SER C 251 -21.31 -21.43 -26.70
N ASP C 252 -20.61 -21.19 -25.60
CA ASP C 252 -20.98 -21.76 -24.30
C ASP C 252 -20.72 -20.72 -23.22
N LYS C 253 -21.79 -20.05 -22.77
CA LYS C 253 -21.76 -19.15 -21.62
C LYS C 253 -22.93 -19.55 -20.73
N SER C 254 -22.69 -20.53 -19.85
CA SER C 254 -23.76 -21.11 -19.03
C SER C 254 -23.60 -20.85 -17.54
N ILE C 255 -22.37 -20.84 -17.03
CA ILE C 255 -22.16 -20.68 -15.59
C ILE C 255 -21.29 -19.45 -15.34
N PHE C 256 -20.96 -18.71 -16.40
CA PHE C 256 -20.04 -17.60 -16.27
C PHE C 256 -20.61 -16.51 -15.38
N ILE C 257 -19.74 -15.93 -14.55
CA ILE C 257 -20.13 -14.88 -13.61
C ILE C 257 -19.91 -13.53 -14.27
N ASN C 258 -20.98 -12.76 -14.40
CA ASN C 258 -20.92 -11.47 -15.06
C ASN C 258 -20.66 -10.38 -14.02
N GLN C 259 -20.85 -9.12 -14.43
CA GLN C 259 -20.63 -7.90 -13.64
C GLN C 259 -19.35 -7.99 -12.81
N GLY C 260 -18.26 -8.34 -13.49
CA GLY C 260 -16.97 -8.49 -12.84
C GLY C 260 -15.83 -7.85 -13.62
N GLU C 261 -16.12 -6.76 -14.32
CA GLU C 261 -15.21 -5.92 -15.09
C GLU C 261 -14.74 -6.61 -16.38
N TRP C 262 -15.05 -7.89 -16.60
CA TRP C 262 -14.61 -8.59 -17.79
C TRP C 262 -15.76 -9.39 -18.35
N GLU C 263 -15.89 -9.37 -19.68
CA GLU C 263 -16.92 -10.11 -20.38
C GLU C 263 -16.28 -11.19 -21.24
N LEU C 264 -16.76 -12.42 -21.10
CA LEU C 264 -16.23 -13.55 -21.84
C LEU C 264 -16.84 -13.54 -23.24
N LEU C 265 -15.98 -13.34 -24.25
CA LEU C 265 -16.48 -13.36 -25.62
C LEU C 265 -16.57 -14.77 -26.16
N GLU C 266 -15.45 -15.51 -26.17
CA GLU C 266 -15.51 -16.87 -26.69
C GLU C 266 -14.31 -17.68 -26.20
N VAL C 267 -14.39 -19.00 -26.40
CA VAL C 267 -13.33 -19.96 -26.10
C VAL C 267 -13.21 -20.90 -27.30
N PHE C 268 -12.18 -20.72 -28.11
CA PHE C 268 -12.03 -21.44 -29.36
C PHE C 268 -10.97 -22.53 -29.25
N PRO C 269 -11.30 -23.81 -29.47
CA PRO C 269 -10.29 -24.87 -29.37
C PRO C 269 -9.63 -25.20 -30.69
N GLN C 270 -8.40 -25.69 -30.60
CA GLN C 270 -7.61 -26.05 -31.77
C GLN C 270 -6.58 -27.10 -31.39
N PHE C 271 -6.44 -28.13 -32.22
CA PHE C 271 -5.48 -29.20 -31.97
C PHE C 271 -4.17 -28.93 -32.72
N LYS C 272 -3.06 -29.33 -32.11
CA LYS C 272 -1.75 -29.09 -32.72
C LYS C 272 -0.78 -30.18 -32.27
N GLU C 273 0.29 -30.34 -33.05
CA GLU C 273 1.37 -31.27 -32.75
C GLU C 273 2.62 -30.44 -32.45
N PHE C 274 3.06 -30.44 -31.20
CA PHE C 274 4.21 -29.63 -30.78
C PHE C 274 5.53 -30.38 -30.74
N SER C 275 6.62 -29.70 -31.06
CA SER C 275 7.94 -30.31 -31.06
C SER C 275 9.03 -29.26 -31.09
N ILE C 276 9.79 -29.11 -30.01
CA ILE C 276 10.91 -28.17 -30.02
C ILE C 276 12.02 -28.86 -30.76
N ASP C 277 12.54 -29.92 -30.16
CA ASP C 277 13.57 -30.73 -30.82
C ASP C 277 12.92 -31.77 -31.70
N ILE C 278 13.54 -32.11 -32.82
CA ILE C 278 12.94 -33.02 -33.79
C ILE C 278 12.38 -34.35 -33.31
N SER C 279 13.18 -35.14 -32.60
CA SER C 279 12.78 -36.49 -32.17
C SER C 279 11.55 -36.72 -31.30
N ASN C 280 10.97 -35.69 -30.73
CA ASN C 280 9.86 -35.90 -29.83
C ASN C 280 8.71 -35.04 -30.21
N SER C 281 7.54 -35.64 -30.40
CA SER C 281 6.35 -34.89 -30.78
C SER C 281 5.24 -35.17 -29.79
N TYR C 282 4.52 -34.12 -29.41
CA TYR C 282 3.49 -34.19 -28.38
C TYR C 282 2.18 -33.61 -28.92
N ALA C 283 1.08 -34.08 -28.37
CA ALA C 283 -0.24 -33.58 -28.74
C ALA C 283 -0.64 -32.44 -27.81
N GLU C 284 -1.16 -31.36 -28.39
CA GLU C 284 -1.55 -30.20 -27.62
C GLU C 284 -2.94 -29.75 -28.04
N MET C 285 -3.74 -29.32 -27.08
CA MET C 285 -5.07 -28.77 -27.33
C MET C 285 -5.07 -27.34 -26.77
N LYS C 286 -5.16 -26.36 -27.67
CA LYS C 286 -5.06 -24.95 -27.29
C LYS C 286 -6.45 -24.34 -27.30
N PHE C 287 -6.83 -23.73 -26.19
CA PHE C 287 -8.07 -22.99 -26.07
C PHE C 287 -7.72 -21.51 -26.06
N TYR C 288 -8.16 -20.79 -27.10
CA TYR C 288 -8.01 -19.35 -27.16
C TYR C 288 -9.19 -18.71 -26.46
N VAL C 289 -8.94 -18.07 -25.32
CA VAL C 289 -9.96 -17.39 -24.55
C VAL C 289 -9.93 -15.91 -24.94
N ILE C 290 -11.01 -15.44 -25.55
CA ILE C 290 -11.14 -14.05 -25.97
C ILE C 290 -12.14 -13.39 -25.03
N ILE C 291 -11.70 -12.32 -24.37
CA ILE C 291 -12.49 -11.57 -23.40
C ILE C 291 -12.40 -10.09 -23.72
N ARG C 292 -13.37 -9.33 -23.19
CA ARG C 292 -13.47 -7.90 -23.45
C ARG C 292 -13.72 -7.15 -22.15
N ARG C 293 -13.06 -6.00 -22.01
CA ARG C 293 -13.17 -5.16 -20.83
C ARG C 293 -14.37 -4.23 -20.94
N ARG C 294 -15.03 -4.02 -19.80
CA ARG C 294 -16.14 -3.07 -19.71
C ARG C 294 -15.60 -1.68 -19.42
N PRO C 295 -15.77 -0.70 -20.31
CA PRO C 295 -15.13 0.61 -20.09
C PRO C 295 -15.84 1.48 -19.07
N LEU C 296 -17.11 1.21 -18.76
CA LEU C 296 -17.88 2.08 -17.88
C LEU C 296 -17.29 2.16 -16.47
N PHE C 297 -16.47 1.19 -16.08
CA PHE C 297 -15.80 1.26 -14.79
C PHE C 297 -14.85 2.45 -14.73
N TYR C 298 -14.17 2.76 -15.84
CA TYR C 298 -13.21 3.85 -15.90
C TYR C 298 -13.76 5.08 -16.61
N ALA C 299 -15.06 5.12 -16.90
CA ALA C 299 -15.64 6.24 -17.62
C ALA C 299 -15.91 7.46 -16.76
N VAL C 300 -15.86 7.32 -15.44
CA VAL C 300 -16.16 8.44 -14.55
C VAL C 300 -14.91 8.82 -13.75
N SER C 301 -13.95 7.89 -13.64
CA SER C 301 -12.73 8.17 -12.92
C SER C 301 -11.68 8.88 -13.76
N LEU C 302 -11.89 8.98 -15.08
CA LEU C 302 -10.93 9.59 -15.97
C LEU C 302 -11.49 10.76 -16.78
N LEU C 303 -12.79 11.02 -16.73
CA LEU C 303 -13.42 12.00 -17.60
C LEU C 303 -13.95 13.21 -16.84
N LEU C 304 -14.69 13.01 -15.76
CA LEU C 304 -15.28 14.13 -15.02
C LEU C 304 -14.25 15.09 -14.44
N PRO C 305 -13.17 14.64 -13.78
CA PRO C 305 -12.19 15.64 -13.30
C PRO C 305 -11.56 16.45 -14.41
N SER C 306 -11.32 15.83 -15.57
CA SER C 306 -10.71 16.56 -16.68
C SER C 306 -11.62 17.68 -17.17
N ILE C 307 -12.91 17.39 -17.37
CA ILE C 307 -13.83 18.41 -17.85
C ILE C 307 -14.08 19.46 -16.77
N PHE C 308 -14.05 19.05 -15.50
CA PHE C 308 -14.16 20.02 -14.41
C PHE C 308 -13.00 21.00 -14.42
N LEU C 309 -11.79 20.50 -14.60
CA LEU C 309 -10.63 21.38 -14.63
C LEU C 309 -10.64 22.25 -15.88
N MET C 310 -11.12 21.71 -17.01
CA MET C 310 -11.26 22.54 -18.21
C MET C 310 -12.27 23.66 -18.01
N VAL C 311 -13.41 23.36 -17.36
CA VAL C 311 -14.43 24.40 -17.22
C VAL C 311 -14.00 25.46 -16.21
N VAL C 312 -13.27 25.06 -15.17
CA VAL C 312 -12.77 26.10 -14.24
C VAL C 312 -11.66 26.91 -14.91
N ASP C 313 -10.88 26.29 -15.79
CA ASP C 313 -9.93 27.06 -16.59
C ASP C 313 -10.64 28.07 -17.47
N ILE C 314 -11.76 27.66 -18.08
CA ILE C 314 -12.52 28.56 -18.94
C ILE C 314 -13.08 29.73 -18.13
N VAL C 315 -13.64 29.44 -16.96
CA VAL C 315 -14.22 30.51 -16.15
C VAL C 315 -13.14 31.39 -15.52
N GLY C 316 -11.90 30.91 -15.45
CA GLY C 316 -10.82 31.73 -14.92
C GLY C 316 -10.44 32.90 -15.81
N PHE C 317 -10.78 32.83 -17.10
CA PHE C 317 -10.46 33.91 -18.02
C PHE C 317 -11.31 35.16 -17.79
N CYS C 318 -12.39 35.06 -17.01
CA CYS C 318 -13.24 36.21 -16.78
C CYS C 318 -12.57 37.25 -15.88
N LEU C 319 -11.49 36.90 -15.19
CA LEU C 319 -10.77 37.86 -14.39
C LEU C 319 -10.06 38.88 -15.29
N PRO C 320 -10.03 40.15 -14.92
CA PRO C 320 -9.28 41.12 -15.70
C PRO C 320 -7.79 40.83 -15.63
N PRO C 321 -7.04 41.11 -16.71
CA PRO C 321 -5.61 40.79 -16.70
C PRO C 321 -4.80 41.56 -15.66
N ASP C 322 -5.22 42.78 -15.32
CA ASP C 322 -4.48 43.62 -14.38
C ASP C 322 -4.95 43.46 -12.94
N SER C 323 -5.83 42.49 -12.67
CA SER C 323 -6.32 42.29 -11.31
C SER C 323 -5.20 41.85 -10.38
N GLY C 324 -4.33 40.96 -10.85
CA GLY C 324 -3.16 40.54 -10.11
C GLY C 324 -3.21 39.11 -9.60
N GLU C 325 -4.40 38.54 -9.41
CA GLU C 325 -4.55 37.16 -8.94
C GLU C 325 -4.77 36.17 -10.07
N ARG C 326 -4.74 36.62 -11.33
CA ARG C 326 -4.91 35.69 -12.45
C ARG C 326 -3.75 34.71 -12.53
N VAL C 327 -2.52 35.20 -12.35
CA VAL C 327 -1.35 34.32 -12.41
C VAL C 327 -1.37 33.30 -11.30
N SER C 328 -1.74 33.73 -10.09
CA SER C 328 -1.84 32.81 -8.96
C SER C 328 -2.92 31.76 -9.21
N PHE C 329 -4.05 32.19 -9.77
CA PHE C 329 -5.12 31.25 -10.12
C PHE C 329 -4.63 30.21 -11.11
N LYS C 330 -3.91 30.65 -12.15
CA LYS C 330 -3.47 29.72 -13.18
C LYS C 330 -2.41 28.76 -12.65
N ILE C 331 -1.48 29.25 -11.84
CA ILE C 331 -0.44 28.36 -11.32
C ILE C 331 -1.03 27.38 -10.30
N THR C 332 -2.03 27.81 -9.53
CA THR C 332 -2.71 26.89 -8.62
C THR C 332 -3.45 25.81 -9.40
N LEU C 333 -4.11 26.20 -10.50
CA LEU C 333 -4.80 25.22 -11.34
C LEU C 333 -3.81 24.22 -11.95
N LEU C 334 -2.66 24.72 -12.41
CA LEU C 334 -1.65 23.84 -12.98
C LEU C 334 -1.10 22.87 -11.93
N LEU C 335 -0.88 23.36 -10.71
CA LEU C 335 -0.43 22.49 -9.63
C LEU C 335 -1.47 21.42 -9.32
N GLY C 336 -2.75 21.80 -9.29
CA GLY C 336 -3.79 20.82 -9.06
C GLY C 336 -3.88 19.77 -10.15
N TYR C 337 -3.72 20.19 -11.41
CA TYR C 337 -3.75 19.24 -12.51
C TYR C 337 -2.55 18.30 -12.46
N SER C 338 -1.37 18.82 -12.08
CA SER C 338 -0.20 17.97 -11.93
C SER C 338 -0.41 16.95 -10.82
N VAL C 339 -0.98 17.37 -9.69
CA VAL C 339 -1.27 16.45 -8.59
C VAL C 339 -2.24 15.38 -9.07
N PHE C 340 -3.27 15.77 -9.82
CA PHE C 340 -4.23 14.80 -10.35
C PHE C 340 -3.55 13.78 -11.25
N LEU C 341 -2.75 14.24 -12.21
CA LEU C 341 -2.15 13.30 -13.16
C LEU C 341 -1.18 12.36 -12.44
N ILE C 342 -0.43 12.88 -11.47
CA ILE C 342 0.50 12.03 -10.72
C ILE C 342 -0.26 10.98 -9.92
N ILE C 343 -1.34 11.41 -9.26
CA ILE C 343 -2.07 10.48 -8.39
C ILE C 343 -2.95 9.51 -9.18
N VAL C 344 -3.19 9.79 -10.47
CA VAL C 344 -4.00 8.88 -11.29
C VAL C 344 -3.15 7.95 -12.17
N SER C 345 -1.96 8.39 -12.59
CA SER C 345 -1.17 7.59 -13.54
C SER C 345 -0.77 6.22 -12.98
N ASP C 346 -0.80 6.06 -11.65
CA ASP C 346 -0.49 4.76 -11.07
C ASP C 346 -1.57 3.74 -11.39
N THR C 347 -2.84 4.17 -11.41
CA THR C 347 -3.95 3.25 -11.66
C THR C 347 -4.08 2.88 -13.13
N LEU C 348 -3.37 3.56 -14.02
CA LEU C 348 -3.42 3.25 -15.45
C LEU C 348 -2.11 2.59 -15.85
N PRO C 349 -2.13 1.24 -16.07
CA PRO C 349 -0.82 0.66 -16.37
C PRO C 349 -0.31 1.01 -17.75
N ALA C 350 1.01 0.95 -17.92
CA ALA C 350 1.60 1.20 -19.21
C ALA C 350 2.70 0.18 -19.39
N THR C 351 2.46 -0.81 -20.23
CA THR C 351 3.43 -1.88 -20.40
C THR C 351 3.60 -2.23 -21.88
N ALA C 352 4.49 -3.16 -22.19
CA ALA C 352 4.72 -3.60 -23.57
C ALA C 352 5.08 -2.47 -24.53
N ILE C 353 4.33 -2.33 -25.61
CA ILE C 353 4.64 -1.32 -26.62
C ILE C 353 4.70 0.11 -26.10
N GLY C 354 4.02 0.40 -24.99
CA GLY C 354 4.07 1.74 -24.46
C GLY C 354 2.76 2.21 -23.88
N THR C 355 2.67 3.51 -23.60
CA THR C 355 1.46 4.06 -23.00
C THR C 355 0.29 4.07 -23.96
N PRO C 356 -0.92 3.91 -23.43
CA PRO C 356 -2.10 4.03 -24.29
C PRO C 356 -2.33 5.47 -24.77
N LEU C 357 -3.28 5.68 -25.67
CA LEU C 357 -3.59 7.02 -26.17
C LEU C 357 -4.13 7.95 -25.09
N ILE C 358 -4.50 7.41 -23.93
CA ILE C 358 -4.95 8.26 -22.82
C ILE C 358 -3.83 9.19 -22.37
N GLY C 359 -2.59 8.67 -22.34
CA GLY C 359 -1.46 9.52 -22.04
C GLY C 359 -1.26 10.61 -23.08
N VAL C 360 -1.52 10.29 -24.35
CA VAL C 360 -1.41 11.29 -25.41
C VAL C 360 -2.43 12.40 -25.20
N TYR C 361 -3.67 12.03 -24.87
CA TYR C 361 -4.71 13.03 -24.64
C TYR C 361 -4.40 13.87 -23.40
N PHE C 362 -3.84 13.24 -22.36
CA PHE C 362 -3.43 13.99 -21.17
C PHE C 362 -2.31 14.97 -21.50
N VAL C 363 -1.37 14.56 -22.35
CA VAL C 363 -0.30 15.45 -22.79
C VAL C 363 -0.86 16.62 -23.60
N VAL C 364 -1.88 16.35 -24.40
CA VAL C 364 -2.55 17.42 -25.15
C VAL C 364 -3.20 18.42 -24.20
N CYS C 365 -3.85 17.92 -23.14
CA CYS C 365 -4.43 18.80 -22.13
C CYS C 365 -3.35 19.61 -21.43
N MET C 366 -2.21 18.99 -21.13
CA MET C 366 -1.06 19.71 -20.56
C MET C 366 -0.62 20.84 -21.48
N ALA C 367 -0.51 20.56 -22.78
CA ALA C 367 -0.09 21.59 -23.73
C ALA C 367 -1.10 22.73 -23.78
N LEU C 368 -2.38 22.40 -23.75
CA LEU C 368 -3.41 23.45 -23.76
C LEU C 368 -3.32 24.33 -22.51
N LEU C 369 -3.13 23.71 -21.35
CA LEU C 369 -3.00 24.48 -20.11
C LEU C 369 -1.75 25.36 -20.13
N VAL C 370 -0.65 24.84 -20.66
CA VAL C 370 0.59 25.62 -20.75
C VAL C 370 0.39 26.80 -21.70
N ILE C 371 -0.33 26.59 -22.81
CA ILE C 371 -0.60 27.67 -23.73
C ILE C 371 -1.44 28.75 -23.07
N SER C 372 -2.46 28.34 -22.30
CA SER C 372 -3.28 29.32 -21.57
C SER C 372 -2.44 30.10 -20.56
N LEU C 373 -1.57 29.42 -19.83
CA LEU C 373 -0.71 30.10 -18.86
C LEU C 373 0.23 31.07 -19.55
N ALA C 374 0.80 30.68 -20.69
CA ALA C 374 1.69 31.57 -21.43
C ALA C 374 0.95 32.81 -21.93
N GLU C 375 -0.28 32.63 -22.41
CA GLU C 375 -1.08 33.78 -22.84
C GLU C 375 -1.37 34.71 -21.67
N THR C 376 -1.70 34.16 -20.51
CA THR C 376 -1.93 34.98 -19.33
C THR C 376 -0.67 35.75 -18.94
N ILE C 377 0.49 35.09 -18.96
CA ILE C 377 1.74 35.75 -18.60
C ILE C 377 2.04 36.88 -19.59
N PHE C 378 1.83 36.63 -20.88
CA PHE C 378 2.09 37.64 -21.90
C PHE C 378 1.19 38.85 -21.72
N ILE C 379 -0.11 38.63 -21.45
CA ILE C 379 -1.02 39.76 -21.34
C ILE C 379 -0.75 40.55 -20.06
N VAL C 380 -0.38 39.86 -18.97
CA VAL C 380 -0.02 40.57 -17.74
C VAL C 380 1.24 41.40 -17.95
N ARG C 381 2.22 40.86 -18.68
CA ARG C 381 3.41 41.64 -19.01
C ARG C 381 3.04 42.85 -19.86
N LEU C 382 2.07 42.69 -20.76
CA LEU C 382 1.69 43.79 -21.66
C LEU C 382 0.98 44.91 -20.89
N VAL C 383 0.10 44.56 -19.95
CA VAL C 383 -0.75 45.58 -19.33
C VAL C 383 -0.10 46.17 -18.08
N HIS C 384 1.15 45.79 -17.79
CA HIS C 384 1.80 46.25 -16.58
C HIS C 384 2.28 47.70 -16.73
N LYS C 385 2.34 48.40 -15.60
CA LYS C 385 2.81 49.78 -15.54
C LYS C 385 4.26 49.79 -15.09
N GLN C 386 5.16 50.19 -15.99
CA GLN C 386 6.59 50.24 -15.70
C GLN C 386 7.21 51.49 -16.27
N ASP C 387 6.47 52.61 -16.24
CA ASP C 387 6.87 53.87 -16.88
C ASP C 387 7.15 53.64 -18.37
N LEU C 388 6.10 53.22 -19.07
CA LEU C 388 6.21 52.83 -20.48
C LEU C 388 6.36 54.06 -21.36
N GLN C 389 6.72 53.82 -22.62
CA GLN C 389 6.83 54.87 -23.62
C GLN C 389 5.47 55.09 -24.27
N ARG C 390 5.43 55.98 -25.27
CA ARG C 390 4.20 56.24 -25.99
C ARG C 390 3.75 54.99 -26.74
N PRO C 391 2.44 54.83 -26.92
CA PRO C 391 1.97 53.67 -27.70
C PRO C 391 2.41 53.76 -29.16
N VAL C 392 2.76 52.61 -29.71
CA VAL C 392 3.32 52.52 -31.06
C VAL C 392 2.21 52.64 -32.10
N PRO C 393 2.33 53.57 -33.05
CA PRO C 393 1.29 53.68 -34.10
C PRO C 393 1.28 52.50 -35.05
N ASP C 394 2.44 51.87 -35.29
CA ASP C 394 2.53 50.75 -36.21
C ASP C 394 1.81 49.51 -35.70
N TRP C 395 1.47 49.46 -34.41
CA TRP C 395 0.69 48.37 -33.83
C TRP C 395 -0.55 48.91 -33.14
N LEU C 396 -1.12 49.98 -33.67
CA LEU C 396 -2.36 50.58 -33.17
C LEU C 396 -3.42 50.73 -34.24
N ARG C 397 -3.02 51.04 -35.47
CA ARG C 397 -3.99 51.19 -36.56
C ARG C 397 -4.67 49.87 -36.89
N HIS C 398 -3.91 48.77 -36.90
CA HIS C 398 -4.44 47.46 -37.23
C HIS C 398 -4.79 46.64 -36.00
N LEU C 399 -4.83 47.26 -34.82
CA LEU C 399 -5.13 46.56 -33.57
C LEU C 399 -6.39 47.08 -32.90
N VAL C 400 -6.73 48.35 -33.10
CA VAL C 400 -7.94 48.94 -32.55
C VAL C 400 -8.97 49.22 -33.64
N LEU C 401 -8.56 49.90 -34.72
CA LEU C 401 -9.49 50.25 -35.78
C LEU C 401 -9.90 49.02 -36.59
N ASP C 402 -8.93 48.18 -36.98
CA ASP C 402 -9.24 47.04 -37.82
C ASP C 402 -9.97 45.95 -37.04
N ARG C 403 -9.50 45.65 -35.83
CA ARG C 403 -10.13 44.64 -34.99
C ARG C 403 -11.55 45.00 -34.60
N ILE C 404 -11.92 46.29 -34.66
CA ILE C 404 -13.28 46.68 -34.33
C ILE C 404 -14.27 46.11 -35.34
N ALA C 405 -13.86 46.04 -36.61
CA ALA C 405 -14.72 45.51 -37.66
C ALA C 405 -14.46 44.05 -37.99
N TRP C 406 -13.23 43.59 -37.82
CA TRP C 406 -12.92 42.20 -38.15
C TRP C 406 -13.59 41.28 -37.15
N ILE C 407 -13.45 41.58 -35.87
CA ILE C 407 -14.12 40.79 -34.85
C ILE C 407 -15.11 41.67 -34.11
N LEU C 408 -15.71 41.13 -33.06
CA LEU C 408 -16.70 41.89 -32.29
C LEU C 408 -16.11 43.18 -31.76
N CYS C 409 -16.92 44.23 -31.69
CA CYS C 409 -16.41 45.53 -31.26
C CYS C 409 -16.24 45.65 -29.76
N LEU C 410 -15.96 46.87 -29.29
CA LEU C 410 -15.74 47.08 -27.86
C LEU C 410 -17.04 46.97 -27.07
N LEU C 472 6.32 93.03 -10.81
CA LEU C 472 7.51 92.24 -10.49
C LEU C 472 7.13 90.93 -9.83
N ALA C 473 6.13 90.97 -8.95
CA ALA C 473 5.68 89.75 -8.26
C ALA C 473 5.03 88.81 -9.24
N VAL C 474 4.28 89.35 -10.19
CA VAL C 474 3.63 88.55 -11.23
C VAL C 474 4.55 87.48 -11.77
N ARG C 475 5.72 87.89 -12.23
CA ARG C 475 6.69 86.98 -12.83
C ARG C 475 7.02 85.84 -11.86
N GLY C 476 7.20 86.17 -10.58
CA GLY C 476 7.44 85.14 -9.59
C GLY C 476 6.28 84.17 -9.43
N LEU C 477 5.05 84.70 -9.45
CA LEU C 477 3.87 83.84 -9.33
C LEU C 477 3.76 82.88 -10.50
N LEU C 478 3.93 83.37 -11.73
CA LEU C 478 3.89 82.48 -12.88
C LEU C 478 5.03 81.48 -12.87
N GLN C 479 6.23 81.91 -12.47
CA GLN C 479 7.37 81.00 -12.41
C GLN C 479 7.13 79.89 -11.39
N GLU C 480 6.49 80.23 -10.26
CA GLU C 480 6.15 79.22 -9.27
C GLU C 480 5.11 78.25 -9.80
N LEU C 481 4.02 78.78 -10.37
CA LEU C 481 2.90 77.93 -10.77
C LEU C 481 3.24 77.06 -11.97
N SER C 482 4.25 77.45 -12.76
CA SER C 482 4.63 76.67 -13.93
C SER C 482 5.10 75.28 -13.54
N SER C 483 5.81 75.15 -12.41
CA SER C 483 6.29 73.86 -11.97
C SER C 483 5.13 72.92 -11.62
N ILE C 484 4.14 73.43 -10.89
CA ILE C 484 2.97 72.62 -10.54
C ILE C 484 2.24 72.20 -11.81
N ARG C 485 2.05 73.14 -12.73
CA ARG C 485 1.36 72.81 -13.98
C ARG C 485 2.10 71.73 -14.76
N HIS C 486 3.43 71.84 -14.85
CA HIS C 486 4.22 70.86 -15.60
C HIS C 486 4.15 69.49 -14.95
N PHE C 487 4.21 69.44 -13.61
CA PHE C 487 4.15 68.15 -12.93
C PHE C 487 2.80 67.48 -13.14
N LEU C 488 1.71 68.26 -13.06
CA LEU C 488 0.40 67.67 -13.30
C LEU C 488 0.26 67.24 -14.76
N GLU C 489 0.84 67.99 -15.69
CA GLU C 489 0.81 67.60 -17.10
C GLU C 489 1.52 66.26 -17.31
N LYS C 490 2.70 66.09 -16.71
CA LYS C 490 3.43 64.85 -16.94
C LYS C 490 2.74 63.66 -16.27
N ARG C 491 2.11 63.88 -15.10
CA ARG C 491 1.32 62.82 -14.49
C ARG C 491 0.15 62.42 -15.38
N ASP C 492 -0.53 63.41 -15.98
CA ASP C 492 -1.66 63.12 -16.85
C ASP C 492 -1.21 62.38 -18.11
N GLU C 493 -0.05 62.76 -18.66
CA GLU C 493 0.48 62.06 -19.83
C GLU C 493 0.79 60.60 -19.49
N MET C 494 1.40 60.37 -18.33
CA MET C 494 1.73 59.00 -17.93
C MET C 494 0.48 58.15 -17.77
N ARG C 495 -0.56 58.71 -17.12
CA ARG C 495 -1.77 57.91 -16.92
C ARG C 495 -2.54 57.71 -18.23
N GLU C 496 -2.47 58.67 -19.16
CA GLU C 496 -3.08 58.46 -20.48
C GLU C 496 -2.38 57.35 -21.24
N VAL C 497 -1.05 57.31 -21.17
CA VAL C 497 -0.30 56.22 -21.81
C VAL C 497 -0.70 54.88 -21.20
N ALA C 498 -0.82 54.84 -19.87
CA ALA C 498 -1.24 53.61 -19.20
C ALA C 498 -2.64 53.19 -19.65
N ARG C 499 -3.55 54.15 -19.81
CA ARG C 499 -4.91 53.83 -20.26
C ARG C 499 -4.89 53.25 -21.68
N ASP C 500 -4.09 53.83 -22.57
CA ASP C 500 -4.00 53.31 -23.93
C ASP C 500 -3.47 51.88 -23.95
N TRP C 501 -2.42 51.62 -23.16
CA TRP C 501 -1.87 50.27 -23.08
C TRP C 501 -2.89 49.29 -22.50
N LEU C 502 -3.67 49.75 -21.51
CA LEU C 502 -4.71 48.90 -20.94
C LEU C 502 -5.78 48.54 -21.96
N ARG C 503 -6.17 49.51 -22.79
CA ARG C 503 -7.16 49.22 -23.84
C ARG C 503 -6.61 48.21 -24.84
N VAL C 504 -5.35 48.36 -25.24
CA VAL C 504 -4.73 47.42 -26.17
C VAL C 504 -4.72 46.02 -25.55
N GLY C 505 -4.34 45.93 -24.27
CA GLY C 505 -4.32 44.64 -23.60
C GLY C 505 -5.69 44.01 -23.50
N TYR C 506 -6.73 44.81 -23.24
CA TYR C 506 -8.08 44.28 -23.17
C TYR C 506 -8.53 43.72 -24.51
N VAL C 507 -8.23 44.42 -25.60
CA VAL C 507 -8.60 43.93 -26.93
C VAL C 507 -7.89 42.60 -27.22
N LEU C 508 -6.59 42.54 -26.93
CA LEU C 508 -5.84 41.30 -27.15
C LEU C 508 -6.38 40.16 -26.30
N ASP C 509 -6.73 40.45 -25.05
CA ASP C 509 -7.27 39.41 -24.17
C ASP C 509 -8.59 38.86 -24.70
N ARG C 510 -9.47 39.74 -25.19
CA ARG C 510 -10.73 39.27 -25.76
C ARG C 510 -10.49 38.40 -26.99
N LEU C 511 -9.57 38.82 -27.87
CA LEU C 511 -9.30 38.03 -29.08
C LEU C 511 -8.75 36.66 -28.72
N LEU C 512 -7.79 36.60 -27.80
CA LEU C 512 -7.20 35.32 -27.41
C LEU C 512 -8.22 34.44 -26.69
N PHE C 513 -9.13 35.05 -25.92
CA PHE C 513 -10.19 34.28 -25.27
C PHE C 513 -11.10 33.62 -26.30
N ARG C 514 -11.49 34.37 -27.34
CA ARG C 514 -12.33 33.79 -28.39
C ARG C 514 -11.61 32.65 -29.11
N ILE C 515 -10.32 32.87 -29.43
CA ILE C 515 -9.56 31.83 -30.13
C ILE C 515 -9.44 30.57 -29.28
N TYR C 516 -9.16 30.73 -27.98
CA TYR C 516 -9.03 29.58 -27.10
C TYR C 516 -10.35 28.84 -26.95
N LEU C 517 -11.46 29.58 -26.86
CA LEU C 517 -12.77 28.94 -26.76
C LEU C 517 -13.08 28.11 -28.01
N LEU C 518 -12.81 28.67 -29.18
CA LEU C 518 -13.04 27.93 -30.42
C LEU C 518 -12.15 26.69 -30.49
N ALA C 519 -10.89 26.80 -30.09
CA ALA C 519 -10.00 25.65 -30.10
C ALA C 519 -10.48 24.56 -29.15
N VAL C 520 -10.94 24.95 -27.95
CA VAL C 520 -11.45 23.97 -26.99
C VAL C 520 -12.68 23.26 -27.54
N LEU C 521 -13.60 24.02 -28.15
CA LEU C 521 -14.78 23.41 -28.73
C LEU C 521 -14.42 22.43 -29.84
N ALA C 522 -13.47 22.80 -30.71
CA ALA C 522 -13.06 21.91 -31.79
C ALA C 522 -12.41 20.64 -31.24
N TYR C 523 -11.57 20.77 -30.20
CA TYR C 523 -10.94 19.60 -29.60
C TYR C 523 -11.99 18.68 -28.96
N SER C 524 -12.97 19.26 -28.27
CA SER C 524 -14.02 18.45 -27.66
C SER C 524 -14.82 17.70 -28.72
N ILE C 525 -15.15 18.37 -29.82
CA ILE C 525 -15.93 17.72 -30.88
C ILE C 525 -15.12 16.58 -31.51
N THR C 526 -13.86 16.84 -31.85
CA THR C 526 -13.05 15.81 -32.47
C THR C 526 -12.65 14.70 -31.51
N LEU C 527 -12.80 14.91 -30.20
CA LEU C 527 -12.60 13.83 -29.25
C LEU C 527 -13.87 12.99 -29.08
N VAL C 528 -15.03 13.63 -29.04
CA VAL C 528 -16.28 12.89 -28.84
C VAL C 528 -16.70 12.14 -30.11
N THR C 529 -16.26 12.59 -31.29
CA THR C 529 -16.65 11.91 -32.51
C THR C 529 -16.03 10.51 -32.58
N LEU C 530 -14.87 10.31 -31.96
CA LEU C 530 -14.25 8.99 -31.95
C LEU C 530 -15.08 8.00 -31.13
N TRP C 531 -15.54 8.43 -29.95
CA TRP C 531 -16.42 7.58 -29.16
C TRP C 531 -17.74 7.34 -29.88
N SER C 532 -18.25 8.37 -30.57
CA SER C 532 -19.49 8.21 -31.30
C SER C 532 -19.37 7.17 -32.41
N ILE C 533 -18.25 7.19 -33.15
CA ILE C 533 -18.10 6.25 -34.25
C ILE C 533 -17.73 4.85 -33.72
N TRP C 534 -17.09 4.78 -32.57
CA TRP C 534 -16.73 3.48 -32.01
C TRP C 534 -17.95 2.78 -31.41
N HIS C 535 -18.82 3.53 -30.73
CA HIS C 535 -19.94 2.92 -30.02
C HIS C 535 -20.94 2.30 -30.99
N TYR C 536 -21.20 2.97 -32.11
CA TYR C 536 -22.16 2.48 -33.10
C TYR C 536 -21.47 1.48 -34.02
N SER C 537 -21.16 0.32 -33.44
CA SER C 537 -20.48 -0.75 -34.17
C SER C 537 -20.82 -2.11 -33.58
N THR D 82 -16.09 -66.50 24.15
CA THR D 82 -14.97 -65.57 24.05
C THR D 82 -14.79 -64.81 25.35
N THR D 83 -13.63 -64.16 25.49
CA THR D 83 -13.33 -63.36 26.66
C THR D 83 -13.90 -61.96 26.48
N GLN D 84 -13.59 -61.07 27.42
CA GLN D 84 -14.03 -59.67 27.37
C GLN D 84 -12.84 -58.75 27.60
N PRO D 85 -11.98 -58.58 26.59
CA PRO D 85 -10.86 -57.63 26.75
C PRO D 85 -11.34 -56.20 26.91
N ALA D 86 -12.08 -55.70 25.91
CA ALA D 86 -12.66 -54.36 25.92
C ALA D 86 -13.59 -54.20 24.74
N LEU D 87 -14.03 -52.96 24.48
CA LEU D 87 -14.91 -52.70 23.34
C LEU D 87 -14.16 -52.70 22.01
N LEU D 88 -12.83 -52.73 22.03
CA LEU D 88 -12.07 -52.54 20.80
C LEU D 88 -12.31 -53.66 19.81
N ARG D 89 -12.66 -54.86 20.29
CA ARG D 89 -12.95 -55.97 19.39
C ARG D 89 -14.14 -55.64 18.50
N LEU D 90 -15.10 -54.85 19.01
CA LEU D 90 -16.19 -54.36 18.18
C LEU D 90 -15.65 -53.64 16.96
N SER D 91 -14.66 -52.75 17.17
CA SER D 91 -14.01 -52.08 16.05
C SER D 91 -13.46 -53.09 15.06
N ASP D 92 -12.81 -54.14 15.56
CA ASP D 92 -12.32 -55.19 14.69
C ASP D 92 -13.47 -55.82 13.91
N HIS D 93 -14.56 -56.13 14.62
CA HIS D 93 -15.73 -56.70 13.97
C HIS D 93 -16.32 -55.76 12.92
N LEU D 94 -16.06 -54.46 13.04
CA LEU D 94 -16.54 -53.52 12.05
C LEU D 94 -15.52 -53.27 10.94
N LEU D 95 -14.23 -53.52 11.19
CA LEU D 95 -13.19 -53.13 10.25
C LEU D 95 -12.27 -54.28 9.86
N ALA D 96 -12.69 -55.53 10.07
CA ALA D 96 -11.86 -56.66 9.66
C ALA D 96 -11.80 -56.76 8.14
N ASN D 97 -12.94 -56.66 7.48
CA ASN D 97 -13.05 -56.83 6.02
C ASN D 97 -13.93 -55.72 5.43
N TYR D 98 -13.66 -54.48 5.82
CA TYR D 98 -14.42 -53.34 5.34
C TYR D 98 -13.67 -52.68 4.19
N LYS D 99 -14.39 -52.38 3.11
CA LYS D 99 -13.84 -51.71 1.94
C LYS D 99 -14.36 -50.27 1.91
N LYS D 100 -13.44 -49.31 1.96
CA LYS D 100 -13.80 -47.90 2.03
C LYS D 100 -13.91 -47.25 0.67
N GLY D 101 -13.74 -47.99 -0.42
CA GLY D 101 -13.82 -47.42 -1.74
C GLY D 101 -15.14 -47.66 -2.44
N VAL D 102 -16.02 -48.43 -1.82
CA VAL D 102 -17.30 -48.81 -2.40
C VAL D 102 -18.41 -48.07 -1.65
N ARG D 103 -19.43 -47.62 -2.40
CA ARG D 103 -20.56 -46.96 -1.78
C ARG D 103 -21.32 -47.94 -0.90
N PRO D 104 -21.59 -47.60 0.36
CA PRO D 104 -22.17 -48.58 1.31
C PRO D 104 -23.67 -48.79 1.20
N VAL D 105 -24.07 -49.54 0.18
CA VAL D 105 -25.46 -49.96 -0.01
C VAL D 105 -25.49 -51.42 -0.39
N ARG D 106 -26.45 -52.16 0.14
CA ARG D 106 -26.62 -53.56 -0.26
C ARG D 106 -27.26 -53.68 -1.62
N ASP D 107 -28.15 -52.76 -1.97
CA ASP D 107 -28.75 -52.70 -3.30
C ASP D 107 -28.26 -51.43 -3.98
N TRP D 108 -27.65 -51.58 -5.16
CA TRP D 108 -27.06 -50.45 -5.86
C TRP D 108 -28.10 -49.50 -6.43
N ARG D 109 -29.37 -49.89 -6.46
CA ARG D 109 -30.42 -49.02 -6.99
C ARG D 109 -30.93 -48.00 -5.99
N LYS D 110 -30.53 -48.11 -4.72
CA LYS D 110 -31.00 -47.19 -3.68
C LYS D 110 -29.96 -46.10 -3.48
N PRO D 111 -30.31 -44.83 -3.66
CA PRO D 111 -29.34 -43.76 -3.44
C PRO D 111 -29.02 -43.58 -1.96
N THR D 112 -27.84 -43.02 -1.71
CA THR D 112 -27.40 -42.71 -0.35
C THR D 112 -27.81 -41.29 -0.01
N THR D 113 -28.63 -41.13 1.01
CA THR D 113 -29.15 -39.82 1.40
C THR D 113 -28.30 -39.22 2.51
N VAL D 114 -27.85 -37.98 2.28
CA VAL D 114 -27.03 -37.25 3.23
C VAL D 114 -27.82 -36.06 3.72
N SER D 115 -28.02 -35.95 5.04
CA SER D 115 -28.73 -34.83 5.64
C SER D 115 -27.73 -33.90 6.29
N ILE D 116 -27.75 -32.63 5.91
CA ILE D 116 -26.73 -31.67 6.28
C ILE D 116 -27.38 -30.44 6.91
N ASP D 117 -26.58 -29.70 7.67
CA ASP D 117 -26.96 -28.36 8.09
C ASP D 117 -25.71 -27.57 8.49
N VAL D 118 -25.90 -26.25 8.54
CA VAL D 118 -24.82 -25.28 8.63
C VAL D 118 -25.23 -24.18 9.60
N ILE D 119 -24.29 -23.75 10.45
CA ILE D 119 -24.48 -22.58 11.30
C ILE D 119 -23.35 -21.59 11.00
N MET D 120 -23.72 -20.37 10.61
CA MET D 120 -22.73 -19.33 10.36
C MET D 120 -22.08 -18.90 11.67
N TYR D 121 -20.78 -18.61 11.61
CA TYR D 121 -20.03 -18.17 12.77
C TYR D 121 -19.56 -16.73 12.69
N ALA D 122 -18.97 -16.33 11.57
CA ALA D 122 -18.49 -14.96 11.41
C ALA D 122 -18.35 -14.64 9.93
N ILE D 123 -18.65 -13.40 9.56
CA ILE D 123 -18.41 -12.90 8.21
C ILE D 123 -17.00 -12.33 8.20
N LEU D 124 -16.10 -12.98 7.46
CA LEU D 124 -14.69 -12.61 7.54
C LEU D 124 -14.35 -11.45 6.62
N ASN D 125 -14.76 -11.51 5.35
CA ASN D 125 -14.37 -10.45 4.43
C ASN D 125 -15.37 -10.35 3.30
N VAL D 126 -15.56 -9.12 2.81
CA VAL D 126 -16.40 -8.83 1.65
C VAL D 126 -15.57 -7.96 0.71
N ASP D 127 -14.96 -8.57 -0.30
CA ASP D 127 -14.20 -7.83 -1.31
C ASP D 127 -15.15 -7.42 -2.42
N GLU D 128 -15.49 -6.13 -2.47
CA GLU D 128 -16.47 -5.65 -3.45
C GLU D 128 -15.86 -5.58 -4.85
N LYS D 129 -14.62 -5.12 -4.97
CA LYS D 129 -14.01 -4.98 -6.28
C LYS D 129 -13.71 -6.33 -6.92
N ASN D 130 -13.37 -7.33 -6.08
CA ASN D 130 -13.14 -8.68 -6.58
C ASN D 130 -14.39 -9.54 -6.56
N GLN D 131 -15.47 -9.06 -5.93
CA GLN D 131 -16.73 -9.80 -5.80
C GLN D 131 -16.50 -11.15 -5.12
N VAL D 132 -15.87 -11.10 -3.94
CA VAL D 132 -15.50 -12.29 -3.19
C VAL D 132 -16.04 -12.18 -1.77
N LEU D 133 -16.58 -13.29 -1.27
CA LEU D 133 -17.10 -13.34 0.10
C LEU D 133 -16.37 -14.43 0.86
N THR D 134 -15.83 -14.10 2.02
CA THR D 134 -15.10 -15.03 2.88
C THR D 134 -15.83 -15.15 4.20
N THR D 135 -16.27 -16.37 4.54
CA THR D 135 -17.06 -16.62 5.73
C THR D 135 -16.52 -17.85 6.45
N TYR D 136 -17.03 -18.07 7.67
CA TYR D 136 -16.70 -19.23 8.47
C TYR D 136 -17.99 -19.87 8.96
N ILE D 137 -18.09 -21.20 8.82
CA ILE D 137 -19.30 -21.92 9.20
C ILE D 137 -18.92 -23.16 9.99
N TRP D 138 -19.86 -23.63 10.80
CA TRP D 138 -19.81 -24.94 11.42
C TRP D 138 -20.80 -25.84 10.69
N TYR D 139 -20.30 -26.90 10.06
CA TYR D 139 -21.07 -27.76 9.19
C TYR D 139 -21.17 -29.14 9.81
N ARG D 140 -22.33 -29.77 9.70
CA ARG D 140 -22.45 -31.14 10.13
C ARG D 140 -23.40 -31.88 9.21
N GLN D 141 -23.19 -33.20 9.11
CA GLN D 141 -23.94 -34.03 8.18
C GLN D 141 -24.06 -35.44 8.76
N TYR D 142 -25.02 -36.19 8.23
CA TYR D 142 -25.17 -37.59 8.62
C TYR D 142 -25.72 -38.38 7.45
N TRP D 143 -25.38 -39.67 7.44
CA TRP D 143 -25.88 -40.61 6.45
C TRP D 143 -25.95 -42.00 7.07
N THR D 144 -26.28 -42.99 6.25
CA THR D 144 -26.47 -44.36 6.70
C THR D 144 -25.48 -45.27 6.00
N ASP D 145 -24.72 -46.04 6.77
CA ASP D 145 -23.78 -47.03 6.26
C ASP D 145 -24.31 -48.41 6.58
N GLU D 146 -24.63 -49.19 5.56
CA GLU D 146 -25.28 -50.48 5.75
C GLU D 146 -24.31 -51.60 6.14
N PHE D 147 -23.00 -51.34 6.10
CA PHE D 147 -22.01 -52.32 6.51
C PHE D 147 -21.44 -52.03 7.90
N LEU D 148 -22.00 -51.05 8.61
CA LEU D 148 -21.51 -50.71 9.95
C LEU D 148 -22.62 -50.85 10.98
N GLN D 149 -23.35 -51.96 10.92
CA GLN D 149 -24.45 -52.22 11.85
C GLN D 149 -24.10 -53.40 12.75
N TRP D 150 -24.51 -53.30 14.02
CA TRP D 150 -24.23 -54.36 14.98
C TRP D 150 -25.34 -54.37 16.03
N THR D 151 -25.42 -55.49 16.74
CA THR D 151 -26.32 -55.63 17.87
C THR D 151 -25.66 -55.07 19.12
N PRO D 152 -26.32 -54.16 19.85
CA PRO D 152 -25.72 -53.66 21.11
C PRO D 152 -25.43 -54.75 22.12
N GLU D 153 -26.28 -55.78 22.19
CA GLU D 153 -25.98 -56.94 23.00
C GLU D 153 -24.82 -57.72 22.39
N ASP D 154 -24.15 -58.50 23.22
CA ASP D 154 -22.90 -59.23 22.94
C ASP D 154 -21.74 -58.26 22.75
N PHE D 155 -21.92 -56.98 23.06
CA PHE D 155 -20.84 -56.00 22.97
C PHE D 155 -20.90 -55.05 24.16
N ASP D 156 -21.37 -55.56 25.30
CA ASP D 156 -21.47 -54.79 26.56
C ASP D 156 -22.35 -53.55 26.39
N ASN D 157 -23.44 -53.69 25.62
CA ASN D 157 -24.46 -52.66 25.46
C ASN D 157 -23.87 -51.35 24.93
N VAL D 158 -22.94 -51.46 24.00
CA VAL D 158 -22.38 -50.29 23.32
C VAL D 158 -23.33 -49.88 22.21
N THR D 159 -23.77 -48.62 22.24
CA THR D 159 -24.71 -48.11 21.25
C THR D 159 -24.06 -47.25 20.18
N LYS D 160 -22.95 -46.59 20.49
CA LYS D 160 -22.26 -45.78 19.50
C LYS D 160 -20.80 -45.68 19.89
N LEU D 161 -19.96 -45.37 18.91
CA LEU D 161 -18.52 -45.25 19.15
C LEU D 161 -17.91 -44.28 18.14
N SER D 162 -16.61 -44.07 18.29
CA SER D 162 -15.85 -43.17 17.43
C SER D 162 -14.92 -43.97 16.53
N ILE D 163 -14.89 -43.62 15.25
CA ILE D 163 -14.09 -44.29 14.24
C ILE D 163 -13.30 -43.25 13.48
N PRO D 164 -12.04 -43.51 13.10
CA PRO D 164 -11.30 -42.55 12.27
C PRO D 164 -11.99 -42.29 10.94
N THR D 165 -11.90 -41.02 10.50
CA THR D 165 -12.62 -40.61 9.30
C THR D 165 -12.06 -41.28 8.05
N ASP D 166 -10.74 -41.46 8.00
CA ASP D 166 -10.07 -41.99 6.81
C ASP D 166 -10.12 -43.51 6.69
N SER D 167 -11.02 -44.17 7.41
CA SER D 167 -11.15 -45.62 7.33
C SER D 167 -12.53 -46.06 6.84
N ILE D 168 -13.41 -45.12 6.50
CA ILE D 168 -14.76 -45.43 6.03
C ILE D 168 -15.06 -44.58 4.80
N TRP D 169 -16.15 -44.92 4.13
CA TRP D 169 -16.59 -44.17 2.96
C TRP D 169 -17.14 -42.81 3.37
N VAL D 170 -16.74 -41.77 2.65
CA VAL D 170 -17.17 -40.40 2.93
C VAL D 170 -17.64 -39.75 1.63
N PRO D 171 -18.84 -39.17 1.60
CA PRO D 171 -19.31 -38.51 0.38
C PRO D 171 -18.52 -37.25 0.08
N ASP D 172 -18.46 -36.90 -1.21
CA ASP D 172 -17.72 -35.73 -1.68
C ASP D 172 -18.69 -34.57 -1.89
N ILE D 173 -19.07 -33.93 -0.79
CA ILE D 173 -19.97 -32.78 -0.81
C ILE D 173 -19.13 -31.51 -0.81
N LEU D 174 -19.31 -30.69 -1.84
CA LEU D 174 -18.55 -29.45 -2.00
C LEU D 174 -19.52 -28.32 -2.30
N ILE D 175 -18.96 -27.13 -2.54
CA ILE D 175 -19.73 -25.92 -2.83
C ILE D 175 -19.40 -25.46 -4.24
N ASN D 176 -20.43 -25.18 -5.02
CA ASN D 176 -20.24 -24.78 -6.42
C ASN D 176 -19.50 -23.45 -6.52
N GLU D 177 -19.81 -22.51 -5.65
CA GLU D 177 -19.27 -21.15 -5.75
C GLU D 177 -17.82 -21.01 -5.32
N PHE D 178 -17.07 -22.09 -5.08
CA PHE D 178 -15.68 -21.96 -4.67
C PHE D 178 -14.85 -21.29 -5.76
N VAL D 179 -14.01 -20.34 -5.34
CA VAL D 179 -12.97 -19.76 -6.18
C VAL D 179 -11.59 -19.95 -5.59
N ASP D 180 -11.50 -20.51 -4.38
CA ASP D 180 -10.22 -20.76 -3.72
C ASP D 180 -10.47 -21.83 -2.66
N VAL D 181 -9.37 -22.32 -2.08
CA VAL D 181 -9.43 -23.33 -1.04
C VAL D 181 -9.10 -22.67 0.29
N GLY D 182 -10.05 -22.71 1.22
CA GLY D 182 -9.81 -22.15 2.53
C GLY D 182 -9.02 -23.08 3.42
N LYS D 183 -8.48 -22.52 4.49
CA LYS D 183 -7.69 -23.27 5.46
C LYS D 183 -8.55 -23.57 6.68
N SER D 184 -8.91 -24.85 6.84
CA SER D 184 -9.72 -25.31 7.95
C SER D 184 -9.09 -26.52 8.60
N PRO D 185 -9.26 -26.70 9.90
CA PRO D 185 -8.68 -27.87 10.58
C PRO D 185 -9.36 -29.15 10.15
N ASN D 186 -8.61 -30.24 10.28
CA ASN D 186 -9.09 -31.58 9.93
C ASN D 186 -9.58 -32.29 11.18
N ILE D 187 -10.77 -32.89 11.08
CA ILE D 187 -11.38 -33.63 12.19
C ILE D 187 -11.19 -35.12 11.92
N PRO D 188 -10.40 -35.83 12.71
CA PRO D 188 -10.06 -37.22 12.38
C PRO D 188 -10.99 -38.27 12.97
N TYR D 189 -12.14 -37.88 13.50
CA TYR D 189 -13.04 -38.84 14.14
C TYR D 189 -14.48 -38.58 13.74
N VAL D 190 -15.27 -39.65 13.69
CA VAL D 190 -16.71 -39.57 13.45
C VAL D 190 -17.41 -40.52 14.41
N TYR D 191 -18.71 -40.26 14.63
CA TYR D 191 -19.56 -41.20 15.35
C TYR D 191 -20.16 -42.23 14.41
N VAL D 192 -20.30 -43.45 14.94
CA VAL D 192 -21.09 -44.50 14.30
C VAL D 192 -22.03 -45.07 15.36
N HIS D 193 -23.32 -45.13 15.04
CA HIS D 193 -24.33 -45.75 15.88
C HIS D 193 -24.58 -47.18 15.44
N HIS D 194 -25.37 -47.91 16.24
CA HIS D 194 -25.58 -49.32 16.03
C HIS D 194 -26.55 -49.63 14.91
N ARG D 195 -27.08 -48.61 14.21
CA ARG D 195 -27.99 -48.82 13.09
C ARG D 195 -27.42 -48.29 11.78
N GLY D 196 -26.10 -48.10 11.71
CA GLY D 196 -25.48 -47.54 10.53
C GLY D 196 -25.46 -46.03 10.46
N GLU D 197 -25.97 -45.36 11.48
CA GLU D 197 -25.95 -43.91 11.54
C GLU D 197 -24.52 -43.40 11.65
N VAL D 198 -24.10 -42.59 10.68
CA VAL D 198 -22.77 -41.99 10.67
C VAL D 198 -22.91 -40.48 10.63
N GLN D 199 -22.30 -39.80 11.60
CA GLN D 199 -22.37 -38.36 11.73
C GLN D 199 -20.98 -37.74 11.64
N ASN D 200 -20.91 -36.55 11.04
CA ASN D 200 -19.64 -35.89 10.77
C ASN D 200 -19.77 -34.40 11.06
N TYR D 201 -18.92 -33.88 11.92
CA TYR D 201 -18.85 -32.47 12.29
C TYR D 201 -17.53 -31.88 11.81
N LYS D 202 -17.59 -30.67 11.23
CA LYS D 202 -16.36 -30.00 10.85
C LYS D 202 -16.55 -28.49 10.66
N PRO D 203 -15.55 -27.68 10.94
CA PRO D 203 -15.61 -26.26 10.58
C PRO D 203 -15.05 -26.01 9.19
N LEU D 204 -15.64 -25.04 8.50
CA LEU D 204 -15.26 -24.74 7.12
C LEU D 204 -15.07 -23.24 6.94
N GLN D 205 -13.96 -22.87 6.31
CA GLN D 205 -13.72 -21.51 5.86
C GLN D 205 -14.02 -21.45 4.36
N LEU D 206 -14.96 -20.61 3.98
CA LEU D 206 -15.48 -20.56 2.62
C LEU D 206 -15.06 -19.27 1.95
N VAL D 207 -14.44 -19.39 0.77
CA VAL D 207 -14.08 -18.26 -0.08
C VAL D 207 -14.85 -18.44 -1.38
N THR D 208 -15.96 -17.72 -1.53
CA THR D 208 -16.87 -17.92 -2.64
C THR D 208 -16.99 -16.64 -3.46
N ALA D 209 -17.59 -16.78 -4.64
CA ALA D 209 -17.84 -15.66 -5.53
C ALA D 209 -19.30 -15.24 -5.43
N CYS D 210 -19.53 -13.97 -5.18
CA CYS D 210 -20.87 -13.43 -5.00
C CYS D 210 -21.02 -12.16 -5.83
N SER D 211 -22.25 -11.92 -6.29
CA SER D 211 -22.58 -10.70 -7.03
C SER D 211 -23.08 -9.67 -6.03
N LEU D 212 -22.30 -8.60 -5.85
CA LEU D 212 -22.59 -7.57 -4.86
C LEU D 212 -23.12 -6.32 -5.55
N ASP D 213 -24.25 -5.81 -5.07
CA ASP D 213 -24.86 -4.60 -5.58
C ASP D 213 -24.60 -3.46 -4.59
N ILE D 214 -23.94 -2.41 -5.07
CA ILE D 214 -23.55 -1.29 -4.21
C ILE D 214 -24.21 -0.01 -4.69
N TYR D 215 -25.43 -0.13 -5.23
CA TYR D 215 -26.14 1.04 -5.73
C TYR D 215 -26.40 2.05 -4.62
N ASN D 216 -26.80 1.57 -3.44
CA ASN D 216 -26.91 2.39 -2.24
C ASN D 216 -25.84 1.89 -1.27
N PHE D 217 -24.63 2.43 -1.41
CA PHE D 217 -23.46 1.86 -0.75
C PHE D 217 -23.53 1.83 0.77
N PRO D 218 -23.85 2.92 1.48
CA PRO D 218 -23.81 2.84 2.96
C PRO D 218 -24.92 2.00 3.54
N PHE D 219 -26.01 1.76 2.80
CA PHE D 219 -27.17 1.06 3.31
C PHE D 219 -27.54 -0.15 2.46
N ASP D 220 -26.55 -0.77 1.83
CA ASP D 220 -26.81 -1.91 0.97
C ASP D 220 -27.11 -3.17 1.77
N VAL D 221 -27.88 -4.07 1.17
CA VAL D 221 -28.22 -5.36 1.74
C VAL D 221 -27.75 -6.41 0.74
N GLN D 222 -26.89 -7.32 1.19
CA GLN D 222 -26.33 -8.31 0.28
C GLN D 222 -27.03 -9.66 0.45
N ASN D 223 -27.15 -10.37 -0.68
CA ASN D 223 -27.88 -11.63 -0.77
C ASN D 223 -27.02 -12.62 -1.56
N CYS D 224 -26.17 -13.35 -0.85
CA CYS D 224 -25.26 -14.30 -1.48
C CYS D 224 -25.83 -15.72 -1.39
N SER D 225 -25.20 -16.66 -2.09
CA SER D 225 -25.69 -18.03 -2.12
C SER D 225 -24.53 -19.00 -1.93
N LEU D 226 -24.80 -20.08 -1.20
CA LEU D 226 -23.86 -21.18 -1.03
C LEU D 226 -24.57 -22.47 -1.41
N THR D 227 -24.10 -23.14 -2.45
CA THR D 227 -24.77 -24.31 -3.00
C THR D 227 -23.95 -25.56 -2.69
N PHE D 228 -24.48 -26.41 -1.82
CA PHE D 228 -23.86 -27.68 -1.49
C PHE D 228 -24.35 -28.75 -2.45
N THR D 229 -23.42 -29.49 -3.04
CA THR D 229 -23.76 -30.58 -3.94
C THR D 229 -22.60 -31.55 -4.04
N SER D 230 -22.88 -32.74 -4.54
CA SER D 230 -21.85 -33.73 -4.81
C SER D 230 -21.22 -33.44 -6.17
N TRP D 231 -19.90 -33.40 -6.23
CA TRP D 231 -19.23 -32.99 -7.46
C TRP D 231 -19.36 -34.05 -8.54
N LEU D 232 -19.30 -35.33 -8.16
CA LEU D 232 -19.33 -36.41 -9.14
C LEU D 232 -20.67 -37.14 -9.18
N HIS D 233 -21.16 -37.61 -8.05
CA HIS D 233 -22.31 -38.50 -8.02
C HIS D 233 -23.58 -37.78 -8.44
N THR D 234 -24.40 -38.47 -9.24
CA THR D 234 -25.67 -37.94 -9.69
C THR D 234 -26.74 -38.20 -8.64
N ILE D 235 -28.00 -37.85 -8.97
CA ILE D 235 -29.09 -38.02 -8.03
C ILE D 235 -29.45 -39.48 -7.84
N GLN D 236 -29.01 -40.36 -8.74
CA GLN D 236 -29.24 -41.79 -8.57
C GLN D 236 -28.33 -42.40 -7.52
N ASP D 237 -27.29 -41.69 -7.08
CA ASP D 237 -26.34 -42.19 -6.09
C ASP D 237 -26.40 -41.42 -4.79
N ILE D 238 -26.34 -40.09 -4.84
CA ILE D 238 -26.32 -39.25 -3.65
C ILE D 238 -27.46 -38.24 -3.74
N ASN D 239 -28.27 -38.16 -2.69
CA ASN D 239 -29.32 -37.17 -2.55
C ASN D 239 -29.10 -36.38 -1.27
N ILE D 240 -29.48 -35.11 -1.28
CA ILE D 240 -29.20 -34.19 -0.18
C ILE D 240 -30.53 -33.70 0.39
N THR D 241 -30.69 -33.82 1.70
CA THR D 241 -31.84 -33.31 2.43
C THR D 241 -31.33 -32.41 3.57
N LEU D 242 -32.24 -32.01 4.45
CA LEU D 242 -31.92 -31.14 5.57
C LEU D 242 -31.99 -31.91 6.88
N TRP D 243 -31.03 -31.63 7.77
CA TRP D 243 -31.02 -32.28 9.09
C TRP D 243 -32.25 -31.88 9.89
N ARG D 244 -32.61 -30.60 9.88
CA ARG D 244 -33.71 -30.07 10.67
C ARG D 244 -34.61 -29.22 9.78
N SER D 245 -35.67 -28.70 10.39
CA SER D 245 -36.65 -27.92 9.65
C SER D 245 -36.05 -26.60 9.15
N PRO D 246 -36.44 -26.14 7.97
CA PRO D 246 -35.93 -24.85 7.48
C PRO D 246 -36.33 -23.66 8.34
N GLU D 247 -37.45 -23.76 9.06
CA GLU D 247 -37.91 -22.64 9.88
C GLU D 247 -36.92 -22.35 11.01
N GLU D 248 -36.42 -23.39 11.67
CA GLU D 248 -35.42 -23.19 12.72
C GLU D 248 -34.03 -22.96 12.14
N VAL D 249 -33.80 -23.35 10.89
CA VAL D 249 -32.52 -23.04 10.25
C VAL D 249 -32.41 -21.55 9.95
N ARG D 250 -33.48 -20.95 9.42
CA ARG D 250 -33.40 -19.56 9.00
C ARG D 250 -33.38 -18.61 10.20
N SER D 251 -34.07 -18.95 11.28
CA SER D 251 -34.07 -18.14 12.49
C SER D 251 -33.08 -18.72 13.50
N ASP D 252 -31.80 -18.56 13.16
CA ASP D 252 -30.71 -19.13 13.97
C ASP D 252 -29.54 -18.15 13.99
N LYS D 253 -29.42 -17.40 15.08
CA LYS D 253 -28.26 -16.54 15.33
C LYS D 253 -27.80 -16.85 16.75
N SER D 254 -26.95 -17.87 16.88
CA SER D 254 -26.54 -18.36 18.19
C SER D 254 -25.07 -18.16 18.50
N ILE D 255 -24.19 -18.27 17.49
CA ILE D 255 -22.76 -18.17 17.72
C ILE D 255 -22.17 -17.04 16.88
N PHE D 256 -23.04 -16.30 16.18
CA PHE D 256 -22.58 -15.28 15.25
C PHE D 256 -21.85 -14.17 15.99
N ILE D 257 -20.77 -13.68 15.37
CA ILE D 257 -19.94 -12.64 15.96
C ILE D 257 -20.42 -11.29 15.44
N ASN D 258 -20.84 -10.42 16.35
CA ASN D 258 -21.37 -9.12 16.00
C ASN D 258 -20.25 -8.09 15.98
N GLN D 259 -20.63 -6.80 15.94
CA GLN D 259 -19.76 -5.63 15.87
C GLN D 259 -18.57 -5.86 14.93
N GLY D 260 -18.89 -6.30 13.71
CA GLY D 260 -17.89 -6.57 12.71
C GLY D 260 -18.24 -6.03 11.34
N GLU D 261 -18.94 -4.90 11.31
CA GLU D 261 -19.34 -4.13 10.13
C GLU D 261 -20.46 -4.81 9.34
N TRP D 262 -20.83 -6.05 9.67
CA TRP D 262 -21.86 -6.76 8.93
C TRP D 262 -22.80 -7.44 9.91
N GLU D 263 -24.09 -7.37 9.62
CA GLU D 263 -25.12 -8.00 10.43
C GLU D 263 -25.79 -9.11 9.64
N LEU D 264 -25.86 -10.30 10.24
CA LEU D 264 -26.47 -11.46 9.60
C LEU D 264 -27.99 -11.35 9.72
N LEU D 265 -28.67 -11.20 8.59
CA LEU D 265 -30.13 -11.14 8.63
C LEU D 265 -30.74 -12.54 8.65
N GLU D 266 -30.45 -13.37 7.65
CA GLU D 266 -31.03 -14.71 7.65
C GLU D 266 -30.23 -15.63 6.73
N VAL D 267 -30.52 -16.93 6.85
CA VAL D 267 -29.95 -17.98 6.01
C VAL D 267 -31.10 -18.90 5.61
N PHE D 268 -31.55 -18.80 4.35
CA PHE D 268 -32.74 -19.51 3.89
C PHE D 268 -32.36 -20.69 3.01
N PRO D 269 -32.73 -21.92 3.34
CA PRO D 269 -32.38 -23.06 2.51
C PRO D 269 -33.45 -23.42 1.48
N GLN D 270 -33.00 -24.03 0.39
CA GLN D 270 -33.89 -24.43 -0.70
C GLN D 270 -33.26 -25.59 -1.47
N PHE D 271 -34.07 -26.60 -1.78
CA PHE D 271 -33.59 -27.75 -2.53
C PHE D 271 -33.88 -27.58 -4.02
N LYS D 272 -32.98 -28.09 -4.85
CA LYS D 272 -33.14 -27.98 -6.29
C LYS D 272 -32.47 -29.15 -6.99
N GLU D 273 -32.88 -29.39 -8.23
CA GLU D 273 -32.31 -30.41 -9.10
C GLU D 273 -31.60 -29.72 -10.24
N PHE D 274 -30.27 -29.78 -10.28
CA PHE D 274 -29.47 -29.10 -11.29
C PHE D 274 -29.07 -29.97 -12.46
N SER D 275 -29.00 -29.37 -13.65
CA SER D 275 -28.62 -30.11 -14.86
C SER D 275 -28.26 -29.16 -15.98
N ILE D 276 -26.99 -29.10 -16.37
CA ILE D 276 -26.61 -28.27 -17.51
C ILE D 276 -27.00 -29.04 -18.73
N ASP D 277 -26.32 -30.17 -18.95
CA ASP D 277 -26.67 -31.04 -20.07
C ASP D 277 -27.77 -31.99 -19.66
N ILE D 278 -28.65 -32.36 -20.57
CA ILE D 278 -29.81 -33.20 -20.22
C ILE D 278 -29.60 -34.47 -19.43
N SER D 279 -28.71 -35.35 -19.92
CA SER D 279 -28.50 -36.67 -19.30
C SER D 279 -28.08 -36.82 -17.84
N ASN D 280 -27.66 -35.74 -17.19
CA ASN D 280 -27.15 -35.89 -15.85
C ASN D 280 -27.84 -34.91 -14.94
N SER D 281 -28.40 -35.39 -13.85
CA SER D 281 -29.09 -34.53 -12.91
C SER D 281 -28.50 -34.72 -11.51
N TYR D 282 -28.32 -33.62 -10.80
CA TYR D 282 -27.67 -33.63 -9.51
C TYR D 282 -28.56 -32.92 -8.47
N ALA D 283 -28.40 -33.30 -7.22
CA ALA D 283 -29.13 -32.68 -6.13
C ALA D 283 -28.31 -31.53 -5.54
N GLU D 284 -28.96 -30.40 -5.33
CA GLU D 284 -28.29 -29.21 -4.80
C GLU D 284 -29.11 -28.64 -3.65
N MET D 285 -28.40 -28.17 -2.62
CA MET D 285 -29.02 -27.48 -1.50
C MET D 285 -28.43 -26.08 -1.43
N LYS D 286 -29.25 -25.07 -1.72
CA LYS D 286 -28.79 -23.69 -1.80
C LYS D 286 -29.20 -22.94 -0.53
N PHE D 287 -28.23 -22.33 0.13
CA PHE D 287 -28.46 -21.48 1.29
C PHE D 287 -28.27 -20.04 0.85
N TYR D 288 -29.34 -19.27 0.87
CA TYR D 288 -29.29 -17.83 0.60
C TYR D 288 -28.95 -17.12 1.90
N VAL D 289 -27.76 -16.52 1.95
CA VAL D 289 -27.30 -15.77 3.11
C VAL D 289 -27.58 -14.30 2.84
N ILE D 290 -28.48 -13.72 3.63
CA ILE D 290 -28.84 -12.31 3.52
C ILE D 290 -28.23 -11.58 4.71
N ILE D 291 -27.41 -10.57 4.41
CA ILE D 291 -26.69 -9.79 5.41
C ILE D 291 -26.89 -8.30 5.11
N ARG D 292 -26.64 -7.48 6.12
CA ARG D 292 -26.84 -6.05 6.03
C ARG D 292 -25.64 -5.31 6.62
N ARG D 293 -25.25 -4.22 5.94
CA ARG D 293 -24.12 -3.41 6.35
C ARG D 293 -24.55 -2.37 7.38
N ARG D 294 -23.66 -2.12 8.35
CA ARG D 294 -23.87 -1.09 9.35
C ARG D 294 -23.35 0.24 8.81
N PRO D 295 -24.19 1.26 8.63
CA PRO D 295 -23.72 2.50 7.99
C PRO D 295 -22.93 3.41 8.91
N LEU D 296 -23.04 3.24 10.23
CA LEU D 296 -22.40 4.16 11.16
C LEU D 296 -20.88 4.15 11.04
N PHE D 297 -20.31 3.09 10.47
CA PHE D 297 -18.87 3.07 10.22
C PHE D 297 -18.46 4.18 9.25
N TYR D 298 -19.28 4.44 8.24
CA TYR D 298 -18.98 5.44 7.23
C TYR D 298 -19.76 6.74 7.43
N ALA D 299 -20.42 6.90 8.57
CA ALA D 299 -21.24 8.08 8.80
C ALA D 299 -20.44 9.29 9.22
N VAL D 300 -19.18 9.13 9.61
CA VAL D 300 -18.36 10.25 10.07
C VAL D 300 -17.20 10.49 9.11
N SER D 301 -16.86 9.48 8.32
CA SER D 301 -15.77 9.62 7.36
C SER D 301 -16.21 10.26 6.05
N LEU D 302 -17.52 10.41 5.84
CA LEU D 302 -18.04 10.96 4.59
C LEU D 302 -18.92 12.18 4.78
N LEU D 303 -19.26 12.55 6.00
CA LEU D 303 -20.23 13.62 6.25
C LEU D 303 -19.61 14.86 6.89
N LEU D 304 -18.83 14.69 7.95
CA LEU D 304 -18.25 15.84 8.65
C LEU D 304 -17.33 16.69 7.78
N PRO D 305 -16.38 16.13 7.00
CA PRO D 305 -15.57 17.01 6.15
C PRO D 305 -16.39 17.80 5.13
N SER D 306 -17.45 17.19 4.59
CA SER D 306 -18.27 17.89 3.61
C SER D 306 -18.96 19.10 4.24
N ILE D 307 -19.57 18.92 5.42
CA ILE D 307 -20.26 20.03 6.05
C ILE D 307 -19.25 21.07 6.56
N PHE D 308 -18.05 20.64 6.95
CA PHE D 308 -17.01 21.58 7.32
C PHE D 308 -16.60 22.46 6.15
N LEU D 309 -16.42 21.85 4.97
CA LEU D 309 -16.05 22.63 3.80
C LEU D 309 -17.20 23.53 3.34
N MET D 310 -18.44 23.06 3.49
CA MET D 310 -19.58 23.92 3.19
C MET D 310 -19.64 25.12 4.12
N VAL D 311 -19.40 24.93 5.42
CA VAL D 311 -19.53 26.05 6.35
C VAL D 311 -18.38 27.03 6.18
N VAL D 312 -17.18 26.55 5.84
CA VAL D 312 -16.10 27.50 5.58
C VAL D 312 -16.34 28.24 4.26
N ASP D 313 -16.97 27.56 3.28
CA ASP D 313 -17.39 28.27 2.07
C ASP D 313 -18.40 29.36 2.39
N ILE D 314 -19.34 29.07 3.29
CA ILE D 314 -20.35 30.05 3.67
C ILE D 314 -19.69 31.25 4.36
N VAL D 315 -18.76 30.98 5.28
CA VAL D 315 -18.12 32.08 6.00
C VAL D 315 -17.15 32.83 5.11
N GLY D 316 -16.72 32.24 3.99
CA GLY D 316 -15.84 32.95 3.07
C GLY D 316 -16.51 34.10 2.35
N PHE D 317 -17.84 34.09 2.27
CA PHE D 317 -18.55 35.17 1.59
C PHE D 317 -18.53 36.48 2.37
N CYS D 318 -18.13 36.46 3.65
CA CYS D 318 -18.11 37.69 4.43
C CYS D 318 -17.00 38.64 3.99
N LEU D 319 -16.03 38.16 3.22
CA LEU D 319 -14.99 39.04 2.70
C LEU D 319 -15.58 40.00 1.68
N PRO D 320 -15.15 41.27 1.67
CA PRO D 320 -15.61 42.19 0.64
C PRO D 320 -15.10 41.76 -0.73
N PRO D 321 -15.87 41.98 -1.80
CA PRO D 321 -15.44 41.54 -3.13
C PRO D 321 -14.16 42.21 -3.62
N ASP D 322 -13.90 43.46 -3.21
CA ASP D 322 -12.74 44.20 -3.69
C ASP D 322 -11.52 44.04 -2.78
N SER D 323 -11.59 43.15 -1.78
CA SER D 323 -10.46 42.96 -0.88
C SER D 323 -9.25 42.39 -1.62
N GLY D 324 -9.48 41.45 -2.52
CA GLY D 324 -8.43 40.89 -3.36
C GLY D 324 -8.05 39.46 -3.04
N GLU D 325 -8.26 39.01 -1.81
CA GLU D 325 -7.93 37.64 -1.43
C GLU D 325 -9.13 36.70 -1.48
N ARG D 326 -10.29 37.17 -1.94
CA ARG D 326 -11.46 36.30 -2.06
C ARG D 326 -11.23 35.21 -3.10
N VAL D 327 -10.64 35.58 -4.24
CA VAL D 327 -10.40 34.61 -5.31
C VAL D 327 -9.38 33.57 -4.86
N SER D 328 -8.33 34.00 -4.16
CA SER D 328 -7.34 33.06 -3.64
C SER D 328 -7.97 32.12 -2.62
N PHE D 329 -8.83 32.66 -1.74
CA PHE D 329 -9.54 31.84 -0.78
C PHE D 329 -10.38 30.78 -1.47
N LYS D 330 -11.13 31.17 -2.51
CA LYS D 330 -12.01 30.23 -3.18
C LYS D 330 -11.24 29.17 -3.95
N ILE D 331 -10.15 29.55 -4.60
CA ILE D 331 -9.37 28.56 -5.36
C ILE D 331 -8.65 27.61 -4.40
N THR D 332 -8.20 28.11 -3.24
CA THR D 332 -7.60 27.23 -2.25
C THR D 332 -8.63 26.25 -1.71
N LEU D 333 -9.86 26.72 -1.46
CA LEU D 333 -10.91 25.83 -0.99
C LEU D 333 -11.25 24.77 -2.04
N LEU D 334 -11.30 25.16 -3.32
CA LEU D 334 -11.57 24.20 -4.38
C LEU D 334 -10.46 23.17 -4.49
N LEU D 335 -9.20 23.61 -4.36
CA LEU D 335 -8.09 22.66 -4.37
C LEU D 335 -8.17 21.69 -3.21
N GLY D 336 -8.51 22.19 -2.02
CA GLY D 336 -8.67 21.30 -0.87
C GLY D 336 -9.79 20.29 -1.07
N TYR D 337 -10.92 20.74 -1.63
CA TYR D 337 -12.02 19.81 -1.89
C TYR D 337 -11.65 18.76 -2.93
N SER D 338 -10.90 19.18 -3.95
CA SER D 338 -10.44 18.21 -4.95
C SER D 338 -9.49 17.18 -4.34
N VAL D 339 -8.58 17.63 -3.47
CA VAL D 339 -7.69 16.71 -2.79
C VAL D 339 -8.49 15.74 -1.93
N PHE D 340 -9.50 16.25 -1.21
CA PHE D 340 -10.35 15.39 -0.40
C PHE D 340 -11.05 14.33 -1.24
N LEU D 341 -11.69 14.74 -2.34
CA LEU D 341 -12.45 13.77 -3.13
C LEU D 341 -11.52 12.73 -3.75
N ILE D 342 -10.34 13.15 -4.20
CA ILE D 342 -9.39 12.20 -4.77
C ILE D 342 -8.91 11.21 -3.72
N ILE D 343 -8.60 11.70 -2.52
CA ILE D 343 -8.05 10.83 -1.48
C ILE D 343 -9.13 9.97 -0.83
N VAL D 344 -10.40 10.29 -1.03
CA VAL D 344 -11.48 9.49 -0.45
C VAL D 344 -12.10 8.52 -1.45
N SER D 345 -12.11 8.84 -2.75
CA SER D 345 -12.81 8.00 -3.72
C SER D 345 -12.23 6.60 -3.82
N ASP D 346 -10.99 6.41 -3.36
CA ASP D 346 -10.41 5.07 -3.37
C ASP D 346 -11.11 4.15 -2.37
N THR D 347 -11.48 4.69 -1.21
CA THR D 347 -12.11 3.89 -0.17
C THR D 347 -13.57 3.57 -0.47
N LEU D 348 -14.17 4.21 -1.48
CA LEU D 348 -15.55 3.94 -1.86
C LEU D 348 -15.57 3.16 -3.17
N PRO D 349 -15.86 1.83 -3.11
CA PRO D 349 -15.77 1.15 -4.40
C PRO D 349 -16.89 1.47 -5.35
N ALA D 350 -16.64 1.31 -6.63
CA ALA D 350 -17.68 1.54 -7.63
C ALA D 350 -17.57 0.43 -8.64
N THR D 351 -18.48 -0.51 -8.60
CA THR D 351 -18.41 -1.67 -9.48
C THR D 351 -19.78 -1.99 -10.08
N ALA D 352 -19.83 -2.99 -10.95
CA ALA D 352 -21.10 -3.41 -11.57
C ALA D 352 -21.84 -2.29 -12.28
N ILE D 353 -23.10 -2.07 -11.92
CA ILE D 353 -23.90 -1.06 -12.62
C ILE D 353 -23.31 0.35 -12.62
N GLY D 354 -22.45 0.67 -11.66
CA GLY D 354 -21.87 1.99 -11.65
C GLY D 354 -21.70 2.56 -10.26
N THR D 355 -21.39 3.85 -10.18
CA THR D 355 -21.16 4.50 -8.90
C THR D 355 -22.44 4.64 -8.10
N PRO D 356 -22.32 4.57 -6.76
CA PRO D 356 -23.49 4.83 -5.93
C PRO D 356 -23.94 6.29 -5.97
N LEU D 357 -25.09 6.61 -5.37
CA LEU D 357 -25.59 7.98 -5.34
C LEU D 357 -24.68 8.93 -4.58
N ILE D 358 -23.71 8.40 -3.81
CA ILE D 358 -22.76 9.26 -3.10
C ILE D 358 -21.94 10.06 -4.10
N GLY D 359 -21.55 9.44 -5.21
CA GLY D 359 -20.87 10.17 -6.26
C GLY D 359 -21.73 11.27 -6.87
N VAL D 360 -23.04 11.00 -7.00
CA VAL D 360 -23.96 12.02 -7.51
C VAL D 360 -24.02 13.20 -6.56
N TYR D 361 -24.11 12.94 -5.26
CA TYR D 361 -24.15 14.03 -4.29
C TYR D 361 -22.84 14.81 -4.25
N PHE D 362 -21.71 14.10 -4.40
CA PHE D 362 -20.42 14.79 -4.48
C PHE D 362 -20.33 15.66 -5.72
N VAL D 363 -20.88 15.18 -6.84
CA VAL D 363 -20.90 15.99 -8.07
C VAL D 363 -21.79 17.22 -7.87
N VAL D 364 -22.89 17.06 -7.14
CA VAL D 364 -23.75 18.21 -6.83
C VAL D 364 -22.99 19.24 -6.00
N CYS D 365 -22.22 18.77 -5.00
CA CYS D 365 -21.39 19.68 -4.22
C CYS D 365 -20.34 20.38 -5.08
N MET D 366 -19.74 19.64 -6.03
CA MET D 366 -18.81 20.25 -6.97
C MET D 366 -19.48 21.35 -7.77
N ALA D 367 -20.70 21.10 -8.26
CA ALA D 367 -21.41 22.11 -9.04
C ALA D 367 -21.72 23.34 -8.20
N LEU D 368 -22.10 23.13 -6.94
CA LEU D 368 -22.37 24.26 -6.05
C LEU D 368 -21.12 25.09 -5.82
N LEU D 369 -19.98 24.43 -5.58
CA LEU D 369 -18.72 25.15 -5.38
C LEU D 369 -18.31 25.92 -6.63
N VAL D 370 -18.50 25.30 -7.81
CA VAL D 370 -18.17 25.98 -9.06
C VAL D 370 -19.06 27.19 -9.27
N ILE D 371 -20.35 27.07 -8.92
CA ILE D 371 -21.26 28.21 -9.03
C ILE D 371 -20.82 29.35 -8.12
N SER D 372 -20.43 29.01 -6.88
CA SER D 372 -19.95 30.03 -5.96
C SER D 372 -18.69 30.71 -6.49
N LEU D 373 -17.75 29.93 -7.04
CA LEU D 373 -16.53 30.51 -7.60
C LEU D 373 -16.84 31.41 -8.78
N ALA D 374 -17.77 31.00 -9.64
CA ALA D 374 -18.15 31.82 -10.79
C ALA D 374 -18.79 33.13 -10.35
N GLU D 375 -19.64 33.08 -9.32
CA GLU D 375 -20.24 34.30 -8.79
C GLU D 375 -19.16 35.23 -8.23
N THR D 376 -18.19 34.67 -7.49
CA THR D 376 -17.10 35.50 -6.97
C THR D 376 -16.29 36.14 -8.10
N ILE D 377 -15.99 35.36 -9.16
CA ILE D 377 -15.23 35.91 -10.28
C ILE D 377 -16.02 37.03 -10.96
N PHE D 378 -17.32 36.83 -11.15
CA PHE D 378 -18.15 37.84 -11.80
C PHE D 378 -18.20 39.13 -10.97
N ILE D 379 -18.36 39.01 -9.66
CA ILE D 379 -18.47 40.21 -8.84
C ILE D 379 -17.13 40.94 -8.76
N VAL D 380 -16.03 40.20 -8.71
CA VAL D 380 -14.70 40.84 -8.73
C VAL D 380 -14.47 41.56 -10.04
N ARG D 381 -14.89 40.94 -11.16
CA ARG D 381 -14.79 41.63 -12.45
C ARG D 381 -15.66 42.89 -12.46
N LEU D 382 -16.82 42.83 -11.81
CA LEU D 382 -17.71 43.99 -11.82
C LEU D 382 -17.17 45.15 -11.00
N VAL D 383 -16.55 44.86 -9.85
CA VAL D 383 -16.17 45.94 -8.93
C VAL D 383 -14.76 46.43 -9.19
N HIS D 384 -14.12 45.93 -10.26
CA HIS D 384 -12.74 46.30 -10.53
C HIS D 384 -12.66 47.71 -11.14
N LYS D 385 -11.52 48.37 -10.90
CA LYS D 385 -11.25 49.70 -11.43
C LYS D 385 -10.38 49.56 -12.67
N GLN D 386 -10.93 49.90 -13.83
CA GLN D 386 -10.21 49.80 -15.10
C GLN D 386 -10.50 51.02 -15.98
N ASP D 387 -10.63 52.19 -15.35
CA ASP D 387 -11.06 53.43 -16.01
C ASP D 387 -12.39 53.22 -16.74
N LEU D 388 -13.41 52.91 -15.93
CA LEU D 388 -14.72 52.55 -16.44
C LEU D 388 -15.45 53.79 -16.97
N GLN D 389 -16.55 53.54 -17.67
CA GLN D 389 -17.41 54.60 -18.17
C GLN D 389 -18.45 54.96 -17.10
N ARG D 390 -19.35 55.88 -17.46
CA ARG D 390 -20.41 56.26 -16.54
C ARG D 390 -21.32 55.08 -16.25
N PRO D 391 -21.91 55.05 -15.04
CA PRO D 391 -22.86 53.96 -14.75
C PRO D 391 -24.09 54.04 -15.64
N VAL D 392 -24.57 52.88 -16.06
CA VAL D 392 -25.68 52.77 -16.99
C VAL D 392 -27.01 53.01 -16.28
N PRO D 393 -27.83 53.96 -16.76
CA PRO D 393 -29.13 54.18 -16.12
C PRO D 393 -30.11 53.03 -16.32
N ASP D 394 -30.01 52.31 -17.44
CA ASP D 394 -30.92 51.21 -17.71
C ASP D 394 -30.72 50.02 -16.78
N TRP D 395 -29.61 49.98 -16.05
CA TRP D 395 -29.35 48.96 -15.05
C TRP D 395 -29.04 49.58 -13.69
N LEU D 396 -29.67 50.71 -13.40
CA LEU D 396 -29.55 51.41 -12.13
C LEU D 396 -30.89 51.68 -11.47
N ARG D 397 -31.92 52.00 -12.26
CA ARG D 397 -33.24 52.25 -11.69
C ARG D 397 -33.84 51.00 -11.05
N HIS D 398 -33.66 49.84 -11.68
CA HIS D 398 -34.21 48.59 -11.19
C HIS D 398 -33.19 47.78 -10.40
N LEU D 399 -32.05 48.37 -10.05
CA LEU D 399 -31.01 47.68 -9.31
C LEU D 399 -30.72 48.29 -7.96
N VAL D 400 -30.96 49.58 -7.79
CA VAL D 400 -30.78 50.28 -6.52
C VAL D 400 -32.12 50.68 -5.91
N LEU D 401 -32.97 51.34 -6.70
CA LEU D 401 -34.26 51.80 -6.17
C LEU D 401 -35.22 50.63 -5.94
N ASP D 402 -35.32 49.73 -6.92
CA ASP D 402 -36.28 48.63 -6.80
C ASP D 402 -35.82 47.59 -5.78
N ARG D 403 -34.55 47.22 -5.82
CA ARG D 403 -34.00 46.25 -4.88
C ARG D 403 -34.04 46.74 -3.43
N ILE D 404 -34.14 48.05 -3.20
CA ILE D 404 -34.23 48.56 -1.84
C ILE D 404 -35.54 48.10 -1.18
N ALA D 405 -36.61 48.02 -1.97
CA ALA D 405 -37.91 47.61 -1.43
C ALA D 405 -38.22 46.14 -1.67
N TRP D 406 -37.69 45.55 -2.74
CA TRP D 406 -37.99 44.16 -3.02
C TRP D 406 -37.30 43.28 -2.02
N ILE D 407 -36.02 43.54 -1.77
CA ILE D 407 -35.31 42.78 -0.75
C ILE D 407 -34.85 43.73 0.35
N LEU D 408 -34.07 43.22 1.29
CA LEU D 408 -33.61 44.04 2.40
C LEU D 408 -32.86 45.26 1.91
N CYS D 409 -32.99 46.37 2.61
CA CYS D 409 -32.36 47.62 2.16
C CYS D 409 -30.87 47.69 2.46
N LEU D 410 -30.27 48.85 2.25
CA LEU D 410 -28.84 49.02 2.47
C LEU D 410 -28.50 49.00 3.96
N LEU D 472 -3.39 92.31 -16.69
CA LEU D 472 -2.76 91.41 -17.64
C LEU D 472 -2.33 90.11 -16.97
N ALA D 473 -1.79 90.22 -15.76
CA ALA D 473 -1.34 89.04 -15.02
C ALA D 473 -2.53 88.19 -14.63
N VAL D 474 -3.63 88.82 -14.26
CA VAL D 474 -4.85 88.09 -13.92
C VAL D 474 -5.14 86.97 -14.87
N ARG D 475 -5.20 87.28 -16.15
CA ARG D 475 -5.51 86.30 -17.18
C ARG D 475 -4.56 85.12 -17.11
N GLY D 476 -3.27 85.39 -16.90
CA GLY D 476 -2.30 84.32 -16.73
C GLY D 476 -2.57 83.46 -15.51
N LEU D 477 -2.93 84.10 -14.39
CA LEU D 477 -3.22 83.34 -13.18
C LEU D 477 -4.42 82.43 -13.36
N LEU D 478 -5.51 82.94 -13.94
CA LEU D 478 -6.67 82.08 -14.19
C LEU D 478 -6.36 80.97 -15.20
N GLN D 479 -5.59 81.30 -16.25
CA GLN D 479 -5.22 80.28 -17.24
C GLN D 479 -4.39 79.18 -16.59
N GLU D 480 -3.50 79.54 -15.66
CA GLU D 480 -2.71 78.54 -14.96
C GLU D 480 -3.60 77.69 -14.05
N LEU D 481 -4.45 78.33 -13.24
CA LEU D 481 -5.21 77.59 -12.24
C LEU D 481 -6.30 76.73 -12.88
N SER D 482 -6.71 77.04 -14.11
CA SER D 482 -7.74 76.26 -14.77
C SER D 482 -7.30 74.81 -14.99
N SER D 483 -6.02 74.60 -15.29
CA SER D 483 -5.52 73.26 -15.51
C SER D 483 -5.60 72.42 -14.23
N ILE D 484 -5.17 73.00 -13.10
CA ILE D 484 -5.26 72.29 -11.82
C ILE D 484 -6.70 71.97 -11.49
N ARG D 485 -7.59 72.95 -11.68
CA ARG D 485 -9.01 72.72 -11.40
C ARG D 485 -9.57 71.60 -12.25
N HIS D 486 -9.25 71.59 -13.55
CA HIS D 486 -9.76 70.56 -14.45
C HIS D 486 -9.24 69.18 -14.07
N PHE D 487 -7.95 69.08 -13.71
CA PHE D 487 -7.39 67.79 -13.33
C PHE D 487 -8.05 67.26 -12.07
N LEU D 488 -8.26 68.13 -11.07
CA LEU D 488 -8.94 67.67 -9.86
C LEU D 488 -10.38 67.29 -10.15
N GLU D 489 -11.04 68.01 -11.05
CA GLU D 489 -12.41 67.66 -11.42
C GLU D 489 -12.47 66.27 -12.07
N LYS D 490 -11.55 65.98 -12.98
CA LYS D 490 -11.60 64.67 -13.65
C LYS D 490 -11.24 63.54 -12.68
N ARG D 491 -10.31 63.79 -11.75
CA ARG D 491 -10.03 62.79 -10.72
C ARG D 491 -11.27 62.52 -9.87
N ASP D 492 -11.99 63.58 -9.48
CA ASP D 492 -13.18 63.42 -8.66
C ASP D 492 -14.27 62.67 -9.43
N GLU D 493 -14.42 62.96 -10.73
CA GLU D 493 -15.39 62.24 -11.54
C GLU D 493 -15.06 60.76 -11.61
N MET D 494 -13.78 60.43 -11.81
CA MET D 494 -13.37 59.03 -11.89
C MET D 494 -13.65 58.30 -10.58
N ARG D 495 -13.33 58.93 -9.45
CA ARG D 495 -13.55 58.25 -8.17
C ARG D 495 -15.05 58.15 -7.85
N GLU D 496 -15.85 59.12 -8.28
CA GLU D 496 -17.30 59.00 -8.09
C GLU D 496 -17.87 57.85 -8.90
N VAL D 497 -17.40 57.69 -10.15
CA VAL D 497 -17.83 56.55 -10.97
C VAL D 497 -17.44 55.24 -10.29
N ALA D 498 -16.22 55.18 -9.75
CA ALA D 498 -15.78 53.98 -9.04
C ALA D 498 -16.66 53.69 -7.84
N ARG D 499 -17.04 54.73 -7.10
CA ARG D 499 -17.92 54.55 -5.94
C ARG D 499 -19.28 54.00 -6.34
N ASP D 500 -19.85 54.54 -7.43
CA ASP D 500 -21.14 54.04 -7.90
C ASP D 500 -21.07 52.57 -8.30
N TRP D 501 -20.00 52.20 -9.02
CA TRP D 501 -19.84 50.81 -9.41
C TRP D 501 -19.65 49.91 -8.18
N LEU D 502 -18.94 50.41 -7.17
CA LEU D 502 -18.75 49.63 -5.95
C LEU D 502 -20.08 49.41 -5.23
N ARG D 503 -20.94 50.43 -5.18
CA ARG D 503 -22.25 50.26 -4.56
C ARG D 503 -23.09 49.23 -5.31
N VAL D 504 -23.07 49.28 -6.64
CA VAL D 504 -23.80 48.30 -7.44
C VAL D 504 -23.28 46.89 -7.15
N GLY D 505 -21.96 46.74 -7.09
CA GLY D 505 -21.38 45.43 -6.81
C GLY D 505 -21.75 44.92 -5.43
N TYR D 506 -21.78 45.82 -4.43
CA TYR D 506 -22.16 45.41 -3.08
C TYR D 506 -23.60 44.91 -3.04
N VAL D 507 -24.51 45.63 -3.72
CA VAL D 507 -25.91 45.20 -3.74
C VAL D 507 -26.04 43.83 -4.40
N LEU D 508 -25.35 43.63 -5.54
CA LEU D 508 -25.40 42.34 -6.22
C LEU D 508 -24.82 41.23 -5.35
N ASP D 509 -23.73 41.52 -4.65
CA ASP D 509 -23.11 40.52 -3.78
C ASP D 509 -24.06 40.10 -2.66
N ARG D 510 -24.75 41.07 -2.06
CA ARG D 510 -25.71 40.74 -1.00
C ARG D 510 -26.85 39.87 -1.54
N LEU D 511 -27.37 40.23 -2.71
CA LEU D 511 -28.47 39.45 -3.29
C LEU D 511 -28.04 38.02 -3.59
N LEU D 512 -26.87 37.85 -4.21
CA LEU D 512 -26.39 36.52 -4.53
C LEU D 512 -26.07 35.72 -3.27
N PHE D 513 -25.58 36.38 -2.22
CA PHE D 513 -25.34 35.69 -0.96
C PHE D 513 -26.64 35.15 -0.38
N ARG D 514 -27.70 35.96 -0.39
CA ARG D 514 -28.99 35.48 0.13
C ARG D 514 -29.51 34.31 -0.70
N ILE D 515 -29.40 34.40 -2.03
CA ILE D 515 -29.87 33.33 -2.89
C ILE D 515 -29.11 32.04 -2.62
N TYR D 516 -27.78 32.14 -2.51
CA TYR D 516 -26.96 30.95 -2.27
C TYR D 516 -27.27 30.34 -0.91
N LEU D 517 -27.49 31.17 0.11
CA LEU D 517 -27.83 30.66 1.44
C LEU D 517 -29.15 29.90 1.40
N LEU D 518 -30.16 30.46 0.73
CA LEU D 518 -31.44 29.76 0.62
C LEU D 518 -31.31 28.44 -0.14
N ALA D 519 -30.51 28.44 -1.22
CA ALA D 519 -30.32 27.21 -1.98
C ALA D 519 -29.62 26.15 -1.14
N VAL D 520 -28.61 26.55 -0.36
CA VAL D 520 -27.90 25.60 0.49
C VAL D 520 -28.84 25.02 1.55
N LEU D 521 -29.66 25.88 2.17
CA LEU D 521 -30.62 25.38 3.15
C LEU D 521 -31.60 24.40 2.54
N ALA D 522 -32.12 24.71 1.34
CA ALA D 522 -33.05 23.80 0.68
C ALA D 522 -32.40 22.47 0.35
N TYR D 523 -31.16 22.51 -0.13
CA TYR D 523 -30.45 21.26 -0.44
C TYR D 523 -30.22 20.43 0.81
N SER D 524 -29.84 21.08 1.92
CA SER D 524 -29.63 20.34 3.16
C SER D 524 -30.91 19.70 3.65
N ILE D 525 -32.03 20.43 3.57
CA ILE D 525 -33.31 19.87 4.01
C ILE D 525 -33.72 18.69 3.14
N THR D 526 -33.64 18.85 1.82
CA THR D 526 -34.03 17.76 0.94
C THR D 526 -33.05 16.59 0.96
N LEU D 527 -31.84 16.79 1.50
CA LEU D 527 -30.95 15.66 1.68
C LEU D 527 -31.22 14.94 2.99
N VAL D 528 -31.51 15.69 4.07
CA VAL D 528 -31.74 15.05 5.36
C VAL D 528 -33.10 14.38 5.43
N THR D 529 -34.07 14.82 4.60
CA THR D 529 -35.39 14.20 4.64
C THR D 529 -35.34 12.75 4.14
N LEU D 530 -34.40 12.43 3.25
CA LEU D 530 -34.27 11.07 2.77
C LEU D 530 -33.80 10.14 3.89
N TRP D 531 -32.80 10.57 4.66
CA TRP D 531 -32.36 9.79 5.82
C TRP D 531 -33.47 9.69 6.85
N SER D 532 -34.23 10.77 7.04
CA SER D 532 -35.32 10.75 8.01
C SER D 532 -36.39 9.74 7.62
N ILE D 533 -36.74 9.67 6.34
CA ILE D 533 -37.78 8.74 5.91
C ILE D 533 -37.25 7.31 5.85
N TRP D 534 -35.94 7.15 5.60
CA TRP D 534 -35.38 5.80 5.55
C TRP D 534 -35.23 5.21 6.94
N HIS D 535 -34.80 6.01 7.91
CA HIS D 535 -34.51 5.48 9.24
C HIS D 535 -35.78 4.99 9.94
N TYR D 536 -36.89 5.71 9.78
CA TYR D 536 -38.15 5.34 10.42
C TYR D 536 -38.87 4.29 9.55
N SER D 537 -38.28 3.10 9.53
CA SER D 537 -38.82 1.99 8.75
C SER D 537 -38.43 0.65 9.36
N THR E 82 14.42 -65.35 28.03
CA THR E 82 14.72 -64.54 26.87
C THR E 82 16.06 -63.82 27.03
N THR E 83 16.58 -63.28 25.93
CA THR E 83 17.83 -62.54 25.95
C THR E 83 17.56 -61.09 26.32
N GLN E 84 18.59 -60.25 26.25
CA GLN E 84 18.48 -58.82 26.55
C GLN E 84 19.12 -58.03 25.41
N PRO E 85 18.43 -57.90 24.27
CA PRO E 85 18.97 -57.06 23.19
C PRO E 85 19.07 -55.60 23.58
N ALA E 86 17.92 -55.01 23.93
CA ALA E 86 17.82 -53.62 24.37
C ALA E 86 16.40 -53.35 24.87
N LEU E 87 16.09 -52.07 25.11
CA LEU E 87 14.75 -51.70 25.57
C LEU E 87 13.72 -51.74 24.44
N LEU E 88 14.15 -51.88 23.19
CA LEU E 88 13.22 -51.73 22.07
C LEU E 88 12.15 -52.80 22.08
N ARG E 89 12.45 -53.98 22.65
CA ARG E 89 11.43 -55.03 22.74
C ARG E 89 10.24 -54.57 23.55
N LEU E 90 10.47 -53.72 24.56
CA LEU E 90 9.38 -53.10 25.29
C LEU E 90 8.42 -52.41 24.34
N SER E 91 8.97 -51.62 23.40
CA SER E 91 8.14 -50.98 22.38
C SER E 91 7.32 -52.00 21.63
N ASP E 92 7.95 -53.13 21.25
CA ASP E 92 7.21 -54.20 20.61
C ASP E 92 6.08 -54.69 21.51
N HIS E 93 6.39 -54.92 22.78
CA HIS E 93 5.39 -55.37 23.73
C HIS E 93 4.26 -54.35 23.89
N LEU E 94 4.53 -53.08 23.58
CA LEU E 94 3.49 -52.08 23.64
C LEU E 94 2.76 -51.90 22.31
N LEU E 95 3.38 -52.26 21.20
CA LEU E 95 2.84 -51.95 19.88
C LEU E 95 2.68 -53.16 18.98
N ALA E 96 2.68 -54.38 19.54
CA ALA E 96 2.49 -55.57 18.71
C ALA E 96 1.06 -55.64 18.19
N ASN E 97 0.08 -55.42 19.06
CA ASN E 97 -1.33 -55.52 18.72
C ASN E 97 -2.11 -54.34 19.27
N TYR E 98 -1.60 -53.14 19.06
CA TYR E 98 -2.22 -51.92 19.53
C TYR E 98 -3.05 -51.30 18.41
N LYS E 99 -4.28 -50.91 18.73
CA LYS E 99 -5.19 -50.27 17.79
C LYS E 99 -5.30 -48.79 18.15
N LYS E 100 -4.92 -47.91 17.23
CA LYS E 100 -4.88 -46.48 17.48
C LYS E 100 -6.18 -45.77 17.10
N GLY E 101 -7.20 -46.50 16.66
CA GLY E 101 -8.45 -45.89 16.28
C GLY E 101 -9.53 -45.99 17.33
N VAL E 102 -9.26 -46.70 18.42
CA VAL E 102 -10.22 -46.94 19.49
C VAL E 102 -9.82 -46.12 20.70
N ARG E 103 -10.81 -45.57 21.39
CA ARG E 103 -10.54 -44.82 22.61
C ARG E 103 -9.99 -45.76 23.69
N PRO E 104 -8.86 -45.43 24.31
CA PRO E 104 -8.18 -46.37 25.22
C PRO E 104 -8.77 -46.44 26.63
N VAL E 105 -9.91 -47.13 26.75
CA VAL E 105 -10.54 -47.40 28.03
C VAL E 105 -10.99 -48.86 28.05
N ARG E 106 -10.82 -49.52 29.19
CA ARG E 106 -11.31 -50.87 29.34
C ARG E 106 -12.82 -50.91 29.54
N ASP E 107 -13.38 -49.90 30.20
CA ASP E 107 -14.82 -49.74 30.35
C ASP E 107 -15.25 -48.51 29.56
N TRP E 108 -16.19 -48.70 28.63
CA TRP E 108 -16.61 -47.60 27.77
C TRP E 108 -17.43 -46.53 28.50
N ARG E 109 -17.86 -46.80 29.72
CA ARG E 109 -18.65 -45.84 30.48
C ARG E 109 -17.80 -44.80 31.20
N LYS E 110 -16.47 -44.98 31.23
CA LYS E 110 -15.59 -44.06 31.91
C LYS E 110 -15.01 -43.06 30.91
N PRO E 111 -15.22 -41.76 31.08
CA PRO E 111 -14.66 -40.79 30.16
C PRO E 111 -13.15 -40.69 30.30
N THR E 112 -12.52 -40.24 29.21
CA THR E 112 -11.07 -40.01 29.21
C THR E 112 -10.80 -38.56 29.58
N THR E 113 -10.07 -38.35 30.66
CA THR E 113 -9.80 -37.02 31.18
C THR E 113 -8.46 -36.52 30.66
N VAL E 114 -8.46 -35.33 30.07
CA VAL E 114 -7.26 -34.69 29.54
C VAL E 114 -6.99 -33.44 30.35
N SER E 115 -5.79 -33.36 30.93
CA SER E 115 -5.39 -32.20 31.71
C SER E 115 -4.39 -31.38 30.89
N ILE E 116 -4.71 -30.10 30.69
CA ILE E 116 -3.99 -29.25 29.77
C ILE E 116 -3.53 -27.98 30.48
N ASP E 117 -2.52 -27.34 29.91
CA ASP E 117 -2.17 -25.97 30.29
C ASP E 117 -1.36 -25.31 29.17
N VAL E 118 -1.30 -23.98 29.25
CA VAL E 118 -0.82 -23.11 28.18
C VAL E 118 0.03 -22.01 28.79
N ILE E 119 1.14 -21.69 28.13
CA ILE E 119 1.95 -20.53 28.48
C ILE E 119 2.07 -19.65 27.26
N MET E 120 1.65 -18.38 27.38
CA MET E 120 1.78 -17.43 26.29
C MET E 120 3.24 -17.10 26.03
N TYR E 121 3.60 -16.92 24.76
CA TYR E 121 4.97 -16.59 24.39
C TYR E 121 5.10 -15.20 23.80
N ALA E 122 4.24 -14.82 22.86
CA ALA E 122 4.32 -13.50 22.25
C ALA E 122 2.97 -13.16 21.62
N ILE E 123 2.60 -11.89 21.70
CA ILE E 123 1.41 -11.37 21.02
C ILE E 123 1.87 -10.93 19.63
N LEU E 124 1.42 -11.64 18.60
CA LEU E 124 1.94 -11.41 17.26
C LEU E 124 1.23 -10.26 16.56
N ASN E 125 -0.09 -10.25 16.54
CA ASN E 125 -0.79 -9.21 15.81
C ASN E 125 -2.18 -8.98 16.39
N VAL E 126 -2.64 -7.74 16.32
CA VAL E 126 -3.98 -7.34 16.74
C VAL E 126 -4.56 -6.52 15.59
N ASP E 127 -5.38 -7.15 14.74
CA ASP E 127 -6.06 -6.47 13.65
C ASP E 127 -7.39 -5.95 14.17
N GLU E 128 -7.47 -4.63 14.38
CA GLU E 128 -8.67 -4.04 14.95
C GLU E 128 -9.81 -3.98 13.95
N LYS E 129 -9.52 -3.64 12.69
CA LYS E 129 -10.57 -3.51 11.69
C LYS E 129 -11.14 -4.87 11.31
N ASN E 130 -10.31 -5.91 11.34
CA ASN E 130 -10.79 -7.27 11.06
C ASN E 130 -11.18 -8.02 12.33
N GLN E 131 -10.90 -7.46 13.50
CA GLN E 131 -11.21 -8.08 14.79
C GLN E 131 -10.56 -9.46 14.90
N VAL E 132 -9.25 -9.50 14.67
CA VAL E 132 -8.48 -10.74 14.64
C VAL E 132 -7.31 -10.61 15.60
N LEU E 133 -7.04 -11.68 16.36
CA LEU E 133 -5.91 -11.72 17.27
C LEU E 133 -5.01 -12.90 16.90
N THR E 134 -3.73 -12.63 16.73
CA THR E 134 -2.75 -13.65 16.38
C THR E 134 -1.72 -13.74 17.50
N THR E 135 -1.60 -14.92 18.11
CA THR E 135 -0.73 -15.13 19.25
C THR E 135 0.06 -16.43 19.06
N TYR E 136 1.05 -16.63 19.93
CA TYR E 136 1.85 -17.84 19.98
C TYR E 136 1.89 -18.37 21.40
N ILE E 137 1.65 -19.67 21.56
CA ILE E 137 1.60 -20.29 22.87
C ILE E 137 2.41 -21.59 22.86
N TRP E 138 2.84 -21.98 24.05
CA TRP E 138 3.39 -23.31 24.29
C TRP E 138 2.34 -24.10 25.07
N TYR E 139 1.85 -25.18 24.47
CA TYR E 139 0.73 -25.94 25.00
C TYR E 139 1.22 -27.32 25.40
N ARG E 140 0.71 -27.84 26.52
CA ARG E 140 1.01 -29.22 26.87
C ARG E 140 -0.19 -29.84 27.55
N GLN E 141 -0.28 -31.17 27.42
CA GLN E 141 -1.44 -31.90 27.90
C GLN E 141 -1.01 -33.31 28.31
N TYR E 142 -1.84 -33.95 29.11
CA TYR E 142 -1.60 -35.34 29.47
C TYR E 142 -2.92 -36.05 29.70
N TRP E 143 -2.89 -37.36 29.48
CA TRP E 143 -4.05 -38.22 29.72
C TRP E 143 -3.54 -39.61 30.08
N THR E 144 -4.47 -40.55 30.23
CA THR E 144 -4.18 -41.92 30.65
C THR E 144 -4.59 -42.89 29.56
N ASP E 145 -3.66 -43.75 29.15
CA ASP E 145 -3.91 -44.81 28.17
C ASP E 145 -3.84 -46.14 28.89
N GLU E 146 -4.95 -46.86 28.94
CA GLU E 146 -5.03 -48.09 29.71
C GLU E 146 -4.43 -49.29 29.00
N PHE E 147 -4.05 -49.17 27.73
CA PHE E 147 -3.40 -50.24 27.00
C PHE E 147 -1.89 -50.04 26.87
N LEU E 148 -1.33 -49.03 27.55
CA LEU E 148 0.10 -48.77 27.47
C LEU E 148 0.73 -48.84 28.86
N GLN E 149 0.40 -49.87 29.62
CA GLN E 149 0.91 -50.06 30.97
C GLN E 149 1.82 -51.28 31.02
N TRP E 150 2.90 -51.18 31.79
CA TRP E 150 3.84 -52.28 31.92
C TRP E 150 4.50 -52.23 33.29
N THR E 151 5.08 -53.35 33.67
CA THR E 151 5.88 -53.43 34.89
C THR E 151 7.30 -52.97 34.62
N PRO E 152 7.84 -52.02 35.40
CA PRO E 152 9.24 -51.61 35.17
C PRO E 152 10.23 -52.75 35.31
N GLU E 153 9.97 -53.69 36.21
CA GLU E 153 10.78 -54.89 36.27
C GLU E 153 10.51 -55.76 35.04
N ASP E 154 11.48 -56.63 34.73
CA ASP E 154 11.57 -57.46 33.53
C ASP E 154 11.79 -56.59 32.29
N PHE E 155 12.09 -55.31 32.45
CA PHE E 155 12.39 -54.43 31.32
C PHE E 155 13.56 -53.51 31.68
N ASP E 156 14.47 -54.00 32.53
CA ASP E 156 15.67 -53.26 32.95
C ASP E 156 15.31 -51.95 33.63
N ASN E 157 14.24 -51.97 34.43
CA ASN E 157 13.83 -50.84 35.26
C ASN E 157 13.56 -49.58 34.45
N VAL E 158 12.96 -49.75 33.27
CA VAL E 158 12.56 -48.61 32.44
C VAL E 158 11.23 -48.09 32.96
N THR E 159 11.19 -46.80 33.29
CA THR E 159 9.98 -46.18 33.83
C THR E 159 9.21 -45.36 32.82
N LYS E 160 9.88 -44.80 31.81
CA LYS E 160 9.21 -44.04 30.78
C LYS E 160 10.03 -44.08 29.51
N LEU E 161 9.37 -43.83 28.38
CA LEU E 161 10.06 -43.84 27.09
C LEU E 161 9.33 -42.91 26.12
N SER E 162 9.89 -42.82 24.91
CA SER E 162 9.35 -41.97 23.85
C SER E 162 8.75 -42.84 22.76
N ILE E 163 7.56 -42.45 22.31
CA ILE E 163 6.82 -43.17 21.28
C ILE E 163 6.38 -42.18 20.21
N PRO E 164 6.40 -42.55 18.92
CA PRO E 164 5.90 -41.64 17.89
C PRO E 164 4.43 -41.28 18.11
N THR E 165 4.10 -40.02 17.79
CA THR E 165 2.76 -39.52 18.06
C THR E 165 1.72 -40.20 17.18
N ASP E 166 2.07 -40.50 15.93
CA ASP E 166 1.12 -41.05 14.98
C ASP E 166 0.91 -42.56 15.10
N SER E 167 1.28 -43.16 16.23
CA SER E 167 1.09 -44.58 16.46
C SER E 167 0.18 -44.88 17.63
N ILE E 168 -0.37 -43.85 18.29
CA ILE E 168 -1.25 -44.03 19.43
C ILE E 168 -2.47 -43.12 19.27
N TRP E 169 -3.46 -43.35 20.12
CA TRP E 169 -4.67 -42.53 20.11
C TRP E 169 -4.38 -41.14 20.66
N VAL E 170 -4.88 -40.12 19.96
CA VAL E 170 -4.67 -38.73 20.36
C VAL E 170 -6.02 -38.00 20.34
N PRO E 171 -6.39 -37.31 21.43
CA PRO E 171 -7.66 -36.58 21.44
C PRO E 171 -7.63 -35.38 20.49
N ASP E 172 -8.82 -35.01 20.01
CA ASP E 172 -8.98 -33.90 19.07
C ASP E 172 -9.41 -32.66 19.83
N ILE E 173 -8.45 -32.01 20.48
CA ILE E 173 -8.69 -30.79 21.24
C ILE E 173 -8.36 -29.60 20.34
N LEU E 174 -9.35 -28.73 20.12
CA LEU E 174 -9.21 -27.57 19.26
C LEU E 174 -9.73 -26.34 20.00
N ILE E 175 -9.73 -25.22 19.29
CA ILE E 175 -10.16 -23.93 19.84
C ILE E 175 -11.38 -23.47 19.04
N ASN E 176 -12.43 -23.07 19.76
CA ASN E 176 -13.68 -22.64 19.11
C ASN E 176 -13.47 -21.40 18.26
N GLU E 177 -12.69 -20.44 18.76
CA GLU E 177 -12.55 -19.14 18.12
C GLU E 177 -11.68 -19.15 16.86
N PHE E 178 -11.29 -20.30 16.31
CA PHE E 178 -10.46 -20.31 15.12
C PHE E 178 -11.19 -19.68 13.93
N VAL E 179 -10.49 -18.83 13.21
CA VAL E 179 -10.94 -18.33 11.91
C VAL E 179 -9.95 -18.65 10.80
N ASP E 180 -8.81 -19.25 11.13
CA ASP E 180 -7.81 -19.64 10.16
C ASP E 180 -6.92 -20.70 10.79
N VAL E 181 -6.07 -21.31 9.98
CA VAL E 181 -5.15 -22.34 10.44
C VAL E 181 -3.75 -21.74 10.49
N GLY E 182 -3.16 -21.72 11.69
CA GLY E 182 -1.81 -21.22 11.83
C GLY E 182 -0.77 -22.24 11.42
N LYS E 183 0.44 -21.76 11.21
CA LYS E 183 1.57 -22.60 10.82
C LYS E 183 2.44 -22.86 12.05
N SER E 184 2.42 -24.10 12.53
CA SER E 184 3.19 -24.51 13.69
C SER E 184 3.94 -25.79 13.38
N PRO E 185 5.12 -25.99 13.97
CA PRO E 185 5.87 -27.22 13.72
C PRO E 185 5.19 -28.43 14.32
N ASN E 186 5.50 -29.59 13.75
CA ASN E 186 4.94 -30.86 14.19
C ASN E 186 5.93 -31.56 15.11
N ILE E 187 5.44 -32.05 16.25
CA ILE E 187 6.26 -32.75 17.23
C ILE E 187 5.98 -34.24 17.09
N PRO E 188 6.94 -35.04 16.64
CA PRO E 188 6.65 -36.45 16.33
C PRO E 188 6.88 -37.43 17.47
N TYR E 189 7.06 -36.95 18.71
CA TYR E 189 7.33 -37.84 19.83
C TYR E 189 6.52 -37.44 21.05
N VAL E 190 6.17 -38.43 21.86
CA VAL E 190 5.50 -38.21 23.14
C VAL E 190 6.14 -39.12 24.19
N TYR E 191 5.97 -38.75 25.46
CA TYR E 191 6.34 -39.62 26.56
C TYR E 191 5.21 -40.57 26.93
N VAL E 192 5.59 -41.78 27.31
CA VAL E 192 4.70 -42.74 27.95
C VAL E 192 5.38 -43.25 29.22
N HIS E 193 4.67 -43.19 30.34
CA HIS E 193 5.13 -43.73 31.61
C HIS E 193 4.55 -45.12 31.82
N HIS E 194 5.04 -45.78 32.87
CA HIS E 194 4.69 -47.18 33.11
C HIS E 194 3.31 -47.36 33.71
N ARG E 195 2.54 -46.29 33.90
CA ARG E 195 1.19 -46.38 34.44
C ARG E 195 0.15 -45.87 33.44
N GLY E 196 0.49 -45.80 32.16
CA GLY E 196 -0.41 -45.27 31.16
C GLY E 196 -0.39 -43.77 31.01
N GLU E 197 0.46 -43.08 31.75
CA GLU E 197 0.60 -41.63 31.64
C GLU E 197 1.17 -41.25 30.28
N VAL E 198 0.43 -40.47 29.50
CA VAL E 198 0.87 -39.99 28.19
C VAL E 198 0.86 -38.48 28.21
N GLN E 199 2.01 -37.88 27.87
CA GLN E 199 2.19 -36.44 27.87
C GLN E 199 2.56 -35.95 26.47
N ASN E 200 2.08 -34.76 26.12
CA ASN E 200 2.26 -34.22 24.78
C ASN E 200 2.55 -32.72 24.89
N TYR E 201 3.67 -32.31 24.30
CA TYR E 201 4.10 -30.91 24.25
C TYR E 201 4.09 -30.43 22.80
N LYS E 202 3.58 -29.22 22.58
CA LYS E 202 3.65 -28.65 21.24
C LYS E 202 3.48 -27.13 21.25
N PRO E 203 4.10 -26.42 20.32
CA PRO E 203 3.81 -24.98 20.15
C PRO E 203 2.69 -24.76 19.16
N LEU E 204 1.90 -23.72 19.43
CA LEU E 204 0.72 -23.42 18.62
C LEU E 204 0.69 -21.94 18.26
N GLN E 205 0.46 -21.65 16.99
CA GLN E 205 0.17 -20.31 16.51
C GLN E 205 -1.33 -20.19 16.34
N LEU E 206 -1.94 -19.25 17.04
CA LEU E 206 -3.40 -19.13 17.10
C LEU E 206 -3.84 -17.86 16.39
N VAL E 207 -4.76 -18.01 15.44
CA VAL E 207 -5.40 -16.89 14.75
C VAL E 207 -6.89 -16.97 15.08
N THR E 208 -7.33 -16.15 16.03
CA THR E 208 -8.69 -16.24 16.55
C THR E 208 -9.43 -14.93 16.31
N ALA E 209 -10.74 -14.98 16.52
CA ALA E 209 -11.61 -13.82 16.40
C ALA E 209 -11.93 -13.27 17.78
N CYS E 210 -11.70 -11.98 17.97
CA CYS E 210 -11.92 -11.32 19.25
C CYS E 210 -12.69 -10.03 19.04
N SER E 211 -13.50 -9.67 20.04
CA SER E 211 -14.23 -8.41 20.03
C SER E 211 -13.37 -7.36 20.72
N LEU E 212 -12.92 -6.37 19.96
CA LEU E 212 -12.02 -5.35 20.46
C LEU E 212 -12.76 -4.04 20.66
N ASP E 213 -12.62 -3.44 21.84
CA ASP E 213 -13.24 -2.16 22.15
C ASP E 213 -12.16 -1.08 22.13
N ILE E 214 -12.34 -0.08 21.27
CA ILE E 214 -11.35 0.97 21.08
C ILE E 214 -11.95 2.33 21.46
N TYR E 215 -12.84 2.33 22.45
CA TYR E 215 -13.48 3.57 22.88
C TYR E 215 -12.45 4.58 23.39
N ASN E 216 -11.48 4.10 24.17
CA ASN E 216 -10.33 4.90 24.58
C ASN E 216 -9.10 4.27 23.92
N PHE E 217 -8.83 4.71 22.68
CA PHE E 217 -7.88 4.01 21.82
C PHE E 217 -6.46 3.95 22.37
N PRO E 218 -5.81 5.05 22.81
CA PRO E 218 -4.41 4.93 23.24
C PRO E 218 -4.24 4.17 24.55
N PHE E 219 -5.29 4.05 25.35
CA PHE E 219 -5.20 3.45 26.68
C PHE E 219 -6.19 2.32 26.85
N ASP E 220 -6.51 1.61 25.77
CA ASP E 220 -7.48 0.53 25.84
C ASP E 220 -6.87 -0.72 26.47
N VAL E 221 -7.73 -1.52 27.08
CA VAL E 221 -7.36 -2.80 27.67
C VAL E 221 -8.22 -3.86 27.01
N GLN E 222 -7.57 -4.86 26.40
CA GLN E 222 -8.32 -5.87 25.67
C GLN E 222 -8.46 -7.16 26.49
N ASN E 223 -9.60 -7.82 26.31
CA ASN E 223 -9.98 -9.00 27.07
C ASN E 223 -10.51 -10.05 26.08
N CYS E 224 -9.60 -10.88 25.56
CA CYS E 224 -9.97 -11.89 24.58
C CYS E 224 -10.15 -13.25 25.26
N SER E 225 -10.66 -14.22 24.51
CA SER E 225 -10.91 -15.54 25.09
C SER E 225 -10.43 -16.62 24.12
N LEU E 226 -9.87 -17.69 24.69
CA LEU E 226 -9.48 -18.88 23.94
C LEU E 226 -10.13 -20.08 24.59
N THR E 227 -11.00 -20.77 23.87
CA THR E 227 -11.80 -21.85 24.42
C THR E 227 -11.31 -23.18 23.85
N PHE E 228 -10.70 -24.00 24.69
CA PHE E 228 -10.26 -25.34 24.30
C PHE E 228 -11.39 -26.34 24.55
N THR E 229 -11.69 -27.15 23.55
CA THR E 229 -12.72 -28.17 23.67
C THR E 229 -12.50 -29.24 22.61
N SER E 230 -13.12 -30.39 22.83
CA SER E 230 -13.12 -31.46 21.83
C SER E 230 -14.20 -31.19 20.80
N TRP E 231 -13.84 -31.26 19.52
CA TRP E 231 -14.78 -30.89 18.47
C TRP E 231 -15.90 -31.91 18.34
N LEU E 232 -15.60 -33.20 18.51
CA LEU E 232 -16.60 -34.25 18.32
C LEU E 232 -17.09 -34.85 19.62
N HIS E 233 -16.18 -35.30 20.48
CA HIS E 233 -16.56 -36.08 21.65
C HIS E 233 -17.31 -35.23 22.67
N THR E 234 -18.36 -35.82 23.24
CA THR E 234 -19.16 -35.17 24.26
C THR E 234 -18.50 -35.35 25.63
N ILE E 235 -19.19 -34.89 26.67
CA ILE E 235 -18.64 -34.98 28.03
C ILE E 235 -18.65 -36.41 28.54
N GLN E 236 -19.42 -37.30 27.91
CA GLN E 236 -19.40 -38.71 28.30
C GLN E 236 -18.15 -39.43 27.81
N ASP E 237 -17.38 -38.83 26.90
CA ASP E 237 -16.17 -39.43 26.36
C ASP E 237 -14.91 -38.69 26.77
N ILE E 238 -14.87 -37.38 26.58
CA ILE E 238 -13.68 -36.57 26.87
C ILE E 238 -14.07 -35.46 27.83
N ASN E 239 -13.31 -35.34 28.92
CA ASN E 239 -13.47 -34.26 29.89
C ASN E 239 -12.14 -33.53 30.03
N ILE E 240 -12.20 -32.22 30.27
CA ILE E 240 -11.02 -31.36 30.29
C ILE E 240 -10.86 -30.77 31.68
N THR E 241 -9.67 -30.91 32.24
CA THR E 241 -9.30 -30.30 33.53
C THR E 241 -8.03 -29.49 33.33
N LEU E 242 -7.44 -29.04 34.43
CA LEU E 242 -6.24 -28.22 34.42
C LEU E 242 -5.06 -29.02 34.94
N TRP E 243 -3.90 -28.85 34.31
CA TRP E 243 -2.68 -29.52 34.76
C TRP E 243 -2.26 -29.03 36.14
N ARG E 244 -2.32 -27.72 36.37
CA ARG E 244 -1.90 -27.13 37.62
C ARG E 244 -2.97 -26.17 38.13
N SER E 245 -2.69 -25.57 39.28
CA SER E 245 -3.65 -24.68 39.92
C SER E 245 -3.86 -23.43 39.09
N PRO E 246 -5.09 -22.89 39.06
CA PRO E 246 -5.34 -21.64 38.32
C PRO E 246 -4.57 -20.45 38.87
N GLU E 247 -4.25 -20.46 40.17
CA GLU E 247 -3.53 -19.33 40.76
C GLU E 247 -2.14 -19.15 40.16
N GLU E 248 -1.41 -20.26 39.97
CA GLU E 248 -0.11 -20.17 39.33
C GLU E 248 -0.21 -20.06 37.82
N VAL E 249 -1.35 -20.43 37.23
CA VAL E 249 -1.55 -20.22 35.81
C VAL E 249 -1.72 -18.74 35.49
N ARG E 250 -2.53 -18.03 36.29
CA ARG E 250 -2.83 -16.64 35.98
C ARG E 250 -1.63 -15.73 36.25
N SER E 251 -0.84 -16.05 37.28
CA SER E 251 0.36 -15.26 37.60
C SER E 251 1.59 -15.96 37.01
N ASP E 252 1.68 -15.91 35.68
CA ASP E 252 2.75 -16.59 34.95
C ASP E 252 3.17 -15.73 33.77
N LYS E 253 4.29 -15.01 33.93
CA LYS E 253 4.93 -14.27 32.85
C LYS E 253 6.41 -14.66 32.88
N SER E 254 6.75 -15.76 32.19
CA SER E 254 8.09 -16.32 32.26
C SER E 254 8.84 -16.27 30.93
N ILE E 255 8.15 -16.43 29.81
CA ILE E 255 8.81 -16.46 28.51
C ILE E 255 8.27 -15.36 27.61
N PHE E 256 7.37 -14.54 28.16
CA PHE E 256 6.69 -13.54 27.35
C PHE E 256 7.67 -12.52 26.79
N ILE E 257 7.45 -12.12 25.54
CA ILE E 257 8.32 -11.17 24.86
C ILE E 257 7.73 -9.77 25.05
N ASN E 258 8.51 -8.89 25.67
CA ASN E 258 8.09 -7.54 25.95
C ASN E 258 8.48 -6.61 24.80
N GLN E 259 8.39 -5.30 25.05
CA GLN E 259 8.66 -4.21 24.11
C GLN E 259 8.12 -4.52 22.71
N GLY E 260 6.84 -4.90 22.67
CA GLY E 260 6.19 -5.24 21.42
C GLY E 260 4.80 -4.63 21.28
N GLU E 261 4.61 -3.44 21.85
CA GLU E 261 3.42 -2.60 21.81
C GLU E 261 2.28 -3.16 22.66
N TRP E 262 2.42 -4.37 23.21
CA TRP E 262 1.36 -4.96 24.03
C TRP E 262 1.96 -5.58 25.27
N GLU E 263 1.29 -5.39 26.40
CA GLU E 263 1.71 -5.94 27.67
C GLU E 263 0.69 -6.97 28.15
N LEU E 264 1.17 -8.16 28.49
CA LEU E 264 0.31 -9.23 28.96
C LEU E 264 -0.03 -8.99 30.43
N LEU E 265 -1.31 -8.75 30.71
CA LEU E 265 -1.72 -8.56 32.10
C LEU E 265 -1.96 -9.89 32.79
N GLU E 266 -2.87 -10.71 32.27
CA GLU E 266 -3.12 -12.01 32.92
C GLU E 266 -3.79 -12.97 31.95
N VAL E 267 -3.83 -14.24 32.37
CA VAL E 267 -4.51 -15.32 31.66
C VAL E 267 -5.30 -16.12 32.68
N PHE E 268 -6.62 -15.94 32.71
CA PHE E 268 -7.47 -16.52 33.74
C PHE E 268 -8.25 -17.71 33.20
N PRO E 269 -8.11 -18.92 33.76
CA PRO E 269 -8.85 -20.07 33.26
C PRO E 269 -10.18 -20.30 33.97
N GLN E 270 -11.11 -20.91 33.25
CA GLN E 270 -12.43 -21.20 33.79
C GLN E 270 -13.04 -22.39 33.05
N PHE E 271 -13.64 -23.32 33.79
CA PHE E 271 -14.26 -24.49 33.19
C PHE E 271 -15.76 -24.26 32.99
N LYS E 272 -16.29 -24.83 31.92
CA LYS E 272 -17.71 -24.65 31.61
C LYS E 272 -18.22 -25.87 30.85
N GLU E 273 -19.55 -26.04 30.87
CA GLU E 273 -20.24 -27.09 30.14
C GLU E 273 -21.08 -26.43 29.05
N PHE E 274 -20.70 -26.62 27.80
CA PHE E 274 -21.38 -25.99 26.66
C PHE E 274 -22.42 -26.85 25.99
N SER E 275 -23.49 -26.24 25.50
CA SER E 275 -24.56 -26.98 24.83
C SER E 275 -25.46 -26.03 24.06
N ILE E 276 -25.44 -26.09 22.73
CA ILE E 276 -26.36 -25.26 21.95
C ILE E 276 -27.68 -25.96 21.99
N ASP E 277 -27.74 -27.14 21.37
CA ASP E 277 -28.96 -27.94 21.43
C ASP E 277 -28.95 -28.81 22.67
N ILE E 278 -30.11 -29.06 23.25
CA ILE E 278 -30.19 -29.80 24.52
C ILE E 278 -29.44 -31.12 24.66
N SER E 279 -29.67 -32.05 23.75
CA SER E 279 -29.09 -33.41 23.84
C SER E 279 -27.58 -33.62 23.90
N ASN E 280 -26.77 -32.61 23.63
CA ASN E 280 -25.35 -32.83 23.58
C ASN E 280 -24.65 -31.82 24.43
N SER E 281 -23.81 -32.28 25.35
CA SER E 281 -23.08 -31.38 26.23
C SER E 281 -21.60 -31.66 26.12
N TYR E 282 -20.80 -30.60 26.08
CA TYR E 282 -19.37 -30.70 25.88
C TYR E 282 -18.62 -29.95 26.97
N ALA E 283 -17.41 -30.37 27.25
CA ALA E 283 -16.56 -29.70 28.24
C ALA E 283 -15.70 -28.66 27.56
N GLU E 284 -15.63 -27.47 28.15
CA GLU E 284 -14.85 -26.38 27.59
C GLU E 284 -14.00 -25.75 28.67
N MET E 285 -12.77 -25.37 28.30
CA MET E 285 -11.86 -24.66 29.18
C MET E 285 -11.54 -23.32 28.52
N LYS E 286 -12.00 -22.23 29.13
CA LYS E 286 -11.87 -20.90 28.56
C LYS E 286 -10.75 -20.16 29.29
N PHE E 287 -9.79 -19.66 28.53
CA PHE E 287 -8.72 -18.82 29.04
C PHE E 287 -9.00 -17.40 28.61
N TYR E 288 -9.26 -16.52 29.57
CA TYR E 288 -9.44 -15.10 29.32
C TYR E 288 -8.06 -14.44 29.35
N VAL E 289 -7.61 -13.97 28.19
CA VAL E 289 -6.33 -13.29 28.07
C VAL E 289 -6.59 -11.79 28.13
N ILE E 290 -6.09 -11.14 29.17
CA ILE E 290 -6.23 -9.71 29.37
C ILE E 290 -4.88 -9.08 29.11
N ILE E 291 -4.85 -8.13 28.16
CA ILE E 291 -3.64 -7.44 27.73
C ILE E 291 -3.91 -5.94 27.71
N ARG E 292 -2.82 -5.17 27.72
CA ARG E 292 -2.90 -3.71 27.77
C ARG E 292 -1.94 -3.11 26.76
N ARG E 293 -2.40 -2.05 26.10
CA ARG E 293 -1.61 -1.35 25.09
C ARG E 293 -0.71 -0.31 25.73
N ARG E 294 0.50 -0.16 25.18
CA ARG E 294 1.44 0.86 25.61
C ARG E 294 1.16 2.15 24.83
N PRO E 295 0.77 3.24 25.50
CA PRO E 295 0.37 4.45 24.75
C PRO E 295 1.54 5.26 24.22
N LEU E 296 2.75 5.07 24.75
CA LEU E 296 3.89 5.90 24.37
C LEU E 296 4.24 5.76 22.89
N PHE E 297 3.82 4.67 22.25
CA PHE E 297 4.03 4.52 20.81
C PHE E 297 3.29 5.60 20.04
N TYR E 298 2.09 5.97 20.48
CA TYR E 298 1.28 6.96 19.79
C TYR E 298 1.30 8.32 20.50
N ALA E 299 2.18 8.51 21.47
CA ALA E 299 2.20 9.75 22.22
C ALA E 299 2.93 10.88 21.50
N VAL E 300 3.67 10.59 20.44
CA VAL E 300 4.42 11.62 19.72
C VAL E 300 3.88 11.78 18.30
N SER E 301 3.17 10.76 17.82
CA SER E 301 2.61 10.82 16.47
C SER E 301 1.27 11.53 16.43
N LEU E 302 0.67 11.82 17.58
CA LEU E 302 -0.65 12.44 17.65
C LEU E 302 -0.68 13.74 18.44
N LEU E 303 0.41 14.10 19.12
CA LEU E 303 0.40 15.24 20.02
C LEU E 303 1.25 16.41 19.54
N LEU E 304 2.50 16.14 19.15
CA LEU E 304 3.40 17.22 18.73
C LEU E 304 2.90 17.99 17.51
N PRO E 305 2.43 17.37 16.42
CA PRO E 305 1.92 18.20 15.32
C PRO E 305 0.74 19.08 15.71
N SER E 306 -0.13 18.59 16.60
CA SER E 306 -1.28 19.38 17.02
C SER E 306 -0.84 20.64 17.77
N ILE E 307 0.08 20.48 18.72
CA ILE E 307 0.54 21.64 19.49
C ILE E 307 1.37 22.57 18.61
N PHE E 308 2.10 22.01 17.63
CA PHE E 308 2.83 22.84 16.69
C PHE E 308 1.88 23.72 15.86
N LEU E 309 0.79 23.12 15.38
CA LEU E 309 -0.16 23.90 14.60
C LEU E 309 -0.90 24.90 15.47
N MET E 310 -1.17 24.55 16.73
CA MET E 310 -1.77 25.52 17.65
C MET E 310 -0.84 26.71 17.90
N VAL E 311 0.46 26.45 18.09
CA VAL E 311 1.36 27.55 18.43
C VAL E 311 1.61 28.43 17.20
N VAL E 312 1.63 27.84 15.99
CA VAL E 312 1.77 28.70 14.82
C VAL E 312 0.48 29.49 14.57
N ASP E 313 -0.68 28.90 14.91
CA ASP E 313 -1.92 29.68 14.88
C ASP E 313 -1.86 30.85 15.85
N ILE E 314 -1.31 30.62 17.04
CA ILE E 314 -1.22 31.68 18.04
C ILE E 314 -0.30 32.79 17.54
N VAL E 315 0.86 32.42 16.97
CA VAL E 315 1.79 33.44 16.50
C VAL E 315 1.28 34.12 15.24
N GLY E 316 0.32 33.52 14.53
CA GLY E 316 -0.24 34.17 13.36
C GLY E 316 -1.07 35.40 13.67
N PHE E 317 -1.56 35.51 14.91
CA PHE E 317 -2.37 36.67 15.29
C PHE E 317 -1.55 37.95 15.40
N CYS E 318 -0.22 37.85 15.43
CA CYS E 318 0.59 39.06 15.56
C CYS E 318 0.57 39.92 14.30
N LEU E 319 0.12 39.37 13.17
CA LEU E 319 0.00 40.16 11.96
C LEU E 319 -1.11 41.20 12.11
N PRO E 320 -0.92 42.42 11.60
CA PRO E 320 -2.00 43.40 11.65
C PRO E 320 -3.16 42.96 10.77
N PRO E 321 -4.39 43.30 11.15
CA PRO E 321 -5.55 42.85 10.36
C PRO E 321 -5.59 43.41 8.95
N ASP E 322 -5.06 44.61 8.73
CA ASP E 322 -5.11 45.25 7.42
C ASP E 322 -3.88 44.96 6.57
N SER E 323 -3.00 44.06 7.01
CA SER E 323 -1.80 43.75 6.24
C SER E 323 -2.16 43.09 4.91
N GLY E 324 -3.13 42.19 4.91
CA GLY E 324 -3.64 41.56 3.70
C GLY E 324 -3.29 40.09 3.56
N GLU E 325 -2.22 39.63 4.19
CA GLU E 325 -1.81 38.23 4.10
C GLU E 325 -2.30 37.40 5.28
N ARG E 326 -3.06 37.99 6.20
CA ARG E 326 -3.58 37.23 7.34
C ARG E 326 -4.56 36.16 6.88
N VAL E 327 -5.44 36.50 5.94
CA VAL E 327 -6.43 35.54 5.45
C VAL E 327 -5.74 34.40 4.72
N SER E 328 -4.73 34.71 3.90
CA SER E 328 -3.98 33.68 3.21
C SER E 328 -3.25 32.77 4.19
N PHE E 329 -2.67 33.37 5.23
CA PHE E 329 -2.01 32.58 6.27
C PHE E 329 -2.99 31.62 6.94
N LYS E 330 -4.18 32.11 7.29
CA LYS E 330 -5.14 31.28 8.00
C LYS E 330 -5.68 30.16 7.11
N ILE E 331 -5.96 30.46 5.83
CA ILE E 331 -6.48 29.43 4.94
C ILE E 331 -5.40 28.39 4.63
N THR E 332 -4.14 28.82 4.53
CA THR E 332 -3.05 27.86 4.35
C THR E 332 -2.90 26.97 5.57
N LEU E 333 -3.03 27.53 6.77
CA LEU E 333 -2.96 26.74 7.99
C LEU E 333 -4.11 25.74 8.06
N LEU E 334 -5.32 26.18 7.68
CA LEU E 334 -6.46 25.27 7.68
C LEU E 334 -6.27 24.14 6.67
N LEU E 335 -5.74 24.45 5.48
CA LEU E 335 -5.46 23.42 4.50
C LEU E 335 -4.43 22.42 5.02
N GLY E 336 -3.39 22.92 5.68
CA GLY E 336 -2.40 22.02 6.25
C GLY E 336 -2.97 21.12 7.34
N TYR E 337 -3.83 21.68 8.20
CA TYR E 337 -4.47 20.87 9.23
C TYR E 337 -5.39 19.82 8.63
N SER E 338 -6.12 20.19 7.57
CA SER E 338 -6.97 19.21 6.89
C SER E 338 -6.15 18.08 6.28
N VAL E 339 -5.02 18.42 5.65
CA VAL E 339 -4.14 17.41 5.08
C VAL E 339 -3.62 16.49 6.19
N PHE E 340 -3.24 17.08 7.33
CA PHE E 340 -2.78 16.27 8.46
C PHE E 340 -3.85 15.31 8.95
N LEU E 341 -5.07 15.80 9.18
CA LEU E 341 -6.10 14.93 9.72
C LEU E 341 -6.45 13.82 8.73
N ILE E 342 -6.50 14.14 7.44
CA ILE E 342 -6.81 13.13 6.43
C ILE E 342 -5.70 12.07 6.38
N ILE E 343 -4.44 12.50 6.43
CA ILE E 343 -3.34 11.56 6.31
C ILE E 343 -3.10 10.78 7.60
N VAL E 344 -3.65 11.22 8.72
CA VAL E 344 -3.48 10.51 9.98
C VAL E 344 -4.67 9.62 10.34
N SER E 345 -5.90 9.98 9.91
CA SER E 345 -7.08 9.23 10.34
C SER E 345 -7.06 7.78 9.86
N ASP E 346 -6.26 7.47 8.85
CA ASP E 346 -6.16 6.08 8.39
C ASP E 346 -5.47 5.21 9.44
N THR E 347 -4.46 5.75 10.12
CA THR E 347 -3.71 4.99 11.11
C THR E 347 -4.46 4.81 12.42
N LEU E 348 -5.56 5.52 12.62
CA LEU E 348 -6.36 5.39 13.83
C LEU E 348 -7.66 4.65 13.50
N PRO E 349 -7.76 3.36 13.90
CA PRO E 349 -9.00 2.69 13.46
C PRO E 349 -10.23 3.16 14.20
N ALA E 350 -11.39 3.00 13.58
CA ALA E 350 -12.64 3.34 14.23
C ALA E 350 -13.62 2.26 13.89
N THR E 351 -13.91 1.40 14.85
CA THR E 351 -14.79 0.27 14.59
C THR E 351 -15.79 0.09 15.72
N ALA E 352 -16.70 -0.88 15.59
CA ALA E 352 -17.69 -1.17 16.63
C ALA E 352 -18.55 0.03 17.01
N ILE E 353 -18.58 0.36 18.30
CA ILE E 353 -19.44 1.45 18.77
C ILE E 353 -19.19 2.81 18.10
N GLY E 354 -17.98 3.02 17.56
CA GLY E 354 -17.72 4.28 16.89
C GLY E 354 -16.32 4.79 17.13
N THR E 355 -16.09 6.05 16.76
CA THR E 355 -14.77 6.64 16.90
C THR E 355 -14.38 6.88 18.35
N PRO E 356 -13.09 6.77 18.66
CA PRO E 356 -12.65 7.10 20.01
C PRO E 356 -12.75 8.61 20.30
N LEU E 357 -12.52 9.01 21.54
CA LEU E 357 -12.57 10.42 21.92
C LEU E 357 -11.51 11.26 21.22
N ILE E 358 -10.51 10.63 20.59
CA ILE E 358 -9.50 11.37 19.85
C ILE E 358 -10.15 12.13 18.69
N GLY E 359 -11.13 11.50 18.02
CA GLY E 359 -11.87 12.19 17.00
C GLY E 359 -12.65 13.38 17.55
N VAL E 360 -13.19 13.24 18.75
CA VAL E 360 -13.91 14.34 19.39
C VAL E 360 -12.96 15.51 19.65
N TYR E 361 -11.77 15.22 20.16
CA TYR E 361 -10.80 16.28 20.42
C TYR E 361 -10.33 16.93 19.13
N PHE E 362 -10.16 16.13 18.06
CA PHE E 362 -9.79 16.70 16.77
C PHE E 362 -10.89 17.60 16.22
N VAL E 363 -12.16 17.21 16.42
CA VAL E 363 -13.28 18.04 16.01
C VAL E 363 -13.31 19.34 16.81
N VAL E 364 -12.95 19.27 18.09
CA VAL E 364 -12.87 20.48 18.90
C VAL E 364 -11.79 21.41 18.37
N CYS E 365 -10.64 20.85 17.98
CA CYS E 365 -9.58 21.66 17.38
C CYS E 365 -10.04 22.27 16.06
N MET E 366 -10.79 21.51 15.26
CA MET E 366 -11.37 22.05 14.03
C MET E 366 -12.29 23.23 14.33
N ALA E 367 -13.13 23.11 15.34
CA ALA E 367 -14.05 24.19 15.70
C ALA E 367 -13.28 25.42 16.16
N LEU E 368 -12.21 25.22 16.93
CA LEU E 368 -11.38 26.35 17.37
C LEU E 368 -10.73 27.06 16.20
N LEU E 369 -10.19 26.28 15.24
CA LEU E 369 -9.57 26.89 14.06
C LEU E 369 -10.60 27.64 13.22
N VAL E 370 -11.80 27.09 13.08
CA VAL E 370 -12.85 27.75 12.32
C VAL E 370 -13.27 29.06 13.00
N ILE E 371 -13.33 29.04 14.34
CA ILE E 371 -13.66 30.26 15.08
C ILE E 371 -12.60 31.32 14.86
N SER E 372 -11.33 30.92 14.90
CA SER E 372 -10.24 31.87 14.65
C SER E 372 -10.32 32.45 13.24
N LEU E 373 -10.60 31.60 12.25
CA LEU E 373 -10.72 32.08 10.87
C LEU E 373 -11.89 33.03 10.73
N ALA E 374 -13.02 32.73 11.37
CA ALA E 374 -14.18 33.62 11.30
C ALA E 374 -13.89 34.97 11.94
N GLU E 375 -13.17 34.96 13.07
CA GLU E 375 -12.78 36.23 13.70
C GLU E 375 -11.88 37.03 12.79
N THR E 376 -10.92 36.38 12.14
CA THR E 376 -10.03 37.08 11.20
C THR E 376 -10.83 37.67 10.05
N ILE E 377 -11.77 36.91 9.48
CA ILE E 377 -12.58 37.40 8.37
C ILE E 377 -13.40 38.61 8.82
N PHE E 378 -14.00 38.53 10.01
CA PHE E 378 -14.82 39.63 10.51
C PHE E 378 -13.98 40.89 10.71
N ILE E 379 -12.78 40.76 11.29
CA ILE E 379 -11.99 41.95 11.56
C ILE E 379 -11.45 42.55 10.25
N VAL E 380 -11.11 41.71 9.28
CA VAL E 380 -10.68 42.22 7.97
C VAL E 380 -11.82 42.95 7.27
N ARG E 381 -13.04 42.41 7.38
CA ARG E 381 -14.20 43.11 6.83
C ARG E 381 -14.41 44.44 7.54
N LEU E 382 -14.15 44.49 8.85
CA LEU E 382 -14.37 45.71 9.61
C LEU E 382 -13.36 46.80 9.25
N VAL E 383 -12.10 46.43 9.05
CA VAL E 383 -11.05 47.44 8.90
C VAL E 383 -10.84 47.80 7.43
N HIS E 384 -11.68 47.28 6.54
CA HIS E 384 -11.50 47.53 5.12
C HIS E 384 -11.97 48.93 4.74
N LYS E 385 -11.36 49.48 3.70
CA LYS E 385 -11.71 50.79 3.16
C LYS E 385 -12.63 50.61 1.96
N GLN E 386 -13.88 51.02 2.09
CA GLN E 386 -14.87 50.90 1.02
C GLN E 386 -15.72 52.16 0.93
N ASP E 387 -15.10 53.33 1.16
CA ASP E 387 -15.80 54.61 1.24
C ASP E 387 -16.92 54.54 2.31
N LEU E 388 -16.48 54.30 3.54
CA LEU E 388 -17.39 54.08 4.66
C LEU E 388 -18.05 55.40 5.09
N GLN E 389 -19.07 55.26 5.92
CA GLN E 389 -19.75 56.41 6.50
C GLN E 389 -19.04 56.84 7.79
N ARG E 390 -19.60 57.84 8.46
CA ARG E 390 -19.03 58.30 9.71
C ARG E 390 -19.12 57.19 10.76
N PRO E 391 -18.16 57.18 11.70
CA PRO E 391 -18.23 56.18 12.77
C PRO E 391 -19.44 56.40 13.66
N VAL E 392 -20.05 55.29 14.07
CA VAL E 392 -21.29 55.33 14.83
C VAL E 392 -21.01 55.67 16.30
N PRO E 393 -21.66 56.69 16.85
CA PRO E 393 -21.45 57.02 18.27
C PRO E 393 -22.00 55.97 19.22
N ASP E 394 -23.07 55.27 18.83
CA ASP E 394 -23.67 54.26 19.70
C ASP E 394 -22.79 53.04 19.88
N TRP E 395 -21.76 52.88 19.06
CA TRP E 395 -20.78 51.80 19.22
C TRP E 395 -19.36 52.37 19.31
N LEU E 396 -19.22 53.54 19.91
CA LEU E 396 -17.93 54.20 20.12
C LEU E 396 -17.71 54.57 21.58
N ARG E 397 -18.76 55.00 22.29
CA ARG E 397 -18.62 55.36 23.70
C ARG E 397 -18.25 54.15 24.55
N HIS E 398 -18.87 53.00 24.29
CA HIS E 398 -18.63 51.79 25.06
C HIS E 398 -17.61 50.87 24.40
N LEU E 399 -16.90 51.34 23.39
CA LEU E 399 -15.91 50.53 22.68
C LEU E 399 -14.50 51.08 22.79
N VAL E 400 -14.35 52.40 22.96
CA VAL E 400 -13.06 53.03 23.14
C VAL E 400 -12.86 53.53 24.56
N LEU E 401 -13.83 54.30 25.07
CA LEU E 401 -13.71 54.85 26.41
C LEU E 401 -13.85 53.78 27.48
N ASP E 402 -14.87 52.91 27.36
CA ASP E 402 -15.10 51.90 28.38
C ASP E 402 -14.04 50.81 28.35
N ARG E 403 -13.71 50.31 27.16
CA ARG E 403 -12.70 49.28 27.02
C ARG E 403 -11.32 49.72 27.47
N ILE E 404 -11.06 51.04 27.53
CA ILE E 404 -9.77 51.51 28.01
C ILE E 404 -9.57 51.17 29.47
N ALA E 405 -10.64 51.21 30.26
CA ALA E 405 -10.57 50.90 31.68
C ALA E 405 -10.97 49.47 32.01
N TRP E 406 -11.85 48.87 31.23
CA TRP E 406 -12.28 47.52 31.53
C TRP E 406 -11.15 46.55 31.27
N ILE E 407 -10.51 46.68 30.11
CA ILE E 407 -9.37 45.83 29.81
C ILE E 407 -8.14 46.71 29.66
N LEU E 408 -7.03 46.11 29.24
CA LEU E 408 -5.78 46.86 29.10
C LEU E 408 -5.95 48.01 28.13
N CYS E 409 -5.26 49.12 28.39
CA CYS E 409 -5.43 50.31 27.56
C CYS E 409 -4.69 50.23 26.23
N LEU E 410 -4.64 51.35 25.51
CA LEU E 410 -3.98 51.37 24.21
C LEU E 410 -2.46 51.28 24.35
N LEU E 472 -12.01 92.63 -9.28
CA LEU E 472 -12.78 91.70 -10.11
C LEU E 472 -12.06 90.36 -10.21
N ALA E 473 -10.74 90.39 -10.34
CA ALA E 473 -9.97 89.15 -10.44
C ALA E 473 -10.02 88.39 -9.13
N VAL E 474 -9.97 89.11 -8.02
CA VAL E 474 -10.06 88.50 -6.70
C VAL E 474 -11.11 87.43 -6.63
N ARG E 475 -12.33 87.78 -7.01
CA ARG E 475 -13.45 86.86 -6.96
C ARG E 475 -13.16 85.59 -7.76
N GLY E 476 -12.54 85.74 -8.93
CA GLY E 476 -12.15 84.58 -9.70
C GLY E 476 -11.11 83.72 -8.99
N LEU E 477 -10.13 84.36 -8.36
CA LEU E 477 -9.10 83.60 -7.64
C LEU E 477 -9.69 82.81 -6.48
N LEU E 478 -10.56 83.42 -5.67
CA LEU E 478 -11.21 82.69 -4.59
C LEU E 478 -12.11 81.59 -5.12
N GLN E 479 -12.86 81.86 -6.19
CA GLN E 479 -13.74 80.83 -6.77
C GLN E 479 -12.93 79.64 -7.28
N GLU E 480 -11.75 79.90 -7.86
CA GLU E 480 -10.89 78.82 -8.30
C GLU E 480 -10.35 78.02 -7.12
N LEU E 481 -9.80 78.72 -6.11
CA LEU E 481 -9.14 78.03 -5.01
C LEU E 481 -10.12 77.28 -4.11
N SER E 482 -11.40 77.67 -4.13
CA SER E 482 -12.39 77.00 -3.30
C SER E 482 -12.53 75.54 -3.67
N SER E 483 -12.44 75.21 -4.97
CA SER E 483 -12.56 73.83 -5.40
C SER E 483 -11.42 72.97 -4.86
N ILE E 484 -10.18 73.48 -4.95
CA ILE E 484 -9.03 72.75 -4.42
C ILE E 484 -9.17 72.56 -2.92
N ARG E 485 -9.59 73.61 -2.21
CA ARG E 485 -9.75 73.51 -0.77
C ARG E 485 -10.81 72.46 -0.42
N HIS E 486 -11.94 72.45 -1.13
CA HIS E 486 -13.00 71.50 -0.84
C HIS E 486 -12.56 70.07 -1.11
N PHE E 487 -11.82 69.86 -2.21
CA PHE E 487 -11.36 68.50 -2.52
C PHE E 487 -10.40 68.00 -1.45
N LEU E 488 -9.47 68.86 -1.02
CA LEU E 488 -8.55 68.43 0.04
C LEU E 488 -9.29 68.19 1.35
N GLU E 489 -10.31 69.00 1.64
CA GLU E 489 -11.12 68.78 2.84
C GLU E 489 -11.81 67.42 2.81
N LYS E 490 -12.40 67.07 1.67
CA LYS E 490 -13.13 65.79 1.61
C LYS E 490 -12.16 64.60 1.67
N ARG E 491 -10.97 64.74 1.06
CA ARG E 491 -9.96 63.70 1.20
C ARG E 491 -9.55 63.52 2.66
N ASP E 492 -9.34 64.63 3.36
CA ASP E 492 -8.95 64.56 4.77
C ASP E 492 -10.05 63.93 5.62
N GLU E 493 -11.32 64.26 5.33
CA GLU E 493 -12.42 63.67 6.06
C GLU E 493 -12.48 62.15 5.84
N MET E 494 -12.29 61.72 4.59
CA MET E 494 -12.31 60.29 4.29
C MET E 494 -11.19 59.56 5.02
N ARG E 495 -9.98 60.12 5.02
CA ARG E 495 -8.88 59.43 5.69
C ARG E 495 -9.03 59.46 7.21
N GLU E 496 -9.63 60.51 7.76
CA GLU E 496 -9.91 60.52 9.20
C GLU E 496 -10.93 59.45 9.57
N VAL E 497 -11.97 59.28 8.75
CA VAL E 497 -12.93 58.21 8.99
C VAL E 497 -12.25 56.85 8.94
N ALA E 498 -11.36 56.66 7.95
CA ALA E 498 -10.61 55.41 7.86
C ALA E 498 -9.76 55.17 9.09
N ARG E 499 -9.12 56.23 9.60
CA ARG E 499 -8.29 56.10 10.80
C ARG E 499 -9.13 55.69 12.01
N ASP E 500 -10.32 56.29 12.16
CA ASP E 500 -11.18 55.93 13.28
C ASP E 500 -11.61 54.47 13.20
N TRP E 501 -12.00 54.03 12.00
CA TRP E 501 -12.38 52.63 11.84
C TRP E 501 -11.21 51.69 12.11
N LEU E 502 -10.00 52.09 11.71
CA LEU E 502 -8.82 51.27 11.98
C LEU E 502 -8.56 51.15 13.47
N ARG E 503 -8.73 52.25 14.22
CA ARG E 503 -8.56 52.18 15.67
C ARG E 503 -9.57 51.25 16.32
N VAL E 504 -10.83 51.33 15.87
CA VAL E 504 -11.87 50.45 16.40
C VAL E 504 -11.51 49.00 16.12
N GLY E 505 -11.06 48.71 14.88
CA GLY E 505 -10.67 47.36 14.54
C GLY E 505 -9.50 46.86 15.35
N TYR E 506 -8.52 47.72 15.62
CA TYR E 506 -7.38 47.31 16.43
C TYR E 506 -7.81 46.95 17.85
N VAL E 507 -8.70 47.76 18.44
CA VAL E 507 -9.18 47.45 19.79
C VAL E 507 -9.91 46.12 19.81
N LEU E 508 -10.79 45.90 18.83
CA LEU E 508 -11.53 44.63 18.77
C LEU E 508 -10.58 43.45 18.57
N ASP E 509 -9.56 43.63 17.74
CA ASP E 509 -8.60 42.54 17.50
C ASP E 509 -7.85 42.19 18.78
N ARG E 510 -7.43 43.20 19.55
CA ARG E 510 -6.74 42.92 20.80
C ARG E 510 -7.65 42.18 21.78
N LEU E 511 -8.91 42.61 21.89
CA LEU E 511 -9.84 41.96 22.81
C LEU E 511 -10.07 40.51 22.43
N LEU E 512 -10.31 40.25 21.13
CA LEU E 512 -10.54 38.88 20.68
C LEU E 512 -9.29 38.02 20.84
N PHE E 513 -8.10 38.61 20.65
CA PHE E 513 -6.86 37.88 20.87
C PHE E 513 -6.74 37.43 22.33
N ARG E 514 -7.04 38.34 23.26
CA ARG E 514 -6.97 37.97 24.67
C ARG E 514 -7.97 36.87 25.02
N ILE E 515 -9.19 36.99 24.48
CA ILE E 515 -10.22 35.98 24.75
C ILE E 515 -9.80 34.62 24.21
N TYR E 516 -9.27 34.60 22.98
CA TYR E 516 -8.86 33.34 22.37
C TYR E 516 -7.69 32.72 23.14
N LEU E 517 -6.74 33.54 23.60
CA LEU E 517 -5.63 33.02 24.37
C LEU E 517 -6.11 32.39 25.68
N LEU E 518 -7.03 33.06 26.37
CA LEU E 518 -7.56 32.49 27.61
C LEU E 518 -8.31 31.19 27.34
N ALA E 519 -9.09 31.13 26.27
CA ALA E 519 -9.82 29.91 25.93
C ALA E 519 -8.86 28.76 25.61
N VAL E 520 -7.78 29.05 24.87
CA VAL E 520 -6.81 28.02 24.55
C VAL E 520 -6.12 27.50 25.81
N LEU E 521 -5.75 28.41 26.72
CA LEU E 521 -5.13 27.99 27.97
C LEU E 521 -6.07 27.12 28.79
N ALA E 522 -7.36 27.50 28.88
CA ALA E 522 -8.31 26.71 29.63
C ALA E 522 -8.51 25.33 29.01
N TYR E 523 -8.57 25.26 27.68
CA TYR E 523 -8.71 23.97 27.01
C TYR E 523 -7.50 23.08 27.25
N SER E 524 -6.30 23.66 27.18
CA SER E 524 -5.09 22.88 27.42
C SER E 524 -5.06 22.34 28.85
N ILE E 525 -5.44 23.17 29.83
CA ILE E 525 -5.44 22.73 31.22
C ILE E 525 -6.45 21.61 31.43
N THR E 526 -7.68 21.79 30.93
CA THR E 526 -8.70 20.76 31.11
C THR E 526 -8.44 19.51 30.28
N LEU E 527 -7.54 19.58 29.29
CA LEU E 527 -7.14 18.37 28.58
C LEU E 527 -6.02 17.65 29.31
N VAL E 528 -5.05 18.39 29.86
CA VAL E 528 -3.93 17.75 30.53
C VAL E 528 -4.33 17.20 31.91
N THR E 529 -5.39 17.75 32.52
CA THR E 529 -5.79 17.25 33.83
C THR E 529 -6.32 15.82 33.75
N LEU E 530 -6.90 15.44 32.60
CA LEU E 530 -7.37 14.07 32.43
C LEU E 530 -6.22 13.08 32.41
N TRP E 531 -5.15 13.41 31.68
CA TRP E 531 -3.97 12.55 31.68
C TRP E 531 -3.33 12.53 33.06
N SER E 532 -3.33 13.67 33.76
CA SER E 532 -2.75 13.72 35.09
C SER E 532 -3.50 12.82 36.06
N ILE E 533 -4.84 12.82 35.99
CA ILE E 533 -5.61 12.01 36.93
C ILE E 533 -5.58 10.53 36.51
N TRP E 534 -5.42 10.26 35.22
CA TRP E 534 -5.37 8.87 34.77
C TRP E 534 -4.03 8.22 35.11
N HIS E 535 -2.93 8.96 34.95
CA HIS E 535 -1.61 8.37 35.12
C HIS E 535 -1.37 7.98 36.58
N TYR E 536 -1.82 8.81 37.53
CA TYR E 536 -1.63 8.53 38.95
C TYR E 536 -2.72 7.58 39.44
N SER E 537 -2.63 6.35 38.97
CA SER E 537 -3.59 5.31 39.33
C SER E 537 -2.96 3.92 39.26
C8 Y82 F . 6.28 -25.89 29.82
C5 Y82 F . 3.93 -25.39 30.35
C6 Y82 F . 5.24 -25.69 30.75
N1 Y82 F . 5.82 -25.86 31.98
C2 Y82 F . 6.05 -25.80 28.42
N3 Y82 F . 8.42 -25.87 27.54
C4 Y82 F . 3.71 -25.29 28.97
N2 Y82 F . 7.12 -26.17 31.89
N4 Y82 F . 10.88 -27.84 25.38
C7 Y82 F . 7.41 -26.18 30.61
C1 Y82 F . 7.07 -25.99 27.30
C10 Y82 F . 9.01 -25.52 28.86
C11 Y82 F . 9.34 -26.08 26.39
C12 Y82 F . 9.46 -27.57 25.94
C13 Y82 F . 11.23 -26.80 24.30
C14 Y82 F . 11.27 -25.40 24.97
C15 Y82 F . 10.77 -25.42 26.44
C16 Y82 F . 11.81 -26.34 27.14
C17 Y82 F . 11.91 -27.75 26.51
C3 Y82 F . 4.73 -25.49 28.05
C9 Y82 F . 8.76 -26.47 30.03
O1 Y82 F . 6.61 -26.29 26.19
C1 NAG G . 39.70 -54.50 1.73
C2 NAG G . 40.23 -55.20 0.47
C3 NAG G . 41.30 -56.22 0.87
C4 NAG G . 42.40 -55.55 1.69
C5 NAG G . 41.79 -54.83 2.88
C6 NAG G . 42.80 -54.04 3.68
C7 NAG G . 38.89 -55.62 -1.54
C8 NAG G . 37.74 -56.37 -2.13
N2 NAG G . 39.15 -55.86 -0.25
O3 NAG G . 41.86 -56.78 -0.32
O4 NAG G . 43.33 -56.52 2.15
O5 NAG G . 40.79 -53.89 2.44
O6 NAG G . 43.62 -53.25 2.83
O7 NAG G . 39.55 -54.81 -2.20
C1 NAG H . 24.38 -10.18 22.83
C2 NAG H . 25.74 -9.71 23.37
C3 NAG H . 26.29 -10.72 24.37
C4 NAG H . 25.27 -10.98 25.47
C5 NAG H . 23.93 -11.40 24.86
C6 NAG H . 22.83 -11.56 25.89
C7 NAG H . 27.26 -8.31 22.05
C8 NAG H . 28.22 -8.26 20.90
N2 NAG H . 26.68 -9.49 22.29
O3 NAG H . 27.49 -10.22 24.93
O4 NAG H . 25.73 -12.01 26.34
O5 NAG H . 23.48 -10.41 23.93
O6 NAG H . 22.80 -10.46 26.79
O7 NAG H . 27.01 -7.31 22.73
C1 NAG I . 26.11 -32.42 27.80
C2 NAG I . 27.03 -33.10 28.82
C3 NAG I . 27.87 -32.07 29.56
C4 NAG I . 28.60 -31.17 28.57
C5 NAG I . 27.61 -30.56 27.58
C6 NAG I . 28.28 -29.74 26.50
C7 NAG I . 25.35 -33.52 30.62
C8 NAG I . 24.73 -34.57 31.47
N2 NAG I . 26.29 -33.95 29.76
O3 NAG I . 28.81 -32.73 30.40
O4 NAG I . 29.28 -30.13 29.27
O5 NAG I . 26.87 -31.61 26.92
O6 NAG I . 29.34 -30.46 25.90
O7 NAG I . 25.03 -32.34 30.70
C8 Y82 J . 28.89 -27.12 5.42
C5 Y82 J . 28.71 -26.41 7.77
C6 Y82 J . 29.47 -26.84 6.69
N1 Y82 J . 30.82 -27.11 6.54
C2 Y82 J . 27.52 -26.96 5.20
N3 Y82 J . 27.40 -27.22 2.69
C4 Y82 J . 27.34 -26.25 7.54
N2 Y82 J . 31.11 -27.51 5.30
N4 Y82 J . 26.00 -29.37 -0.16
C7 Y82 J . 29.99 -27.53 4.63
C1 Y82 J . 26.75 -27.23 3.90
C10 Y82 J . 28.85 -26.96 2.51
C11 Y82 J . 26.58 -27.50 1.47
C12 Y82 J . 26.11 -28.98 1.33
C13 Y82 J . 25.14 -28.32 -0.91
C14 Y82 J . 25.85 -26.95 -0.86
C15 Y82 J . 27.10 -26.98 0.09
C16 Y82 J . 28.05 -28.01 -0.61
C17 Y82 J . 27.40 -29.39 -0.80
C3 Y82 J . 26.76 -26.52 6.30
C9 Y82 J . 29.84 -27.93 3.19
O1 Y82 J . 25.54 -27.45 4.00
C1 NAG K . 11.04 -57.92 -32.74
C2 NAG K . 9.99 -58.65 -33.57
C3 NAG K . 10.64 -59.77 -34.39
C4 NAG K . 11.79 -59.21 -35.22
C5 NAG K . 12.77 -58.48 -34.32
C6 NAG K . 13.88 -57.80 -35.10
C7 NAG K . 7.64 -58.88 -32.90
C8 NAG K . 6.68 -59.52 -31.94
N2 NAG K . 8.93 -59.17 -32.72
O3 NAG K . 9.65 -60.35 -35.24
O4 NAG K . 12.46 -60.28 -35.88
O5 NAG K . 12.09 -57.44 -33.59
O6 NAG K . 13.37 -57.07 -36.20
O7 NAG K . 7.26 -58.13 -33.79
C1 NAG L . 28.69 -12.94 -15.13
C2 NAG L . 29.64 -12.62 -16.28
C3 NAG L . 30.71 -13.70 -16.41
C4 NAG L . 31.43 -13.89 -15.08
C5 NAG L . 30.41 -14.18 -13.97
C6 NAG L . 31.04 -14.26 -12.61
C7 NAG L . 28.94 -11.32 -18.24
C8 NAG L . 28.15 -11.33 -19.51
N2 NAG L . 28.92 -12.45 -17.53
O3 NAG L . 31.65 -13.33 -17.42
O4 NAG L . 32.34 -14.98 -15.17
O5 NAG L . 29.44 -13.13 -13.92
O6 NAG L . 31.94 -13.19 -12.38
O7 NAG L . 29.56 -10.34 -17.88
C1 NAG M . 32.77 -35.38 -13.45
C2 NAG M . 33.99 -36.17 -13.96
C3 NAG M . 35.00 -35.23 -14.60
C4 NAG M . 34.34 -34.37 -15.68
C5 NAG M . 33.13 -33.65 -15.09
C6 NAG M . 32.35 -32.88 -16.13
C7 NAG M . 35.14 -36.46 -11.78
C8 NAG M . 35.72 -37.48 -10.84
N2 NAG M . 34.60 -36.95 -12.91
O3 NAG M . 36.06 -35.99 -15.19
O4 NAG M . 35.25 -33.42 -16.19
O5 NAG M . 32.22 -34.61 -14.53
O6 NAG M . 32.06 -33.67 -17.28
O7 NAG M . 35.19 -35.26 -11.54
C8 Y82 N . 12.67 -29.78 -23.51
C5 Y82 N . 14.86 -29.11 -22.65
C6 Y82 N . 14.05 -29.58 -23.67
N1 Y82 N . 14.32 -29.96 -24.97
C2 Y82 N . 12.03 -29.48 -22.29
N3 Y82 N . 9.59 -29.67 -22.95
C4 Y82 N . 14.24 -28.82 -21.44
N2 Y82 N . 13.20 -30.36 -25.62
N4 Y82 N . 6.34 -31.60 -22.34
C7 Y82 N . 12.22 -30.27 -24.76
C1 Y82 N . 10.55 -29.65 -21.95
C10 Y82 N . 9.89 -29.54 -24.39
C11 Y82 N . 8.17 -29.84 -22.52
C12 Y82 N . 7.82 -31.26 -22.01
C13 Y82 N . 5.41 -30.47 -21.85
C14 Y82 N . 5.76 -29.17 -22.61
C15 Y82 N . 7.04 -29.33 -23.50
C16 Y82 N . 6.62 -30.43 -24.53
C17 Y82 N . 6.17 -31.74 -23.86
C3 Y82 N . 12.87 -29.01 -21.26
C9 Y82 N . 10.78 -30.61 -25.05
O1 Y82 N . 10.26 -29.76 -20.75
C1 NAG O . -30.73 -57.83 -16.14
C2 NAG O . -31.89 -58.43 -15.35
C3 NAG O . -32.52 -59.58 -16.12
C4 NAG O . -32.92 -59.12 -17.52
C5 NAG O . -31.73 -58.49 -18.24
C6 NAG O . -32.08 -57.90 -19.58
C7 NAG O . -31.99 -58.46 -12.90
C8 NAG O . -31.40 -59.03 -11.64
N2 NAG O . -31.44 -58.89 -14.05
O3 NAG O . -33.67 -60.06 -15.42
O4 NAG O . -33.40 -60.23 -18.28
O5 NAG O . -31.19 -57.42 -17.44
O6 NAG O . -33.26 -57.11 -19.50
O7 NAG O . -32.92 -57.66 -12.87
C1 NAG P . -6.17 -15.11 -30.87
C2 NAG P . -6.95 -14.84 -32.16
C3 NAG P . -6.80 -16.01 -33.12
C4 NAG P . -5.32 -16.31 -33.37
C5 NAG P . -4.60 -16.53 -32.04
C6 NAG P . -3.11 -16.70 -32.20
C7 NAG P . -8.96 -13.45 -32.21
C8 NAG P . -10.42 -13.35 -31.86
N2 NAG P . -8.36 -14.59 -31.89
O3 NAG P . -7.44 -15.70 -34.36
O4 NAG P . -5.19 -17.47 -34.18
O5 NAG P . -4.80 -15.39 -31.19
O6 NAG P . -2.57 -15.72 -33.08
O7 NAG P . -8.37 -12.53 -32.76
C1 NAG Q . -4.50 -37.86 -32.45
C2 NAG Q . -4.64 -38.74 -33.69
C3 NAG Q . -4.90 -37.89 -34.93
C4 NAG Q . -6.08 -36.95 -34.70
C5 NAG Q . -5.86 -36.14 -33.43
C6 NAG Q . -7.04 -35.26 -33.07
C7 NAG Q . -2.23 -39.20 -34.08
C8 NAG Q . -1.21 -40.29 -34.25
N2 NAG Q . -3.49 -39.62 -33.88
O3 NAG Q . -5.15 -38.73 -36.05
O4 NAG Q . -6.22 -36.07 -35.81
O5 NAG Q . -5.66 -37.02 -32.31
O6 NAG Q . -8.25 -36.00 -33.10
O7 NAG Q . -1.93 -38.02 -34.13
C8 Y82 R . -19.96 -30.20 -17.00
C5 Y82 R . -18.43 -29.75 -18.87
C6 Y82 R . -19.69 -30.12 -18.39
N1 Y82 R . -20.85 -30.49 -19.00
C2 Y82 R . -18.98 -29.89 -16.04
N3 Y82 R . -20.37 -29.83 -13.93
C4 Y82 R . -17.46 -29.44 -17.92
N2 Y82 R . -21.83 -30.78 -18.13
N4 Y82 R . -20.91 -31.47 -10.51
C7 Y82 R . -21.31 -30.61 -16.93
C1 Y82 R . -19.14 -29.92 -14.52
C10 Y82 R . -21.65 -29.69 -14.67
C11 Y82 R . -20.42 -29.87 -12.44
C12 Y82 R . -20.12 -31.27 -11.83
C13 Y82 R . -20.67 -30.26 -9.57
C14 Y82 R . -21.21 -29.00 -10.24
C15 Y82 R . -21.67 -29.24 -11.72
C16 Y82 R . -22.84 -30.26 -11.55
C17 Y82 R . -22.41 -31.55 -10.81
C3 Y82 R . -17.73 -29.51 -16.55
C9 Y82 R . -22.05 -30.81 -15.64
O1 Y82 R . -18.09 -30.03 -13.86
C1 NAG S . -27.89 -54.37 28.57
C2 NAG S . -27.52 -54.87 29.97
C3 NAG S . -28.52 -55.94 30.43
C4 NAG S . -29.94 -55.40 30.32
C5 NAG S . -30.22 -54.88 28.92
C6 NAG S . -31.57 -54.22 28.79
C7 NAG S . -25.23 -54.96 30.84
C8 NAG S . -23.89 -55.61 30.73
N2 NAG S . -26.17 -55.39 30.00
O3 NAG S . -28.23 -56.32 31.76
O4 NAG S . -30.87 -56.44 30.63
O5 NAG S . -29.24 -53.88 28.58
O6 NAG S . -31.83 -53.31 29.87
O7 NAG S . -25.46 -54.07 31.66
C1 NAG T . -32.01 -13.69 -2.63
C2 NAG T . -33.47 -13.33 -2.32
C3 NAG T . -34.39 -14.48 -2.67
C4 NAG T . -34.19 -14.91 -4.12
C5 NAG T . -32.71 -15.22 -4.37
C6 NAG T . -32.41 -15.53 -5.82
C7 NAG T . -34.05 -11.74 -0.54
C8 NAG T . -34.17 -11.53 0.93
N2 NAG T . -33.63 -12.96 -0.93
O3 NAG T . -35.75 -14.09 -2.48
O4 NAG T . -34.97 -16.06 -4.42
O5 NAG T . -31.90 -14.09 -4.01
O6 NAG T . -33.02 -14.58 -6.69
O7 NAG T . -34.35 -10.87 -1.35
C1 NAG U . -34.18 -36.46 -2.92
C2 NAG U . -35.46 -37.29 -3.10
C3 NAG U . -36.68 -36.38 -3.33
C4 NAG U . -36.77 -35.35 -2.20
C5 NAG U . -35.45 -34.59 -2.07
C6 NAG U . -35.44 -33.62 -0.92
C7 NAG U . -35.11 -37.96 -5.47
C8 NAG U . -35.01 -39.12 -6.40
N2 NAG U . -35.33 -38.26 -4.19
O3 NAG U . -37.85 -37.17 -3.36
O4 NAG U . -37.81 -34.43 -2.48
O5 NAG U . -34.38 -35.52 -1.85
O6 NAG U . -35.88 -34.25 0.28
O7 NAG U . -35.00 -36.81 -5.87
C8 Y82 V . -23.92 -27.79 15.96
C5 Y82 V . -25.20 -27.44 13.90
C6 Y82 V . -25.15 -27.72 15.27
N1 Y82 V . -26.12 -27.96 16.21
C2 Y82 V . -22.69 -27.60 15.31
N3 Y82 V . -21.11 -27.47 17.29
C4 Y82 V . -23.98 -27.26 13.25
N2 Y82 V . -25.59 -28.18 17.42
N4 Y82 V . -18.12 -29.14 18.99
C7 Y82 V . -24.29 -28.08 17.30
C1 Y82 V . -21.29 -27.65 15.93
C10 Y82 V . -22.20 -27.20 18.25
C11 Y82 V . -19.71 -27.55 17.81
C12 Y82 V . -19.11 -28.99 17.82
C13 Y82 V . -17.09 -28.00 18.96
C14 Y82 V . -17.83 -26.66 19.18
C15 Y82 V . -19.38 -26.82 19.16
C16 Y82 V . -19.64 -27.74 20.39
C17 Y82 V . -18.88 -29.09 20.34
C3 Y82 V . -22.76 -27.33 13.93
C9 Y82 V . -23.30 -28.25 18.41
O1 Y82 V . -20.35 -27.88 15.17
C1 NAG W . 15.63 -52.30 39.62
C2 NAG W . 17.04 -52.88 39.75
C3 NAG W . 17.10 -53.86 40.91
C4 NAG W . 16.60 -53.20 42.20
C5 NAG W . 15.21 -52.61 41.97
C6 NAG W . 14.70 -51.83 43.17
C7 NAG W . 18.56 -53.20 37.85
C8 NAG W . 18.84 -53.97 36.60
N2 NAG W . 17.44 -53.52 38.51
O3 NAG W . 18.44 -54.30 41.09
O4 NAG W . 16.54 -54.15 43.25
O5 NAG W . 15.24 -51.69 40.86
O6 NAG W . 15.69 -50.93 43.66
O7 NAG W . 19.32 -52.32 38.25
C1 NAG X . -13.13 -10.64 30.57
C2 NAG X . -13.27 -10.14 32.01
C3 NAG X . -13.94 -11.20 32.86
C4 NAG X . -15.28 -11.61 32.25
C5 NAG X . -15.08 -12.05 30.80
C6 NAG X . -16.37 -12.34 30.09
C7 NAG X . -11.67 -8.57 33.00
C8 NAG X . -10.29 -8.38 33.55
N2 NAG X . -11.96 -9.79 32.56
O3 NAG X . -14.15 -10.69 34.18
O4 NAG X . -15.86 -12.67 32.99
O5 NAG X . -14.42 -11.01 30.06
O6 NAG X . -17.34 -11.32 30.32
O7 NAG X . -12.48 -7.65 32.96
C1 NAG Y . -15.28 -33.09 34.33
C2 NAG Y . -15.89 -33.80 35.54
C3 NAG Y . -16.43 -32.78 36.55
C4 NAG Y . -15.34 -31.77 36.90
C5 NAG Y . -14.78 -31.14 35.64
C6 NAG Y . -13.61 -30.20 35.91
C7 NAG Y . -18.07 -34.44 34.52
C8 NAG Y . -18.98 -35.59 34.23
N2 NAG Y . -16.93 -34.75 35.16
O3 NAG Y . -16.87 -33.46 37.72
O4 NAG Y . -15.89 -30.75 37.74
O5 NAG Y . -14.28 -32.16 34.76
O6 NAG Y . -12.65 -30.81 36.76
O7 NAG Y . -18.36 -33.28 34.20
#